data_6X3X
#
_entry.id   6X3X
#
_cell.length_a   1.00
_cell.length_b   1.00
_cell.length_c   1.00
_cell.angle_alpha   90.00
_cell.angle_beta   90.00
_cell.angle_gamma   90.00
#
_symmetry.space_group_name_H-M   'P 1'
#
loop_
_entity.id
_entity.type
_entity.pdbx_description
1 polymer 'Gamma-aminobutyric acid receptor subunit beta-2'
2 polymer 'Gamma-aminobutyric acid receptor subunit alpha-1'
3 polymer 'Gamma-aminobutyric acid receptor subunit gamma-2'
4 polymer 'Kappa Fab Light Chain'
5 polymer 'IgG2b Fab Heavy Chain'
6 branched beta-D-mannopyranose-(1-4)-2-acetamido-2-deoxy-beta-D-glucopyranose-(1-4)-2-acetamido-2-deoxy-beta-D-glucopyranose
7 branched alpha-D-mannopyranose-(1-2)-alpha-D-mannopyranose-(1-2)-alpha-D-mannopyranose-(1-3)-[alpha-D-mannopyranose-(1-2)-alpha-D-mannopyranose-(1-6)-[alpha-D-mannopyranose-(1-3)]alpha-D-mannopyranose-(1-6)]beta-D-mannopyranose-(1-4)-2-acetamido-2-deoxy-beta-D-glucopyranose-(1-4)-2-acetamido-2-deoxy-beta-D-glucopyranose
8 branched 2-acetamido-2-deoxy-beta-D-glucopyranose-(1-4)-2-acetamido-2-deoxy-beta-D-glucopyranose
9 non-polymer 2-acetamido-2-deoxy-beta-D-glucopyranose
10 non-polymer 'GAMMA-AMINO-BUTANOIC ACID'
11 non-polymer 7-CHLORO-1-METHYL-5-PHENYL-1,3-DIHYDRO-2H-1,4-BENZODIAZEPIN-2-ONE
#
loop_
_entity_poly.entity_id
_entity_poly.type
_entity_poly.pdbx_seq_one_letter_code
_entity_poly.pdbx_strand_id
1 'polypeptide(L)'
;QSVNDPSNMSLVKETVDRLLKGYDIRLRPDFGGPPVAVGMNIDIASIDMVSEVNMDYTLTMYFQQAWRDKRLSYNVIPLN
LTLDNRVADQLWVPDTYFLNDKKSFVHGVTVKNRMIRLHPDGTVLYGLRITTTAACMMDLRRYPLDEQNCTLEIESYGYT
TDDIEFYWRGDDNAVTGVTKIELPQFSIVDYKLITKKVVFSTGSYPRLSLSFKLKRNIGYFILQTYMPSILITILSWVSF
WINYDASAARVALGITTVLTMTTINTHLRETLPKIPYVKAIDMYLMGCFVFVFMALLEYALVNYIFFSQPARAAAIDRWS
RIFFPVVFSFFNIVYWLYYVNVDGSGATNFSLLKQAGDVEENPG
;
A,C
2 'polypeptide(L)'
;QPSLQDELKDNTTVFTRILDRLLDGYDNRLRPGLGERVTEVKTDIFVTSFGPVSDHDMEYTIDVFFRQSWKDERLKFKGP
MTVLRLNNLMASKIWTPDTFFHNGKKSVAHNMTMPNKLLRITEDGTLLYTMRLTVRAECPMHLEDFPMDAHACPLKFGSY
AYTRAEVVYEWTREPARSVVVAEDGSRLNQYDLLGQTVDSGIVQSSTGEYVVMTTHFHLKRKIGYFVIQTYLPCIMTVIL
SQVSFWLNRESVPARTVFGVTTVLTMTTLSISARNSLPKVAYATAMDWFIAVCYAFVFSALIEFATVNYFTKSQPARAAK
IDRLSRIAFPLLFGIFNLVYWATYLNREPQLKAPTPHQ
;
B,D
3 'polypeptide(L)'
;WSHPQFEKGGGSGGGSGGSSAWSHPQFEKLEVLFQGPQKSDDDYEDYASNKTWVLTPKVPEGDVTVILNNLLEGYDNKLR
PDIGVKPTLIHTDMYVNSIGPVNAINMEYTIDIFFAQTWYDRRLKFNSTIKVLRLNSNMVGKIWIPDTFFRNSKKADAHW
ITTPNRMLRIWNDGRVLYTLRLTIDAECQLQLHNFPMDEHSCPLEFSSYGYPREEIVYQWKRSSVEVGDTRSWRLYQFSF
VGLRNTTEVVKTTSGDYVVMSVYFDLSRRMGYFTIQTYIPCTLIVVLSWVSFWINKDAVPARTSLGITTVLTMTTLSTIA
RKSLPKVSYVTAMDLFVSVCFIFVFSALVEYGTLHYFVSSQPARAAKMDSYARIFFPTAFCLFNLVYWVSYLYLSRGSGA
TNFSLLKQAGDVEENPG
;
E
4 'polypeptide(L)'
;NIVMTQSPKSMSMSVGERVTLSCKASEYVGTYVSWYQQKPEQSPKLLIYGASNRYTGVPDRFTGSGSATDFTLTIGSVQA
EDLADYHCGQSYSYPTFGAGTKLELKRADAAPTVSIFPPSSEQLTSGGASVVCFLNNFYPKDINVKWKIDGSERQNGVLN
SWTDQDSKDSTYSMSSTLTLTKDEYERHNSYTCEATHKTSTSPIVKSFNRNEC
;
I,L
5 'polypeptide(L)'
;EVQLQQSGAELVKPGASVKLSCTASGFNIKDTYMYWVKQRPEQGLEWIGRIDPANGDTKYDPKFQGKATITTDTFSNTAY
LQLSSLTSEDTAVYYCARKGLRWAMDYWGQGTSVTVSTAKTTPPSVYPLAPGCGDTTGSSVTLGCLVKGYFPESVTVTWN
SGSLSSSVHTFPALLQSGLYTMSSSVTVPSSTWPSQTVTCSVAHPASSTTVDKKLEPSGPISTINPCPPCKECHKCPAPN
LEGGPSVFIFPPNIKDVLMISLTPKVTCVVVDVSEDDPDVQISWFVNNVEVHTAQTQTHREDYNSTIRVVSTLPIQHQDW
MSGKEFKCKVNNKDLPSPIERTISKIKGLVRAPQVYILPPPAEQLSRKDVSLTCLVVGFNPGDISVEWTSNGHTEENYKD
TAPVLDSDGSYFIYSKLNMKTSKWEKTDSFSCNVRHEGLKNYYLKKTISRSPGK
;
J,K
#
loop_
_chem_comp.id
_chem_comp.type
_chem_comp.name
_chem_comp.formula
ABU non-polymer 'GAMMA-AMINO-BUTANOIC ACID' 'C4 H9 N O2'
BMA D-saccharide, beta linking beta-D-mannopyranose 'C6 H12 O6'
DZP non-polymer 7-CHLORO-1-METHYL-5-PHENYL-1,3-DIHYDRO-2H-1,4-BENZODIAZEPIN-2-ONE 'C16 H13 Cl N2 O'
MAN D-saccharide, alpha linking alpha-D-mannopyranose 'C6 H12 O6'
NAG D-saccharide, beta linking 2-acetamido-2-deoxy-beta-D-glucopyranose 'C8 H15 N O6'
#
# COMPACT_ATOMS: atom_id res chain seq x y z
N SER A 7 10.76 48.72 -25.86
CA SER A 7 11.48 47.96 -24.85
C SER A 7 11.83 46.56 -25.33
N ASN A 8 12.34 45.74 -24.41
CA ASN A 8 12.70 44.36 -24.73
C ASN A 8 11.65 43.37 -24.28
N MET A 9 10.95 43.65 -23.18
CA MET A 9 9.90 42.77 -22.68
C MET A 9 8.71 42.76 -23.63
N SER A 10 8.38 43.93 -24.21
CA SER A 10 7.29 44.03 -25.17
C SER A 10 7.60 43.26 -26.44
N LEU A 11 8.85 43.34 -26.90
CA LEU A 11 9.28 42.63 -28.11
C LEU A 11 9.19 41.12 -27.91
N VAL A 12 9.71 40.63 -26.78
CA VAL A 12 9.63 39.20 -26.45
C VAL A 12 8.17 38.77 -26.28
N LYS A 13 7.34 39.64 -25.69
CA LYS A 13 5.92 39.33 -25.51
C LYS A 13 5.21 39.17 -26.85
N GLU A 14 5.44 40.10 -27.78
CA GLU A 14 4.81 40.00 -29.09
C GLU A 14 5.36 38.83 -29.89
N THR A 15 6.65 38.49 -29.69
CA THR A 15 7.24 37.32 -30.33
C THR A 15 6.57 36.03 -29.87
N VAL A 16 6.43 35.86 -28.55
CA VAL A 16 5.81 34.66 -28.00
C VAL A 16 4.32 34.61 -28.36
N ASP A 17 3.66 35.76 -28.40
CA ASP A 17 2.25 35.80 -28.80
C ASP A 17 2.06 35.49 -30.27
N ARG A 18 3.04 35.84 -31.12
CA ARG A 18 2.95 35.52 -32.53
C ARG A 18 3.29 34.05 -32.80
N LEU A 19 4.26 33.51 -32.06
CA LEU A 19 4.64 32.11 -32.22
C LEU A 19 3.50 31.16 -31.86
N LEU A 20 2.75 31.47 -30.80
CA LEU A 20 1.71 30.58 -30.33
C LEU A 20 0.35 30.82 -30.97
N LYS A 21 0.20 31.82 -31.82
CA LYS A 21 -1.08 32.09 -32.47
C LYS A 21 -1.15 31.30 -33.77
N GLY A 22 -2.14 30.40 -33.86
CA GLY A 22 -2.27 29.55 -35.02
C GLY A 22 -1.26 28.42 -35.05
N TYR A 23 -0.99 27.81 -33.91
CA TYR A 23 -0.05 26.71 -33.78
C TYR A 23 -0.87 25.45 -33.56
N ASP A 24 -0.71 24.47 -34.45
CA ASP A 24 -1.47 23.23 -34.39
C ASP A 24 -0.65 22.19 -33.65
N ILE A 25 -1.07 21.86 -32.42
CA ILE A 25 -0.37 20.88 -31.60
C ILE A 25 -0.58 19.45 -32.08
N ARG A 26 -1.55 19.23 -32.98
CA ARG A 26 -1.82 17.90 -33.49
C ARG A 26 -0.79 17.43 -34.50
N LEU A 27 -0.12 18.38 -35.16
CA LEU A 27 0.81 18.08 -36.23
C LEU A 27 2.25 18.26 -35.77
N ARG A 28 3.10 17.31 -36.12
CA ARG A 28 4.51 17.39 -35.85
C ARG A 28 5.17 18.34 -36.85
N PRO A 29 6.39 18.81 -36.58
CA PRO A 29 7.15 19.55 -37.61
C PRO A 29 7.39 18.69 -38.84
N ASP A 30 7.14 19.29 -40.01
CA ASP A 30 7.19 18.64 -41.32
C ASP A 30 6.24 17.44 -41.38
N PHE A 31 4.95 17.73 -41.23
CA PHE A 31 3.92 16.69 -41.12
C PHE A 31 3.77 15.88 -42.41
N GLY A 32 4.13 16.43 -43.56
CA GLY A 32 4.02 15.69 -44.79
C GLY A 32 5.38 15.41 -45.39
N GLY A 33 6.40 16.09 -44.89
CA GLY A 33 7.73 15.99 -45.45
C GLY A 33 8.60 14.96 -44.77
N PRO A 34 9.89 15.27 -44.64
CA PRO A 34 10.84 14.30 -44.06
C PRO A 34 10.61 14.16 -42.56
N PRO A 35 11.13 13.10 -41.94
CA PRO A 35 10.96 12.95 -40.49
C PRO A 35 11.74 13.97 -39.70
N VAL A 36 11.31 14.19 -38.47
CA VAL A 36 11.97 15.12 -37.57
C VAL A 36 12.99 14.34 -36.75
N ALA A 37 14.15 14.95 -36.53
CA ALA A 37 15.23 14.30 -35.80
C ALA A 37 15.25 14.83 -34.38
N VAL A 38 15.21 13.92 -33.41
CA VAL A 38 15.20 14.26 -32.00
C VAL A 38 16.46 13.70 -31.37
N GLY A 39 17.23 14.56 -30.71
CA GLY A 39 18.49 14.16 -30.08
C GLY A 39 18.32 14.10 -28.57
N MET A 40 18.90 13.06 -27.97
CA MET A 40 18.68 12.76 -26.57
C MET A 40 19.93 13.00 -25.75
N ASN A 41 19.75 13.59 -24.58
CA ASN A 41 20.76 13.65 -23.54
C ASN A 41 20.15 13.07 -22.28
N ILE A 42 20.96 12.36 -21.51
CA ILE A 42 20.54 11.84 -20.21
C ILE A 42 21.61 12.20 -19.20
N ASP A 43 21.23 12.87 -18.14
CA ASP A 43 22.12 13.19 -17.03
C ASP A 43 21.61 12.42 -15.83
N ILE A 44 22.32 11.36 -15.48
CA ILE A 44 21.82 10.42 -14.47
C ILE A 44 22.13 10.98 -13.09
N ALA A 45 21.07 11.25 -12.33
CA ALA A 45 21.26 11.84 -11.01
C ALA A 45 21.61 10.79 -9.97
N SER A 46 20.98 9.61 -10.08
CA SER A 46 21.19 8.53 -9.12
C SER A 46 20.62 7.25 -9.70
N ILE A 47 21.06 6.13 -9.15
CA ILE A 47 20.43 4.83 -9.34
C ILE A 47 20.07 4.35 -7.94
N ASP A 48 18.78 4.26 -7.66
CA ASP A 48 18.32 4.25 -6.28
C ASP A 48 18.47 2.87 -5.66
N MET A 49 17.73 1.89 -6.18
CA MET A 49 17.65 0.59 -5.51
C MET A 49 17.56 -0.50 -6.58
N VAL A 50 18.59 -1.33 -6.66
CA VAL A 50 18.63 -2.42 -7.62
C VAL A 50 18.12 -3.65 -6.88
N SER A 51 16.85 -3.98 -7.12
CA SER A 51 16.18 -5.04 -6.38
C SER A 51 16.26 -6.34 -7.15
N GLU A 52 16.77 -7.38 -6.49
CA GLU A 52 16.79 -8.71 -7.09
C GLU A 52 15.49 -9.47 -6.85
N VAL A 53 14.74 -9.12 -5.80
CA VAL A 53 13.51 -9.84 -5.50
C VAL A 53 12.37 -9.36 -6.40
N ASN A 54 12.34 -8.07 -6.71
CA ASN A 54 11.34 -7.51 -7.61
C ASN A 54 11.77 -7.52 -9.07
N MET A 55 13.06 -7.79 -9.32
CA MET A 55 13.67 -7.81 -10.66
C MET A 55 13.51 -6.48 -11.38
N ASP A 56 13.95 -5.41 -10.71
CA ASP A 56 13.89 -4.08 -11.29
C ASP A 56 14.95 -3.21 -10.65
N TYR A 57 15.08 -2.00 -11.16
CA TYR A 57 15.96 -1.00 -10.57
C TYR A 57 15.31 0.35 -10.76
N THR A 58 15.76 1.33 -9.97
CA THR A 58 15.21 2.66 -9.99
C THR A 58 16.32 3.65 -10.32
N LEU A 59 16.03 4.60 -11.19
CA LEU A 59 17.03 5.60 -11.54
C LEU A 59 16.34 6.94 -11.74
N THR A 60 16.99 7.99 -11.24
CA THR A 60 16.58 9.36 -11.48
C THR A 60 17.47 9.94 -12.57
N MET A 61 16.88 10.66 -13.51
CA MET A 61 17.62 11.16 -14.66
C MET A 61 17.14 12.55 -15.02
N TYR A 62 18.02 13.32 -15.63
CA TYR A 62 17.65 14.54 -16.35
C TYR A 62 17.62 14.16 -17.82
N PHE A 63 16.42 14.06 -18.37
CA PHE A 63 16.18 13.54 -19.71
C PHE A 63 15.82 14.71 -20.61
N GLN A 64 16.65 14.97 -21.61
CA GLN A 64 16.50 16.14 -22.46
C GLN A 64 16.34 15.70 -23.92
N GLN A 65 15.44 16.36 -24.63
CA GLN A 65 15.20 16.09 -26.03
C GLN A 65 15.35 17.39 -26.81
N ALA A 66 16.01 17.32 -27.95
CA ALA A 66 16.23 18.49 -28.79
C ALA A 66 15.84 18.17 -30.23
N TRP A 67 14.97 19.01 -30.79
CA TRP A 67 14.57 18.89 -32.18
C TRP A 67 14.45 20.29 -32.75
N ARG A 68 13.98 20.39 -33.98
CA ARG A 68 13.90 21.68 -34.66
C ARG A 68 12.52 21.84 -35.27
N ASP A 69 11.78 22.83 -34.80
CA ASP A 69 10.45 23.14 -35.29
C ASP A 69 10.53 24.51 -35.97
N LYS A 70 10.26 24.55 -37.26
CA LYS A 70 10.35 25.80 -38.00
C LYS A 70 9.24 26.79 -37.66
N ARG A 71 8.15 26.31 -37.05
CA ARG A 71 7.07 27.21 -36.69
C ARG A 71 7.46 28.08 -35.50
N LEU A 72 8.34 27.58 -34.64
CA LEU A 72 8.85 28.33 -33.49
C LEU A 72 10.19 28.98 -33.82
N SER A 73 10.18 29.77 -34.89
CA SER A 73 11.37 30.47 -35.36
C SER A 73 11.14 31.96 -35.27
N TYR A 74 12.16 32.69 -34.83
CA TYR A 74 12.05 34.12 -34.66
C TYR A 74 13.39 34.78 -34.95
N ASN A 75 13.34 36.05 -35.34
CA ASN A 75 14.55 36.75 -35.72
C ASN A 75 14.66 38.17 -35.17
N VAL A 76 13.68 38.65 -34.41
CA VAL A 76 13.70 40.04 -33.97
C VAL A 76 14.49 40.23 -32.68
N ILE A 77 14.70 39.17 -31.90
CA ILE A 77 15.48 39.24 -30.66
C ILE A 77 16.66 38.28 -30.76
N PRO A 78 17.84 38.65 -30.26
CA PRO A 78 19.03 37.82 -30.44
C PRO A 78 19.31 36.82 -29.33
N LEU A 79 18.37 36.57 -28.42
CA LEU A 79 18.64 35.74 -27.25
C LEU A 79 17.76 34.50 -27.27
N ASN A 80 18.19 33.50 -26.49
CA ASN A 80 17.41 32.28 -26.33
C ASN A 80 16.32 32.50 -25.30
N LEU A 81 15.17 31.87 -25.54
CA LEU A 81 13.98 32.13 -24.73
C LEU A 81 13.69 30.91 -23.87
N THR A 82 13.96 31.04 -22.57
CA THR A 82 13.51 30.05 -21.61
C THR A 82 12.12 30.46 -21.14
N LEU A 83 11.14 29.62 -21.40
CA LEU A 83 9.75 29.89 -21.09
C LEU A 83 9.31 29.09 -19.87
N ASP A 84 8.27 29.59 -19.21
CA ASP A 84 7.62 28.86 -18.13
C ASP A 84 7.12 27.52 -18.66
N ASN A 85 7.30 26.47 -17.85
CA ASN A 85 7.04 25.09 -18.26
C ASN A 85 5.61 24.81 -18.69
N ARG A 86 4.66 25.67 -18.32
CA ARG A 86 3.27 25.54 -18.75
C ARG A 86 3.08 25.69 -20.27
N VAL A 87 4.05 26.26 -20.98
CA VAL A 87 3.94 26.37 -22.44
C VAL A 87 4.22 25.05 -23.13
N ALA A 88 4.74 24.05 -22.41
CA ALA A 88 4.97 22.73 -23.00
C ALA A 88 3.67 21.99 -23.28
N ASP A 89 2.54 22.46 -22.74
CA ASP A 89 1.23 21.92 -23.05
C ASP A 89 0.61 22.62 -24.26
N GLN A 90 1.25 23.64 -24.80
CA GLN A 90 0.79 24.34 -25.98
C GLN A 90 1.71 24.13 -27.18
N LEU A 91 2.74 23.30 -27.03
CA LEU A 91 3.69 23.01 -28.08
C LEU A 91 3.67 21.51 -28.37
N TRP A 92 4.21 21.14 -29.52
CA TRP A 92 4.35 19.73 -29.86
C TRP A 92 5.64 19.20 -29.24
N VAL A 93 5.52 18.11 -28.48
CA VAL A 93 6.67 17.41 -27.93
C VAL A 93 6.55 15.96 -28.33
N PRO A 94 7.66 15.25 -28.57
CA PRO A 94 7.56 13.86 -29.03
C PRO A 94 7.03 12.93 -27.96
N ASP A 95 6.41 11.84 -28.41
CA ASP A 95 5.77 10.89 -27.51
C ASP A 95 6.73 9.75 -27.16
N THR A 96 7.84 10.14 -26.56
CA THR A 96 8.86 9.20 -26.13
C THR A 96 8.35 8.41 -24.94
N TYR A 97 8.60 7.10 -24.94
CA TYR A 97 8.25 6.26 -23.82
C TYR A 97 9.38 5.27 -23.56
N PHE A 98 9.34 4.65 -22.39
CA PHE A 98 10.30 3.64 -21.99
C PHE A 98 9.59 2.30 -21.99
N LEU A 99 10.13 1.34 -22.74
CA LEU A 99 9.40 0.10 -22.95
C LEU A 99 9.40 -0.78 -21.71
N ASN A 100 10.47 -0.75 -20.93
CA ASN A 100 10.66 -1.69 -19.84
C ASN A 100 10.48 -1.03 -18.48
N ASP A 101 9.68 0.02 -18.40
CA ASP A 101 9.46 0.68 -17.12
C ASP A 101 8.19 0.17 -16.47
N LYS A 102 8.16 0.28 -15.14
CA LYS A 102 7.04 -0.20 -14.34
C LYS A 102 6.29 0.91 -13.63
N LYS A 103 6.99 1.95 -13.19
CA LYS A 103 6.35 3.12 -12.61
C LYS A 103 7.28 4.31 -12.78
N SER A 104 6.83 5.33 -13.50
CA SER A 104 7.61 6.53 -13.75
C SER A 104 6.79 7.75 -13.35
N PHE A 105 7.49 8.85 -13.10
CA PHE A 105 6.84 10.13 -12.80
C PHE A 105 7.83 11.26 -13.01
N VAL A 106 7.29 12.45 -13.29
CA VAL A 106 8.05 13.69 -13.31
C VAL A 106 7.89 14.33 -11.95
N HIS A 107 8.98 14.82 -11.39
CA HIS A 107 8.93 15.44 -10.08
C HIS A 107 8.15 16.75 -10.13
N GLY A 108 7.53 17.10 -9.02
CA GLY A 108 6.58 18.18 -9.00
C GLY A 108 6.72 19.17 -7.86
N VAL A 109 7.95 19.42 -7.42
CA VAL A 109 8.23 20.40 -6.38
C VAL A 109 9.36 21.30 -6.87
N THR A 110 9.13 22.62 -6.87
CA THR A 110 7.90 23.26 -6.39
C THR A 110 6.86 23.38 -7.50
N VAL A 111 7.33 23.28 -8.74
CA VAL A 111 6.47 23.19 -9.91
C VAL A 111 6.83 21.89 -10.61
N LYS A 112 6.20 21.61 -11.75
CA LYS A 112 6.52 20.43 -12.53
C LYS A 112 7.94 20.57 -13.05
N ASN A 113 8.81 19.62 -12.70
CA ASN A 113 10.23 19.73 -13.03
C ASN A 113 10.44 19.42 -14.50
N ARG A 114 10.28 20.45 -15.33
CA ARG A 114 10.59 20.33 -16.74
C ARG A 114 11.00 21.69 -17.27
N MET A 115 11.66 21.66 -18.42
CA MET A 115 12.30 22.82 -19.01
C MET A 115 11.91 22.91 -20.46
N ILE A 116 11.63 24.12 -20.93
CA ILE A 116 11.30 24.36 -22.31
C ILE A 116 12.03 25.61 -22.77
N ARG A 117 12.87 25.47 -23.79
CA ARG A 117 13.72 26.56 -24.25
C ARG A 117 13.65 26.65 -25.76
N LEU A 118 13.44 27.87 -26.27
CA LEU A 118 13.36 28.12 -27.70
C LEU A 118 14.62 28.86 -28.15
N HIS A 119 15.13 28.48 -29.29
CA HIS A 119 16.28 29.08 -29.92
C HIS A 119 15.83 29.81 -31.18
N PRO A 120 16.55 30.86 -31.62
CA PRO A 120 16.06 31.66 -32.76
C PRO A 120 16.03 30.92 -34.09
N ASP A 121 16.75 29.81 -34.24
CA ASP A 121 16.71 29.06 -35.50
C ASP A 121 15.61 28.02 -35.53
N GLY A 122 14.78 27.96 -34.49
CA GLY A 122 13.71 27.00 -34.42
C GLY A 122 13.97 25.81 -33.54
N THR A 123 15.18 25.69 -32.98
CA THR A 123 15.55 24.54 -32.17
C THR A 123 14.84 24.61 -30.82
N VAL A 124 14.10 23.56 -30.49
CA VAL A 124 13.39 23.48 -29.22
C VAL A 124 14.16 22.54 -28.31
N LEU A 125 14.36 22.95 -27.07
CA LEU A 125 15.07 22.16 -26.07
C LEU A 125 14.10 21.85 -24.95
N TYR A 126 13.88 20.55 -24.70
CA TYR A 126 12.82 20.12 -23.80
C TYR A 126 13.38 19.07 -22.86
N GLY A 127 13.41 19.40 -21.57
CA GLY A 127 14.04 18.55 -20.57
C GLY A 127 13.01 18.14 -19.53
N LEU A 128 13.18 16.93 -19.02
CA LEU A 128 12.34 16.40 -17.95
C LEU A 128 13.22 15.80 -16.88
N ARG A 129 12.71 15.76 -15.65
CA ARG A 129 13.40 15.08 -14.55
C ARG A 129 12.52 13.93 -14.12
N ILE A 130 12.96 12.71 -14.42
CA ILE A 130 12.14 11.51 -14.33
C ILE A 130 12.76 10.59 -13.29
N THR A 131 11.92 9.85 -12.58
CA THR A 131 12.36 8.76 -11.71
C THR A 131 11.68 7.51 -12.23
N THR A 132 12.45 6.67 -12.90
CA THR A 132 11.95 5.53 -13.62
C THR A 132 12.26 4.26 -12.83
N THR A 133 11.27 3.40 -12.68
CA THR A 133 11.49 2.06 -12.16
C THR A 133 11.46 1.14 -13.37
N ALA A 134 12.62 0.90 -13.95
CA ALA A 134 12.71 0.08 -15.13
C ALA A 134 12.88 -1.37 -14.71
N ALA A 135 12.50 -2.29 -15.59
CA ALA A 135 12.46 -3.70 -15.26
C ALA A 135 13.59 -4.43 -15.95
N CYS A 136 14.32 -5.24 -15.18
CA CYS A 136 15.32 -6.09 -15.77
C CYS A 136 15.38 -7.43 -15.09
N MET A 137 15.34 -8.49 -15.89
CA MET A 137 15.46 -9.85 -15.38
C MET A 137 16.93 -10.18 -15.18
N MET A 138 17.25 -10.71 -14.00
CA MET A 138 18.62 -11.00 -13.64
C MET A 138 18.85 -12.50 -13.63
N ASP A 139 20.07 -12.90 -14.00
CA ASP A 139 20.48 -14.30 -13.98
C ASP A 139 21.33 -14.50 -12.74
N LEU A 140 20.73 -15.10 -11.71
CA LEU A 140 21.36 -15.24 -10.41
C LEU A 140 22.00 -16.60 -10.24
N ARG A 141 22.37 -17.28 -11.33
CA ARG A 141 23.00 -18.58 -11.22
C ARG A 141 24.40 -18.50 -10.66
N ARG A 142 25.05 -17.34 -10.72
CA ARG A 142 26.37 -17.15 -10.14
C ARG A 142 26.35 -16.19 -8.96
N TYR A 143 25.18 -16.00 -8.36
CA TYR A 143 25.02 -15.11 -7.20
C TYR A 143 25.87 -15.58 -6.03
N PRO A 144 26.61 -14.69 -5.35
CA PRO A 144 26.74 -13.24 -5.57
C PRO A 144 27.93 -12.80 -6.42
N LEU A 145 28.56 -13.74 -7.11
CA LEU A 145 29.69 -13.46 -8.00
C LEU A 145 29.21 -13.29 -9.44
N ASP A 146 28.27 -12.35 -9.62
CA ASP A 146 27.63 -12.17 -10.94
C ASP A 146 27.73 -10.75 -11.48
N GLU A 147 27.47 -10.57 -12.78
CA GLU A 147 27.46 -9.23 -13.42
C GLU A 147 26.13 -9.12 -14.17
N GLN A 148 25.46 -7.98 -14.09
CA GLN A 148 24.12 -7.86 -14.73
C GLN A 148 24.08 -6.72 -15.74
N ASN A 149 23.71 -6.99 -17.00
CA ASN A 149 23.52 -5.86 -17.94
C ASN A 149 22.08 -5.42 -17.75
N CYS A 150 21.88 -4.24 -17.21
CA CYS A 150 20.51 -3.74 -16.97
C CYS A 150 20.30 -2.49 -17.86
N THR A 151 19.21 -2.42 -18.63
CA THR A 151 19.07 -1.38 -19.68
C THR A 151 17.81 -0.51 -19.62
N LEU A 152 17.88 0.70 -20.18
CA LEU A 152 16.67 1.56 -20.32
C LEU A 152 16.37 1.72 -21.81
N GLU A 153 15.25 1.19 -22.28
CA GLU A 153 14.88 1.26 -23.69
C GLU A 153 14.08 2.53 -23.93
N ILE A 154 14.41 3.26 -24.98
CA ILE A 154 13.80 4.55 -25.27
C ILE A 154 13.22 4.47 -26.68
N GLU A 155 11.90 4.57 -26.79
CA GLU A 155 11.23 4.39 -28.07
C GLU A 155 10.22 5.51 -28.28
N SER A 156 9.78 5.66 -29.53
CA SER A 156 8.69 6.55 -29.89
C SER A 156 7.44 5.73 -30.08
N TYR A 157 6.33 6.17 -29.48
CA TYR A 157 5.13 5.33 -29.51
C TYR A 157 4.35 5.50 -30.81
N GLY A 158 3.89 6.70 -31.10
CA GLY A 158 2.98 6.88 -32.21
C GLY A 158 3.66 7.01 -33.54
N TYR A 159 4.77 7.74 -33.57
CA TYR A 159 5.43 8.09 -34.83
C TYR A 159 6.40 7.00 -35.23
N THR A 160 6.27 6.55 -36.48
CA THR A 160 7.13 5.51 -37.04
C THR A 160 8.46 6.09 -37.45
N THR A 161 9.31 5.25 -38.04
CA THR A 161 10.65 5.69 -38.41
C THR A 161 10.67 6.61 -39.63
N ASP A 162 9.55 6.74 -40.34
CA ASP A 162 9.42 7.72 -41.42
C ASP A 162 8.67 8.97 -40.97
N ASP A 163 8.43 9.11 -39.67
CA ASP A 163 7.84 10.29 -39.07
C ASP A 163 8.75 10.93 -38.04
N ILE A 164 9.62 10.15 -37.40
CA ILE A 164 10.52 10.64 -36.37
C ILE A 164 11.82 9.88 -36.49
N GLU A 165 12.87 10.40 -35.85
CA GLU A 165 14.19 9.78 -35.91
C GLU A 165 14.93 10.11 -34.64
N PHE A 166 15.49 9.09 -34.00
CA PHE A 166 16.19 9.26 -32.74
C PHE A 166 17.69 9.12 -32.94
N TYR A 167 18.45 9.83 -32.13
CA TYR A 167 19.90 9.72 -32.08
C TYR A 167 20.38 10.29 -30.76
N TRP A 168 21.64 9.98 -30.42
CA TRP A 168 22.25 10.51 -29.22
C TRP A 168 23.01 11.78 -29.56
N ARG A 169 22.81 12.81 -28.74
CA ARG A 169 23.42 14.12 -28.99
C ARG A 169 24.85 14.09 -28.48
N GLY A 170 25.79 13.81 -29.39
CA GLY A 170 27.19 13.61 -29.05
C GLY A 170 27.70 12.22 -29.36
N ASP A 171 26.84 11.20 -29.23
CA ASP A 171 27.00 9.80 -29.59
C ASP A 171 27.95 9.01 -28.68
N ASP A 172 28.69 9.69 -27.84
CA ASP A 172 29.47 9.05 -26.77
C ASP A 172 29.36 9.76 -25.44
N ASN A 173 29.11 11.07 -25.43
CA ASN A 173 29.01 11.89 -24.23
C ASN A 173 27.57 12.35 -24.00
N ALA A 174 26.61 11.69 -24.65
CA ALA A 174 25.21 12.05 -24.48
C ALA A 174 24.69 11.63 -23.11
N VAL A 175 25.29 10.62 -22.51
CA VAL A 175 24.90 10.17 -21.17
C VAL A 175 26.05 10.47 -20.21
N THR A 176 25.78 11.34 -19.25
CA THR A 176 26.76 11.79 -18.27
C THR A 176 26.34 11.33 -16.87
N GLY A 177 27.22 11.58 -15.91
CA GLY A 177 26.91 11.25 -14.53
C GLY A 177 26.92 9.78 -14.18
N VAL A 178 27.57 8.95 -15.01
CA VAL A 178 27.63 7.52 -14.72
C VAL A 178 28.84 7.17 -13.85
N THR A 179 29.91 7.96 -13.93
CA THR A 179 31.10 7.73 -13.13
C THR A 179 30.93 8.21 -11.69
N LYS A 180 29.85 8.96 -11.41
CA LYS A 180 29.59 9.47 -10.07
C LYS A 180 28.52 8.68 -9.32
N ILE A 181 27.96 7.64 -9.93
CA ILE A 181 26.93 6.85 -9.27
C ILE A 181 27.57 5.99 -8.18
N GLU A 182 27.01 6.07 -6.97
CA GLU A 182 27.52 5.33 -5.82
C GLU A 182 26.46 4.32 -5.39
N LEU A 183 26.58 3.11 -5.89
CA LEU A 183 25.70 2.03 -5.46
C LEU A 183 26.29 1.33 -4.24
N PRO A 184 25.47 0.97 -3.24
CA PRO A 184 26.03 0.34 -2.04
C PRO A 184 26.46 -1.10 -2.24
N GLN A 185 25.93 -1.79 -3.25
CA GLN A 185 26.18 -3.20 -3.46
C GLN A 185 26.82 -3.53 -4.80
N PHE A 186 26.74 -2.65 -5.78
CA PHE A 186 27.29 -2.90 -7.11
C PHE A 186 28.40 -1.90 -7.43
N SER A 187 28.91 -2.02 -8.65
CA SER A 187 29.88 -1.08 -9.19
C SER A 187 29.74 -1.09 -10.71
N ILE A 188 29.50 0.07 -11.30
CA ILE A 188 29.36 0.18 -12.75
C ILE A 188 30.73 0.00 -13.38
N VAL A 189 30.85 -1.01 -14.25
CA VAL A 189 32.10 -1.27 -14.95
C VAL A 189 32.08 -0.67 -16.36
N ASP A 190 30.95 -0.74 -17.06
CA ASP A 190 30.88 -0.24 -18.43
C ASP A 190 29.44 0.15 -18.74
N TYR A 191 29.29 0.99 -19.76
CA TYR A 191 27.97 1.38 -20.25
C TYR A 191 28.04 1.61 -21.74
N LYS A 192 26.90 1.41 -22.42
CA LYS A 192 26.83 1.47 -23.87
C LYS A 192 25.58 2.19 -24.32
N LEU A 193 25.67 2.84 -25.47
CA LEU A 193 24.55 3.51 -26.11
C LEU A 193 24.33 2.84 -27.45
N ILE A 194 23.08 2.44 -27.72
CA ILE A 194 22.74 1.65 -28.90
C ILE A 194 21.62 2.36 -29.64
N THR A 195 21.71 2.38 -30.97
CA THR A 195 20.67 2.92 -31.83
C THR A 195 20.25 1.83 -32.81
N LYS A 196 18.95 1.60 -32.90
CA LYS A 196 18.43 0.58 -33.80
C LYS A 196 16.97 0.91 -34.12
N LYS A 197 16.31 -0.01 -34.81
CA LYS A 197 14.91 0.11 -35.18
C LYS A 197 14.23 -1.22 -34.88
N VAL A 198 13.05 -1.15 -34.28
CA VAL A 198 12.27 -2.33 -33.98
C VAL A 198 11.03 -2.35 -34.88
N VAL A 199 10.52 -3.55 -35.10
CA VAL A 199 9.41 -3.77 -36.03
C VAL A 199 8.25 -4.38 -35.26
N PHE A 200 7.14 -3.68 -35.22
CA PHE A 200 5.87 -4.17 -34.71
C PHE A 200 4.87 -4.28 -35.84
N SER A 201 3.73 -4.90 -35.55
CA SER A 201 2.65 -5.06 -36.53
C SER A 201 2.05 -3.75 -37.01
N THR A 202 2.36 -2.62 -36.37
CA THR A 202 1.85 -1.32 -36.77
C THR A 202 2.87 -0.50 -37.55
N GLY A 203 4.12 -0.92 -37.57
CA GLY A 203 5.15 -0.23 -38.33
C GLY A 203 6.50 -0.43 -37.69
N SER A 204 7.46 0.34 -38.17
CA SER A 204 8.83 0.29 -37.68
C SER A 204 9.11 1.54 -36.87
N TYR A 205 9.70 1.38 -35.69
CA TYR A 205 9.87 2.47 -34.76
C TYR A 205 11.33 2.61 -34.36
N PRO A 206 11.82 3.83 -34.16
CA PRO A 206 13.20 4.00 -33.72
C PRO A 206 13.33 3.72 -32.23
N ARG A 207 14.50 3.21 -31.86
CA ARG A 207 14.74 2.85 -30.47
C ARG A 207 16.18 3.17 -30.10
N LEU A 208 16.34 3.78 -28.92
CA LEU A 208 17.65 3.94 -28.31
C LEU A 208 17.73 3.07 -27.07
N SER A 209 18.95 2.65 -26.74
CA SER A 209 19.13 1.77 -25.60
C SER A 209 20.35 2.21 -24.80
N LEU A 210 20.14 2.44 -23.49
CA LEU A 210 21.26 2.80 -22.59
C LEU A 210 21.45 1.61 -21.64
N SER A 211 22.51 0.84 -21.84
CA SER A 211 22.72 -0.40 -21.05
C SER A 211 23.91 -0.25 -20.11
N PHE A 212 23.75 -0.65 -18.85
CA PHE A 212 24.83 -0.52 -17.85
C PHE A 212 25.21 -1.92 -17.37
N LYS A 213 26.50 -2.18 -17.19
CA LYS A 213 26.89 -3.48 -16.60
C LYS A 213 27.17 -3.28 -15.12
N LEU A 214 26.43 -3.98 -14.26
CA LEU A 214 26.55 -3.81 -12.79
C LEU A 214 27.21 -5.07 -12.23
N LYS A 215 28.36 -4.93 -11.57
CA LYS A 215 29.10 -6.04 -11.00
C LYS A 215 28.92 -6.02 -9.49
N ARG A 216 28.56 -7.16 -8.92
CA ARG A 216 28.24 -7.23 -7.51
C ARG A 216 29.49 -7.43 -6.67
N ASN A 217 29.57 -6.68 -5.58
CA ASN A 217 30.67 -6.81 -4.64
C ASN A 217 30.49 -8.09 -3.80
N ILE A 218 31.53 -8.42 -3.04
CA ILE A 218 31.58 -9.70 -2.32
C ILE A 218 31.82 -9.40 -0.84
N GLY A 219 32.14 -8.14 -0.53
CA GLY A 219 32.53 -7.77 0.82
C GLY A 219 31.49 -8.02 1.89
N TYR A 220 30.22 -7.89 1.54
CA TYR A 220 29.16 -8.16 2.51
C TYR A 220 28.94 -9.67 2.61
N PHE A 221 28.92 -10.34 1.45
CA PHE A 221 28.59 -11.75 1.38
C PHE A 221 29.65 -12.61 2.05
N ILE A 222 30.93 -12.22 1.94
CA ILE A 222 32.00 -12.89 2.68
C ILE A 222 31.71 -12.86 4.18
N LEU A 223 31.67 -11.65 4.76
CA LEU A 223 31.47 -11.37 6.19
C LEU A 223 30.02 -11.71 6.69
N GLN A 224 29.17 -12.27 5.84
CA GLN A 224 27.81 -12.62 6.22
C GLN A 224 27.50 -14.09 5.98
N THR A 225 28.17 -14.73 5.05
CA THR A 225 27.83 -16.12 4.75
C THR A 225 29.07 -16.99 4.64
N TYR A 226 30.15 -16.50 4.05
CA TYR A 226 31.23 -17.41 3.70
C TYR A 226 32.13 -17.70 4.90
N MET A 227 32.52 -16.66 5.65
CA MET A 227 33.32 -16.88 6.86
C MET A 227 32.60 -17.71 7.93
N PRO A 228 31.34 -17.41 8.33
CA PRO A 228 30.66 -18.27 9.33
C PRO A 228 30.59 -19.75 8.95
N SER A 229 30.12 -20.07 7.74
CA SER A 229 30.03 -21.45 7.28
C SER A 229 31.37 -22.20 7.41
N ILE A 230 32.49 -21.56 7.04
CA ILE A 230 33.81 -22.20 7.18
C ILE A 230 34.15 -22.40 8.65
N LEU A 231 33.86 -21.41 9.49
CA LEU A 231 34.10 -21.51 10.93
C LEU A 231 33.28 -22.65 11.55
N ILE A 232 32.01 -22.76 11.17
CA ILE A 232 31.15 -23.82 11.68
C ILE A 232 31.65 -25.19 11.20
N THR A 233 32.20 -25.28 9.99
CA THR A 233 32.81 -26.54 9.54
C THR A 233 34.04 -26.90 10.37
N ILE A 234 34.85 -25.91 10.73
CA ILE A 234 35.99 -26.18 11.62
C ILE A 234 35.50 -26.63 12.99
N LEU A 235 34.46 -25.97 13.51
CA LEU A 235 33.85 -26.38 14.77
C LEU A 235 33.14 -27.71 14.70
N SER A 236 32.88 -28.22 13.50
CA SER A 236 32.45 -29.61 13.36
C SER A 236 33.64 -30.56 13.28
N TRP A 237 34.75 -30.09 12.71
CA TRP A 237 35.98 -30.90 12.67
C TRP A 237 36.53 -31.16 14.07
N VAL A 238 36.32 -30.24 15.01
CA VAL A 238 36.95 -30.33 16.33
C VAL A 238 36.51 -31.61 17.08
N SER A 239 35.39 -32.22 16.69
CA SER A 239 34.92 -33.46 17.31
C SER A 239 35.78 -34.66 16.97
N PHE A 240 36.66 -34.57 15.98
CA PHE A 240 37.53 -35.69 15.68
C PHE A 240 38.62 -35.82 16.73
N TRP A 241 38.98 -34.69 17.35
CA TRP A 241 39.93 -34.63 18.45
C TRP A 241 39.33 -35.06 19.79
N ILE A 242 38.03 -35.31 19.83
CA ILE A 242 37.36 -35.86 20.99
C ILE A 242 37.34 -37.37 20.82
N ASN A 243 37.64 -38.10 21.89
CA ASN A 243 37.69 -39.54 21.80
C ASN A 243 36.30 -40.14 21.57
N TYR A 244 36.30 -41.37 21.06
CA TYR A 244 35.08 -42.12 20.76
C TYR A 244 34.33 -42.61 21.98
N ASP A 245 34.88 -42.43 23.19
CA ASP A 245 34.16 -42.83 24.39
C ASP A 245 33.02 -41.86 24.69
N ALA A 246 33.31 -40.56 24.75
CA ALA A 246 32.28 -39.56 25.02
C ALA A 246 31.38 -39.42 23.81
N SER A 247 30.28 -40.16 23.80
CA SER A 247 29.35 -40.13 22.68
C SER A 247 28.46 -38.89 22.69
N ALA A 248 27.97 -38.49 23.88
CA ALA A 248 27.04 -37.38 24.00
C ALA A 248 27.64 -36.06 23.53
N ALA A 249 28.91 -35.82 23.85
CA ALA A 249 29.59 -34.59 23.46
C ALA A 249 29.71 -34.48 21.95
N ARG A 250 30.20 -35.54 21.30
CA ARG A 250 30.40 -35.51 19.86
C ARG A 250 29.09 -35.42 19.10
N VAL A 251 28.06 -36.15 19.55
CA VAL A 251 26.77 -36.05 18.87
C VAL A 251 26.16 -34.66 19.03
N ALA A 252 26.24 -34.06 20.25
CA ALA A 252 25.67 -32.74 20.47
C ALA A 252 26.38 -31.68 19.63
N LEU A 253 27.71 -31.79 19.57
CA LEU A 253 28.53 -30.88 18.77
C LEU A 253 28.19 -30.98 17.29
N GLY A 254 28.11 -32.20 16.74
CA GLY A 254 27.80 -32.36 15.32
C GLY A 254 26.42 -31.86 14.95
N ILE A 255 25.41 -32.23 15.75
CA ILE A 255 24.04 -31.83 15.45
C ILE A 255 23.86 -30.32 15.60
N THR A 256 24.54 -29.70 16.57
CA THR A 256 24.42 -28.26 16.71
C THR A 256 25.23 -27.48 15.67
N THR A 257 26.30 -28.07 15.12
CA THR A 257 26.91 -27.45 13.94
C THR A 257 25.95 -27.51 12.74
N VAL A 258 25.23 -28.63 12.61
CA VAL A 258 24.18 -28.76 11.59
C VAL A 258 23.08 -27.72 11.80
N LEU A 259 22.65 -27.54 13.06
CA LEU A 259 21.62 -26.56 13.38
C LEU A 259 22.06 -25.13 13.09
N THR A 260 23.34 -24.82 13.35
CA THR A 260 23.88 -23.49 13.06
C THR A 260 23.89 -23.23 11.55
N MET A 261 24.34 -24.23 10.79
CA MET A 261 24.34 -24.12 9.33
C MET A 261 22.92 -23.94 8.80
N THR A 262 21.96 -24.66 9.37
CA THR A 262 20.56 -24.51 8.98
C THR A 262 20.04 -23.10 9.27
N THR A 263 20.45 -22.53 10.41
CA THR A 263 20.03 -21.16 10.78
C THR A 263 20.63 -20.16 9.79
N ILE A 264 21.92 -20.33 9.47
CA ILE A 264 22.63 -19.43 8.51
C ILE A 264 21.91 -19.49 7.16
N ASN A 265 21.80 -20.69 6.57
CA ASN A 265 21.13 -20.88 5.26
C ASN A 265 19.74 -20.23 5.31
N THR A 266 18.95 -20.55 6.33
CA THR A 266 17.57 -20.00 6.50
C THR A 266 17.60 -18.48 6.34
N HIS A 267 18.48 -17.80 7.09
CA HIS A 267 18.59 -16.32 7.04
C HIS A 267 18.80 -15.84 5.60
N LEU A 268 19.70 -16.48 4.86
CA LEU A 268 20.00 -16.09 3.46
C LEU A 268 18.88 -16.58 2.52
N ARG A 269 18.31 -17.75 2.82
CA ARG A 269 17.23 -18.33 1.97
C ARG A 269 15.93 -17.54 2.16
N GLU A 270 15.76 -16.92 3.33
CA GLU A 270 14.52 -16.14 3.62
C GLU A 270 14.79 -14.65 3.39
N THR A 271 15.62 -14.32 2.40
CA THR A 271 15.95 -12.90 2.09
C THR A 271 16.14 -12.74 0.58
N LEU A 272 16.00 -13.82 -0.19
CA LEU A 272 16.16 -13.75 -1.63
C LEU A 272 14.94 -14.32 -2.35
N PRO A 273 14.71 -13.95 -3.63
CA PRO A 273 13.55 -14.48 -4.36
C PRO A 273 13.58 -15.96 -4.71
N LYS A 274 12.36 -16.47 -4.93
CA LYS A 274 12.07 -17.87 -5.27
C LYS A 274 12.47 -18.20 -6.71
N ILE A 275 13.75 -18.50 -6.90
CA ILE A 275 14.25 -18.88 -8.22
C ILE A 275 14.49 -20.39 -8.24
N PRO A 276 14.19 -21.08 -9.33
CA PRO A 276 14.25 -22.55 -9.32
C PRO A 276 15.66 -23.11 -9.43
N TYR A 277 16.57 -22.39 -10.07
CA TYR A 277 17.91 -22.92 -10.24
C TYR A 277 18.72 -22.76 -8.95
N VAL A 278 19.84 -23.46 -8.91
CA VAL A 278 20.73 -23.43 -7.75
C VAL A 278 21.80 -22.37 -7.99
N LYS A 279 21.98 -21.50 -6.99
CA LYS A 279 22.96 -20.43 -7.06
C LYS A 279 24.33 -20.91 -6.61
N ALA A 280 25.31 -20.02 -6.68
CA ALA A 280 26.66 -20.36 -6.23
C ALA A 280 26.73 -20.40 -4.71
N ILE A 281 26.08 -19.44 -4.04
CA ILE A 281 26.07 -19.42 -2.59
C ILE A 281 25.26 -20.60 -2.03
N ASP A 282 24.23 -21.05 -2.77
CA ASP A 282 23.50 -22.25 -2.37
C ASP A 282 24.39 -23.48 -2.48
N MET A 283 25.23 -23.55 -3.53
CA MET A 283 26.17 -24.65 -3.66
C MET A 283 27.21 -24.65 -2.55
N TYR A 284 27.68 -23.46 -2.15
CA TYR A 284 28.63 -23.39 -1.04
C TYR A 284 28.00 -23.83 0.27
N LEU A 285 26.77 -23.37 0.55
CA LEU A 285 26.07 -23.79 1.75
C LEU A 285 25.79 -25.30 1.74
N MET A 286 25.43 -25.85 0.57
CA MET A 286 25.19 -27.30 0.50
C MET A 286 26.48 -28.09 0.69
N GLY A 287 27.59 -27.59 0.16
CA GLY A 287 28.87 -28.25 0.40
C GLY A 287 29.27 -28.24 1.87
N CYS A 288 29.12 -27.09 2.54
CA CYS A 288 29.41 -27.02 3.97
C CYS A 288 28.47 -27.92 4.78
N PHE A 289 27.18 -27.94 4.44
CA PHE A 289 26.24 -28.84 5.10
C PHE A 289 26.58 -30.30 4.88
N VAL A 290 27.02 -30.65 3.67
CA VAL A 290 27.41 -32.04 3.39
C VAL A 290 28.65 -32.40 4.19
N PHE A 291 29.58 -31.45 4.39
CA PHE A 291 30.76 -31.71 5.20
C PHE A 291 30.43 -31.93 6.67
N VAL A 292 29.59 -31.07 7.26
CA VAL A 292 29.20 -31.28 8.67
C VAL A 292 28.35 -32.56 8.83
N PHE A 293 27.46 -32.82 7.87
CA PHE A 293 26.64 -34.02 7.85
C PHE A 293 27.50 -35.27 7.77
N MET A 294 28.53 -35.25 6.93
CA MET A 294 29.45 -36.37 6.80
C MET A 294 30.30 -36.55 8.05
N ALA A 295 30.64 -35.46 8.74
CA ALA A 295 31.32 -35.58 10.02
C ALA A 295 30.44 -36.29 11.05
N LEU A 296 29.15 -35.96 11.07
CA LEU A 296 28.23 -36.65 11.98
C LEU A 296 28.05 -38.11 11.61
N LEU A 297 27.98 -38.41 10.31
CA LEU A 297 27.90 -39.80 9.86
C LEU A 297 29.17 -40.60 10.15
N GLU A 298 30.35 -39.97 10.04
CA GLU A 298 31.57 -40.69 10.40
C GLU A 298 31.59 -40.95 11.91
N TYR A 299 31.06 -40.02 12.71
CA TYR A 299 30.91 -40.28 14.14
C TYR A 299 30.00 -41.48 14.40
N ALA A 300 28.90 -41.58 13.63
CA ALA A 300 28.03 -42.75 13.73
C ALA A 300 28.76 -44.03 13.37
N LEU A 301 29.58 -43.98 12.32
CA LEU A 301 30.33 -45.15 11.88
C LEU A 301 31.42 -45.54 12.88
N VAL A 302 32.04 -44.56 13.53
CA VAL A 302 33.05 -44.88 14.53
C VAL A 302 32.41 -45.29 15.85
N ASN A 303 31.15 -44.91 16.09
CA ASN A 303 30.42 -45.41 17.24
C ASN A 303 29.89 -46.82 17.01
N TYR A 304 29.69 -47.20 15.75
CA TYR A 304 29.24 -48.55 15.43
C TYR A 304 30.37 -49.58 15.55
N ILE A 305 31.53 -49.28 14.97
CA ILE A 305 32.64 -50.24 14.94
C ILE A 305 33.44 -50.25 16.24
N PHE A 306 33.16 -49.34 17.18
CA PHE A 306 33.96 -49.21 18.41
C PHE A 306 33.87 -50.45 19.28
N PHE A 307 32.71 -51.10 19.31
CA PHE A 307 32.53 -52.23 20.20
C PHE A 307 33.12 -53.50 19.61
N SER A 308 32.97 -53.69 18.29
CA SER A 308 33.53 -54.85 17.62
C SER A 308 35.06 -54.81 17.64
N GLN A 309 35.65 -53.67 17.22
CA GLN A 309 37.10 -53.48 17.25
C GLN A 309 37.48 -52.00 17.34
N PRO A 310 38.15 -51.57 18.41
CA PRO A 310 38.47 -50.14 18.54
C PRO A 310 39.67 -49.71 17.72
N ALA A 311 40.39 -50.65 17.09
CA ALA A 311 41.52 -50.28 16.25
C ALA A 311 41.05 -49.63 14.98
N ARG A 312 40.03 -50.21 14.33
CA ARG A 312 39.42 -49.59 13.16
C ARG A 312 38.73 -48.27 13.52
N ALA A 313 38.22 -48.17 14.75
CA ALA A 313 37.63 -46.92 15.24
C ALA A 313 38.66 -45.80 15.26
N ALA A 314 39.79 -46.02 15.96
CA ALA A 314 40.84 -45.01 15.99
C ALA A 314 41.46 -44.78 14.62
N ALA A 315 41.51 -45.81 13.77
CA ALA A 315 41.99 -45.68 12.40
C ALA A 315 41.14 -44.71 11.59
N ILE A 316 39.82 -44.93 11.54
CA ILE A 316 38.91 -44.04 10.81
C ILE A 316 38.91 -42.65 11.43
N ASP A 317 39.06 -42.55 12.76
CA ASP A 317 39.13 -41.25 13.43
C ASP A 317 40.36 -40.46 12.96
N ARG A 318 41.55 -41.08 13.00
CA ARG A 318 42.78 -40.43 12.54
C ARG A 318 42.73 -40.10 11.04
N TRP A 319 42.15 -41.00 10.24
CA TRP A 319 41.99 -40.76 8.81
C TRP A 319 41.12 -39.55 8.54
N SER A 320 40.02 -39.43 9.29
CA SER A 320 39.16 -38.25 9.19
C SER A 320 39.90 -36.99 9.61
N ARG A 321 40.64 -37.08 10.74
CA ARG A 321 41.46 -35.99 11.27
C ARG A 321 42.43 -35.43 10.23
N ILE A 322 43.03 -36.30 9.42
CA ILE A 322 43.98 -35.80 8.45
C ILE A 322 43.29 -35.37 7.15
N PHE A 323 42.27 -36.11 6.68
CA PHE A 323 41.81 -35.93 5.31
C PHE A 323 40.53 -35.11 5.15
N PHE A 324 39.82 -34.76 6.22
CA PHE A 324 38.64 -33.93 5.95
C PHE A 324 38.96 -32.46 5.68
N PRO A 325 39.85 -31.77 6.44
CA PRO A 325 40.26 -30.42 5.98
C PRO A 325 40.92 -30.40 4.61
N VAL A 326 41.60 -31.47 4.20
CA VAL A 326 42.22 -31.55 2.87
C VAL A 326 41.15 -31.50 1.78
N VAL A 327 40.13 -32.35 1.91
CA VAL A 327 39.05 -32.39 0.93
C VAL A 327 38.23 -31.09 0.96
N PHE A 328 38.07 -30.48 2.14
CA PHE A 328 37.40 -29.19 2.21
C PHE A 328 38.20 -28.09 1.53
N SER A 329 39.52 -28.09 1.68
CA SER A 329 40.35 -27.10 0.98
C SER A 329 40.33 -27.32 -0.53
N PHE A 330 40.27 -28.59 -0.96
CA PHE A 330 40.13 -28.90 -2.38
C PHE A 330 38.82 -28.38 -2.95
N PHE A 331 37.70 -28.63 -2.25
CA PHE A 331 36.40 -28.12 -2.66
C PHE A 331 36.37 -26.61 -2.67
N ASN A 332 37.00 -25.99 -1.67
CA ASN A 332 37.02 -24.54 -1.53
C ASN A 332 37.78 -23.88 -2.68
N ILE A 333 38.97 -24.42 -3.02
CA ILE A 333 39.74 -23.86 -4.13
C ILE A 333 39.04 -24.10 -5.46
N VAL A 334 38.46 -25.29 -5.68
CA VAL A 334 37.75 -25.57 -6.92
C VAL A 334 36.55 -24.65 -7.10
N TYR A 335 35.86 -24.34 -6.00
CA TYR A 335 34.71 -23.43 -6.06
C TYR A 335 35.16 -22.00 -6.37
N TRP A 336 36.18 -21.51 -5.65
CA TRP A 336 36.64 -20.15 -5.85
C TRP A 336 37.42 -19.96 -7.15
N LEU A 337 37.85 -21.03 -7.80
CA LEU A 337 38.47 -20.91 -9.12
C LEU A 337 37.46 -21.12 -10.23
N TYR A 338 36.34 -21.79 -9.96
CA TYR A 338 35.32 -21.92 -10.98
C TYR A 338 34.46 -20.67 -11.05
N TYR A 339 34.21 -20.02 -9.91
CA TYR A 339 33.32 -18.86 -9.93
C TYR A 339 34.04 -17.52 -10.04
N VAL A 340 35.30 -17.44 -9.63
CA VAL A 340 36.04 -16.19 -9.79
C VAL A 340 37.10 -16.36 -10.86
N ASP B 10 2.44 28.47 -44.46
CA ASP B 10 1.18 27.87 -44.90
C ASP B 10 1.41 26.49 -45.49
N ASN B 11 2.40 25.77 -44.97
CA ASN B 11 2.67 24.41 -45.41
C ASN B 11 1.91 23.38 -44.61
N THR B 12 1.62 23.67 -43.34
CA THR B 12 0.89 22.79 -42.44
C THR B 12 -0.56 23.21 -42.26
N THR B 13 -0.98 24.29 -42.93
CA THR B 13 -2.36 24.75 -42.80
C THR B 13 -3.36 23.84 -43.51
N VAL B 14 -2.95 23.14 -44.57
CA VAL B 14 -3.88 22.27 -45.29
C VAL B 14 -4.29 21.09 -44.42
N PHE B 15 -3.36 20.54 -43.65
CA PHE B 15 -3.68 19.46 -42.73
C PHE B 15 -4.48 19.97 -41.54
N THR B 16 -4.21 21.21 -41.10
CA THR B 16 -5.01 21.85 -40.07
C THR B 16 -6.45 22.04 -40.53
N ARG B 17 -6.64 22.41 -41.80
CA ARG B 17 -7.97 22.54 -42.36
C ARG B 17 -8.67 21.19 -42.44
N ILE B 18 -7.93 20.15 -42.82
CA ILE B 18 -8.47 18.80 -42.88
C ILE B 18 -8.95 18.35 -41.50
N LEU B 19 -8.10 18.54 -40.48
CA LEU B 19 -8.46 18.15 -39.13
C LEU B 19 -9.58 18.99 -38.54
N ASP B 20 -9.66 20.27 -38.92
CA ASP B 20 -10.74 21.13 -38.42
C ASP B 20 -12.07 20.80 -39.07
N ARG B 21 -12.06 20.55 -40.38
CA ARG B 21 -13.25 20.12 -41.10
C ARG B 21 -13.70 18.74 -40.67
N LEU B 22 -12.75 17.90 -40.23
CA LEU B 22 -13.07 16.55 -39.78
C LEU B 22 -13.85 16.56 -38.47
N LEU B 23 -13.51 17.47 -37.55
CA LEU B 23 -14.14 17.54 -36.24
C LEU B 23 -15.20 18.63 -36.12
N ASP B 24 -15.61 19.25 -37.23
CA ASP B 24 -16.61 20.32 -37.16
C ASP B 24 -17.98 19.69 -37.36
N GLY B 25 -18.74 19.60 -36.29
CA GLY B 25 -20.00 18.90 -36.30
C GLY B 25 -19.91 17.48 -35.79
N TYR B 26 -19.01 17.20 -34.87
CA TYR B 26 -18.74 15.85 -34.39
C TYR B 26 -19.11 15.75 -32.92
N ASP B 27 -19.90 14.74 -32.57
CA ASP B 27 -20.29 14.50 -31.20
C ASP B 27 -19.63 13.22 -30.73
N ASN B 28 -18.66 13.36 -29.82
CA ASN B 28 -17.91 12.22 -29.28
C ASN B 28 -18.64 11.50 -28.15
N ARG B 29 -19.94 11.78 -27.98
CA ARG B 29 -20.78 11.07 -27.04
C ARG B 29 -21.65 10.04 -27.74
N LEU B 30 -21.57 9.97 -29.07
CA LEU B 30 -22.41 9.11 -29.88
C LEU B 30 -21.50 8.14 -30.62
N ARG B 31 -21.75 6.84 -30.46
CA ARG B 31 -20.97 5.84 -31.15
C ARG B 31 -21.33 5.85 -32.64
N PRO B 32 -20.41 5.43 -33.51
CA PRO B 32 -20.71 5.36 -34.96
C PRO B 32 -21.78 4.33 -35.26
N GLY B 33 -22.88 4.79 -35.83
CA GLY B 33 -24.02 3.94 -36.11
C GLY B 33 -24.85 3.72 -34.87
N LEU B 34 -25.37 4.80 -34.29
CA LEU B 34 -26.03 4.69 -32.99
C LEU B 34 -27.40 4.05 -33.09
N GLY B 35 -28.13 4.32 -34.18
CA GLY B 35 -29.44 3.72 -34.33
C GLY B 35 -29.63 3.06 -35.68
N GLU B 36 -28.53 2.74 -36.36
CA GLU B 36 -28.63 2.23 -37.72
C GLU B 36 -27.89 0.89 -37.83
N ARG B 37 -26.85 0.70 -37.02
CA ARG B 37 -25.95 -0.43 -37.19
C ARG B 37 -25.36 -0.79 -35.83
N VAL B 38 -24.49 -1.79 -35.82
CA VAL B 38 -23.77 -2.21 -34.63
C VAL B 38 -22.29 -1.90 -34.82
N THR B 39 -21.66 -1.36 -33.78
CA THR B 39 -20.26 -0.98 -33.90
C THR B 39 -19.41 -2.24 -33.79
N GLU B 40 -18.54 -2.42 -34.77
CA GLU B 40 -17.70 -3.61 -34.89
C GLU B 40 -16.29 -3.21 -34.48
N VAL B 41 -15.80 -3.75 -33.37
CA VAL B 41 -14.48 -3.45 -32.87
C VAL B 41 -13.59 -4.66 -33.06
N LYS B 42 -12.44 -4.46 -33.69
CA LYS B 42 -11.48 -5.53 -33.94
C LYS B 42 -10.28 -5.35 -33.02
N THR B 43 -10.06 -6.33 -32.16
CA THR B 43 -9.06 -6.22 -31.11
C THR B 43 -7.82 -7.04 -31.44
N ASP B 44 -6.72 -6.64 -30.80
CA ASP B 44 -5.43 -7.27 -30.98
C ASP B 44 -4.65 -7.02 -29.70
N ILE B 45 -3.86 -8.00 -29.31
CA ILE B 45 -3.04 -7.90 -28.10
C ILE B 45 -1.65 -8.34 -28.45
N PHE B 46 -0.67 -7.50 -28.17
CA PHE B 46 0.73 -7.87 -28.29
C PHE B 46 1.33 -7.80 -26.89
N VAL B 47 1.62 -8.97 -26.32
CA VAL B 47 2.16 -9.00 -24.97
C VAL B 47 3.64 -8.70 -25.05
N THR B 48 4.05 -7.59 -24.45
CA THR B 48 5.45 -7.20 -24.47
C THR B 48 6.23 -7.78 -23.33
N SER B 49 5.53 -8.19 -22.27
CA SER B 49 6.14 -8.86 -21.13
C SER B 49 5.05 -9.52 -20.29
N PHE B 50 5.22 -10.81 -20.02
CA PHE B 50 4.32 -11.52 -19.11
C PHE B 50 4.95 -11.46 -17.72
N GLY B 51 4.40 -10.59 -16.88
CA GLY B 51 4.99 -10.27 -15.60
C GLY B 51 4.92 -11.39 -14.59
N PRO B 52 5.34 -11.11 -13.36
CA PRO B 52 5.38 -12.15 -12.34
C PRO B 52 3.98 -12.54 -11.86
N VAL B 53 3.83 -13.82 -11.54
CA VAL B 53 2.58 -14.36 -11.06
C VAL B 53 2.66 -14.43 -9.55
N SER B 54 1.85 -13.62 -8.88
CA SER B 54 1.83 -13.61 -7.43
C SER B 54 0.90 -14.72 -6.93
N ASP B 55 1.43 -15.60 -6.09
CA ASP B 55 0.65 -16.73 -5.64
C ASP B 55 -0.10 -16.43 -4.36
N HIS B 56 0.39 -15.48 -3.56
CA HIS B 56 -0.26 -15.14 -2.30
C HIS B 56 -1.44 -14.20 -2.50
N ASP B 57 -1.49 -13.47 -3.61
CA ASP B 57 -2.62 -12.62 -3.93
C ASP B 57 -3.54 -13.27 -4.95
N MET B 58 -3.12 -14.40 -5.53
CA MET B 58 -3.81 -15.12 -6.60
C MET B 58 -4.06 -14.20 -7.79
N GLU B 59 -2.97 -13.63 -8.27
CA GLU B 59 -3.01 -12.63 -9.32
C GLU B 59 -1.78 -12.78 -10.20
N TYR B 60 -1.76 -12.02 -11.29
CA TYR B 60 -0.60 -11.98 -12.17
C TYR B 60 -0.57 -10.62 -12.84
N THR B 61 0.58 -10.29 -13.42
CA THR B 61 0.79 -9.01 -14.07
C THR B 61 1.10 -9.27 -15.53
N ILE B 62 0.66 -8.35 -16.40
CA ILE B 62 0.94 -8.46 -17.82
C ILE B 62 1.06 -7.05 -18.38
N ASP B 63 1.91 -6.90 -19.39
CA ASP B 63 2.17 -5.63 -20.04
C ASP B 63 1.92 -5.84 -21.52
N VAL B 64 0.99 -5.09 -22.09
CA VAL B 64 0.46 -5.37 -23.40
C VAL B 64 0.40 -4.09 -24.22
N PHE B 65 0.54 -4.24 -25.54
CA PHE B 65 0.03 -3.26 -26.49
C PHE B 65 -1.37 -3.72 -26.87
N PHE B 66 -2.37 -2.91 -26.52
CA PHE B 66 -3.77 -3.27 -26.73
C PHE B 66 -4.27 -2.44 -27.90
N ARG B 67 -4.62 -3.12 -28.99
CA ARG B 67 -4.99 -2.47 -30.22
C ARG B 67 -6.47 -2.70 -30.47
N GLN B 68 -7.16 -1.65 -30.88
CA GLN B 68 -8.58 -1.72 -31.22
C GLN B 68 -8.79 -1.00 -32.53
N SER B 69 -9.50 -1.65 -33.45
CA SER B 69 -9.83 -1.05 -34.73
C SER B 69 -11.33 -1.08 -34.93
N TRP B 70 -11.86 0.00 -35.50
CA TRP B 70 -13.27 0.10 -35.84
C TRP B 70 -13.40 1.10 -36.97
N LYS B 71 -14.63 1.36 -37.39
CA LYS B 71 -14.87 2.18 -38.57
C LYS B 71 -15.89 3.26 -38.23
N ASP B 72 -15.49 4.51 -38.44
CA ASP B 72 -16.37 5.66 -38.20
C ASP B 72 -16.53 6.39 -39.52
N GLU B 73 -17.75 6.40 -40.05
CA GLU B 73 -18.04 7.03 -41.33
C GLU B 73 -18.02 8.56 -41.25
N ARG B 74 -17.95 9.13 -40.04
CA ARG B 74 -17.90 10.57 -39.87
C ARG B 74 -16.49 11.13 -39.99
N LEU B 75 -15.48 10.27 -40.02
CA LEU B 75 -14.09 10.68 -40.06
C LEU B 75 -13.45 10.38 -41.41
N LYS B 76 -14.24 10.45 -42.48
CA LYS B 76 -13.70 10.33 -43.82
C LYS B 76 -13.10 11.66 -44.27
N PHE B 77 -11.94 11.59 -44.91
CA PHE B 77 -11.27 12.77 -45.44
C PHE B 77 -10.72 12.43 -46.81
N LYS B 78 -10.09 13.44 -47.45
CA LYS B 78 -9.48 13.31 -48.76
C LYS B 78 -8.37 14.34 -48.79
N GLY B 79 -7.12 13.87 -48.81
CA GLY B 79 -5.99 14.76 -48.79
C GLY B 79 -4.76 14.14 -49.40
N PRO B 80 -3.61 14.81 -49.29
CA PRO B 80 -2.36 14.28 -49.86
C PRO B 80 -1.84 13.02 -49.16
N MET B 81 -2.35 12.69 -47.98
CA MET B 81 -1.97 11.49 -47.27
C MET B 81 -3.17 10.56 -47.17
N THR B 82 -2.89 9.25 -47.16
CA THR B 82 -3.94 8.25 -47.06
C THR B 82 -4.19 7.77 -45.64
N VAL B 83 -3.23 7.99 -44.74
CA VAL B 83 -3.36 7.65 -43.32
C VAL B 83 -2.83 8.83 -42.53
N LEU B 84 -3.62 9.35 -41.59
CA LEU B 84 -3.17 10.40 -40.69
C LEU B 84 -2.69 9.75 -39.40
N ARG B 85 -1.39 9.83 -39.13
CA ARG B 85 -0.84 9.29 -37.88
C ARG B 85 -0.82 10.43 -36.88
N LEU B 86 -1.88 10.52 -36.11
CA LEU B 86 -2.14 11.67 -35.26
C LEU B 86 -1.60 11.43 -33.85
N ASN B 87 -1.79 12.44 -33.00
CA ASN B 87 -1.26 12.44 -31.65
C ASN B 87 -2.14 11.59 -30.74
N ASN B 88 -1.89 11.67 -29.43
CA ASN B 88 -2.74 11.01 -28.44
C ASN B 88 -3.74 11.96 -27.81
N LEU B 89 -3.83 13.20 -28.31
CA LEU B 89 -4.83 14.15 -27.85
C LEU B 89 -6.00 14.30 -28.81
N MET B 90 -5.86 13.81 -30.04
CA MET B 90 -7.01 13.74 -30.94
C MET B 90 -7.95 12.60 -30.55
N ALA B 91 -7.43 11.57 -29.88
CA ALA B 91 -8.25 10.44 -29.45
C ALA B 91 -9.22 10.82 -28.35
N SER B 92 -8.93 11.88 -27.60
CA SER B 92 -9.84 12.36 -26.57
C SER B 92 -10.93 13.27 -27.11
N LYS B 93 -10.91 13.57 -28.41
CA LYS B 93 -11.94 14.40 -29.03
C LYS B 93 -12.85 13.63 -29.96
N ILE B 94 -12.68 12.30 -30.04
CA ILE B 94 -13.51 11.44 -30.86
C ILE B 94 -14.04 10.32 -29.99
N TRP B 95 -14.93 9.52 -30.56
CA TRP B 95 -15.48 8.39 -29.83
C TRP B 95 -14.50 7.23 -29.91
N THR B 96 -14.13 6.70 -28.75
CA THR B 96 -13.31 5.52 -28.61
C THR B 96 -14.07 4.54 -27.73
N PRO B 97 -13.93 3.23 -27.95
CA PRO B 97 -14.72 2.29 -27.17
C PRO B 97 -14.23 2.21 -25.73
N ASP B 98 -15.17 1.90 -24.84
CA ASP B 98 -14.88 1.85 -23.42
C ASP B 98 -14.65 0.41 -23.00
N THR B 99 -13.48 -0.09 -23.38
CA THR B 99 -13.08 -1.44 -23.05
C THR B 99 -12.51 -1.46 -21.64
N PHE B 100 -12.96 -2.41 -20.83
CA PHE B 100 -12.41 -2.62 -19.52
C PHE B 100 -12.10 -4.10 -19.37
N PHE B 101 -11.33 -4.44 -18.35
CA PHE B 101 -10.95 -5.82 -18.10
C PHE B 101 -11.78 -6.34 -16.94
N HIS B 102 -12.54 -7.41 -17.22
CA HIS B 102 -13.53 -7.93 -16.27
C HIS B 102 -12.88 -8.43 -14.99
N ASN B 103 -11.65 -8.94 -15.07
CA ASN B 103 -10.96 -9.49 -13.91
C ASN B 103 -9.72 -8.68 -13.55
N GLY B 104 -9.68 -7.40 -13.90
CA GLY B 104 -8.55 -6.57 -13.54
C GLY B 104 -8.67 -6.07 -12.11
N LYS B 105 -7.51 -5.95 -11.45
CA LYS B 105 -7.45 -5.52 -10.06
C LYS B 105 -7.03 -4.05 -9.95
N LYS B 106 -5.87 -3.72 -10.47
CA LYS B 106 -5.38 -2.34 -10.48
C LYS B 106 -4.48 -2.23 -11.69
N SER B 107 -5.04 -1.74 -12.78
CA SER B 107 -4.30 -1.59 -14.02
C SER B 107 -3.86 -0.15 -14.15
N VAL B 108 -2.84 0.07 -14.99
CA VAL B 108 -2.31 1.40 -15.24
C VAL B 108 -2.14 1.57 -16.74
N ALA B 109 -2.55 2.73 -17.24
CA ALA B 109 -2.29 3.13 -18.62
C ALA B 109 -1.16 4.15 -18.56
N HIS B 110 -0.01 3.79 -19.12
CA HIS B 110 1.20 4.57 -18.95
C HIS B 110 1.12 5.88 -19.71
N ASN B 111 1.66 6.95 -19.11
CA ASN B 111 1.68 8.25 -19.75
C ASN B 111 3.03 8.93 -19.55
N MET B 112 4.10 8.17 -19.74
CA MET B 112 5.46 8.69 -19.67
C MET B 112 6.10 8.48 -21.03
N THR B 113 6.58 9.55 -21.69
CA THR B 113 6.58 10.93 -21.19
C THR B 113 5.31 11.68 -21.60
N MET B 114 4.62 11.10 -22.57
CA MET B 114 3.31 11.52 -23.03
C MET B 114 2.40 10.30 -22.92
N PRO B 115 1.04 10.49 -22.96
CA PRO B 115 0.14 9.33 -22.97
C PRO B 115 0.44 8.34 -24.08
N ASN B 116 0.81 7.13 -23.70
CA ASN B 116 1.24 6.09 -24.64
C ASN B 116 0.00 5.59 -25.37
N LYS B 117 -0.43 6.37 -26.34
CA LYS B 117 -1.60 6.07 -27.14
C LYS B 117 -1.30 6.43 -28.58
N LEU B 118 -1.98 5.76 -29.49
CA LEU B 118 -1.72 5.86 -30.91
C LEU B 118 -3.05 5.94 -31.62
N LEU B 119 -3.19 6.90 -32.54
CA LEU B 119 -4.40 7.04 -33.33
C LEU B 119 -4.01 7.21 -34.78
N ARG B 120 -4.55 6.34 -35.64
CA ARG B 120 -4.33 6.42 -37.07
C ARG B 120 -5.69 6.39 -37.75
N ILE B 121 -5.97 7.39 -38.57
CA ILE B 121 -7.23 7.48 -39.31
C ILE B 121 -6.93 7.26 -40.78
N THR B 122 -7.66 6.33 -41.38
CA THR B 122 -7.54 6.01 -42.80
C THR B 122 -8.63 6.77 -43.55
N GLU B 123 -8.36 7.11 -44.83
CA GLU B 123 -9.22 8.01 -45.59
C GLU B 123 -10.63 7.48 -45.83
N ASP B 124 -10.87 6.18 -45.64
CA ASP B 124 -12.21 5.64 -45.75
C ASP B 124 -12.96 5.60 -44.43
N GLY B 125 -12.30 5.98 -43.33
CA GLY B 125 -12.95 6.08 -42.05
C GLY B 125 -12.53 5.05 -41.02
N THR B 126 -11.54 4.21 -41.32
CA THR B 126 -11.11 3.16 -40.40
C THR B 126 -10.08 3.72 -39.43
N LEU B 127 -10.27 3.45 -38.14
CA LEU B 127 -9.38 3.94 -37.10
C LEU B 127 -8.64 2.78 -36.46
N LEU B 128 -7.36 3.00 -36.18
CA LEU B 128 -6.57 2.09 -35.36
C LEU B 128 -6.19 2.84 -34.09
N TYR B 129 -6.52 2.28 -32.94
CA TYR B 129 -6.31 2.93 -31.66
C TYR B 129 -5.59 1.96 -30.74
N THR B 130 -4.37 2.30 -30.35
CA THR B 130 -3.49 1.41 -29.63
C THR B 130 -3.11 2.07 -28.31
N MET B 131 -3.02 1.27 -27.25
CA MET B 131 -2.62 1.74 -25.93
C MET B 131 -1.52 0.84 -25.39
N ARG B 132 -0.69 1.39 -24.52
CA ARG B 132 0.31 0.61 -23.80
C ARG B 132 -0.05 0.69 -22.33
N LEU B 133 -0.25 -0.48 -21.72
CA LEU B 133 -0.83 -0.52 -20.39
C LEU B 133 -0.39 -1.78 -19.68
N THR B 134 -0.36 -1.69 -18.35
CA THR B 134 -0.01 -2.80 -17.49
C THR B 134 -1.28 -3.24 -16.77
N VAL B 135 -1.64 -4.51 -16.93
CA VAL B 135 -2.86 -5.04 -16.37
C VAL B 135 -2.48 -5.99 -15.23
N ARG B 136 -3.15 -5.84 -14.10
CA ARG B 136 -2.99 -6.73 -12.96
C ARG B 136 -4.31 -7.46 -12.79
N ALA B 137 -4.33 -8.73 -13.17
CA ALA B 137 -5.57 -9.48 -13.28
C ALA B 137 -5.62 -10.59 -12.24
N GLU B 138 -6.83 -11.13 -12.02
CA GLU B 138 -7.03 -12.20 -11.06
C GLU B 138 -6.87 -13.55 -11.73
N CYS B 139 -6.22 -14.47 -11.03
CA CYS B 139 -6.04 -15.84 -11.49
C CYS B 139 -6.44 -16.74 -10.34
N PRO B 140 -7.70 -17.19 -10.31
CA PRO B 140 -8.12 -18.11 -9.25
C PRO B 140 -7.49 -19.49 -9.44
N MET B 141 -6.69 -19.90 -8.48
CA MET B 141 -5.91 -21.11 -8.57
C MET B 141 -6.45 -22.18 -7.62
N HIS B 142 -6.28 -23.43 -8.03
CA HIS B 142 -6.60 -24.58 -7.20
C HIS B 142 -5.28 -25.28 -6.90
N LEU B 143 -4.87 -25.26 -5.64
CA LEU B 143 -3.52 -25.68 -5.26
C LEU B 143 -3.51 -27.05 -4.61
N GLU B 144 -4.34 -27.98 -5.08
CA GLU B 144 -4.31 -29.34 -4.58
C GLU B 144 -2.98 -30.03 -4.89
N ASP B 145 -2.47 -29.85 -6.11
CA ASP B 145 -1.28 -30.54 -6.56
C ASP B 145 -0.03 -29.68 -6.42
N PHE B 146 -0.09 -28.65 -5.59
CA PHE B 146 1.05 -27.78 -5.31
C PHE B 146 2.21 -28.58 -4.72
N PRO B 147 3.46 -28.39 -5.20
CA PRO B 147 3.91 -27.45 -6.23
C PRO B 147 4.16 -28.08 -7.59
N MET B 148 3.24 -28.93 -8.04
CA MET B 148 3.32 -29.58 -9.34
C MET B 148 2.04 -29.35 -10.09
N ASP B 149 1.58 -28.11 -10.06
CA ASP B 149 0.28 -27.72 -10.57
C ASP B 149 0.43 -26.88 -11.83
N ALA B 150 -0.56 -26.95 -12.69
CA ALA B 150 -0.62 -26.17 -13.91
C ALA B 150 -1.90 -25.36 -13.91
N HIS B 151 -1.80 -24.10 -14.31
CA HIS B 151 -2.92 -23.18 -14.25
C HIS B 151 -3.19 -22.62 -15.63
N ALA B 152 -4.34 -22.00 -15.78
CA ALA B 152 -4.73 -21.29 -16.98
C ALA B 152 -5.24 -19.95 -16.49
N CYS B 153 -4.34 -18.97 -16.45
CA CYS B 153 -4.70 -17.67 -15.92
C CYS B 153 -5.48 -16.89 -16.97
N PRO B 154 -6.66 -16.38 -16.63
CA PRO B 154 -7.50 -15.76 -17.64
C PRO B 154 -7.26 -14.26 -17.76
N LEU B 155 -7.78 -13.70 -18.85
CA LEU B 155 -7.75 -12.26 -19.06
C LEU B 155 -8.97 -11.95 -19.93
N LYS B 156 -10.02 -11.46 -19.29
CA LYS B 156 -11.30 -11.24 -19.95
C LYS B 156 -11.50 -9.74 -20.09
N PHE B 157 -11.89 -9.31 -21.28
CA PHE B 157 -12.22 -7.93 -21.50
C PHE B 157 -13.48 -7.83 -22.33
N GLY B 158 -14.07 -6.64 -22.29
CA GLY B 158 -15.29 -6.38 -23.01
C GLY B 158 -15.62 -4.92 -22.85
N SER B 159 -16.85 -4.56 -23.20
CA SER B 159 -17.25 -3.17 -23.13
C SER B 159 -18.08 -2.90 -21.89
N TYR B 160 -17.79 -1.78 -21.24
CA TYR B 160 -18.60 -1.27 -20.15
C TYR B 160 -19.69 -0.41 -20.79
N ALA B 161 -20.95 -0.71 -20.47
CA ALA B 161 -22.18 0.00 -20.81
C ALA B 161 -22.69 -0.22 -22.24
N TYR B 162 -21.96 -0.86 -23.12
CA TYR B 162 -22.43 -1.08 -24.48
C TYR B 162 -22.72 -2.57 -24.63
N THR B 163 -24.01 -2.89 -24.80
CA THR B 163 -24.48 -4.27 -24.84
C THR B 163 -24.19 -4.89 -26.20
N ARG B 164 -24.72 -6.10 -26.42
CA ARG B 164 -24.44 -6.83 -27.64
C ARG B 164 -25.12 -6.21 -28.86
N ALA B 165 -26.23 -5.52 -28.65
CA ALA B 165 -26.94 -4.85 -29.73
C ALA B 165 -26.35 -3.51 -30.09
N GLU B 166 -25.28 -3.09 -29.41
CA GLU B 166 -24.64 -1.81 -29.66
C GLU B 166 -23.20 -1.94 -30.09
N VAL B 167 -22.39 -2.73 -29.36
CA VAL B 167 -20.97 -2.88 -29.66
C VAL B 167 -20.62 -4.35 -29.53
N VAL B 168 -20.02 -4.92 -30.57
CA VAL B 168 -19.54 -6.30 -30.56
C VAL B 168 -18.05 -6.28 -30.85
N TYR B 169 -17.34 -7.20 -30.22
CA TYR B 169 -15.89 -7.28 -30.37
C TYR B 169 -15.52 -8.43 -31.30
N GLU B 170 -14.27 -8.41 -31.76
CA GLU B 170 -13.77 -9.41 -32.68
C GLU B 170 -12.25 -9.37 -32.67
N TRP B 171 -11.63 -10.48 -33.03
CA TRP B 171 -10.20 -10.52 -33.21
C TRP B 171 -9.88 -10.05 -34.63
N THR B 172 -8.77 -9.33 -34.78
CA THR B 172 -8.48 -8.75 -36.09
C THR B 172 -7.83 -9.73 -37.05
N ARG B 173 -7.10 -10.70 -36.51
CA ARG B 173 -6.55 -11.81 -37.26
C ARG B 173 -7.23 -13.08 -36.78
N GLU B 174 -6.78 -14.22 -37.31
CA GLU B 174 -7.23 -15.52 -36.85
C GLU B 174 -7.05 -15.64 -35.35
N PRO B 175 -8.04 -16.15 -34.61
CA PRO B 175 -7.97 -16.22 -33.14
C PRO B 175 -6.74 -16.90 -32.56
N ALA B 176 -6.15 -17.86 -33.25
CA ALA B 176 -4.90 -18.44 -32.77
C ALA B 176 -3.70 -17.53 -32.98
N ARG B 177 -3.84 -16.45 -33.75
CA ARG B 177 -2.73 -15.56 -34.06
C ARG B 177 -3.00 -14.12 -33.66
N SER B 178 -3.95 -13.89 -32.75
CA SER B 178 -4.27 -12.53 -32.34
C SER B 178 -3.50 -12.10 -31.11
N VAL B 179 -3.62 -12.83 -30.02
CA VAL B 179 -2.83 -12.55 -28.83
C VAL B 179 -1.42 -13.10 -29.07
N VAL B 180 -0.46 -12.20 -29.23
CA VAL B 180 0.91 -12.57 -29.58
C VAL B 180 1.81 -12.16 -28.43
N VAL B 181 2.58 -13.11 -27.92
CA VAL B 181 3.52 -12.86 -26.83
C VAL B 181 4.91 -12.74 -27.42
N ALA B 182 5.66 -11.73 -26.98
CA ALA B 182 7.02 -11.55 -27.44
C ALA B 182 7.92 -12.66 -26.90
N GLU B 183 9.10 -12.79 -27.51
CA GLU B 183 10.01 -13.87 -27.13
C GLU B 183 10.78 -13.52 -25.87
N ASP B 184 11.38 -12.33 -25.82
CA ASP B 184 12.10 -11.88 -24.64
C ASP B 184 11.19 -11.36 -23.54
N GLY B 185 9.88 -11.27 -23.79
CA GLY B 185 8.93 -10.76 -22.83
C GLY B 185 8.44 -11.79 -21.84
N SER B 186 9.25 -12.14 -20.85
CA SER B 186 8.84 -13.07 -19.82
C SER B 186 9.53 -12.72 -18.52
N ARG B 187 8.79 -12.16 -17.57
CA ARG B 187 9.30 -11.87 -16.24
C ARG B 187 8.90 -12.93 -15.23
N LEU B 188 8.80 -14.18 -15.67
CA LEU B 188 8.37 -15.27 -14.82
C LEU B 188 9.61 -15.88 -14.17
N ASN B 189 9.62 -15.91 -12.84
CA ASN B 189 10.69 -16.57 -12.11
C ASN B 189 10.33 -18.01 -11.77
N GLN B 190 9.06 -18.24 -11.43
CA GLN B 190 8.62 -19.46 -10.81
C GLN B 190 7.82 -20.35 -11.74
N TYR B 191 7.28 -19.81 -12.82
CA TYR B 191 6.41 -20.53 -13.74
C TYR B 191 7.06 -20.62 -15.11
N ASP B 192 6.33 -21.24 -16.02
CA ASP B 192 6.75 -21.39 -17.40
C ASP B 192 5.53 -21.23 -18.28
N LEU B 193 5.56 -20.25 -19.19
CA LEU B 193 4.41 -19.99 -20.05
C LEU B 193 4.45 -20.98 -21.20
N LEU B 194 3.41 -21.80 -21.31
CA LEU B 194 3.37 -22.86 -22.31
C LEU B 194 2.74 -22.37 -23.61
N GLY B 195 1.63 -21.66 -23.53
CA GLY B 195 0.97 -21.17 -24.72
C GLY B 195 -0.16 -20.26 -24.32
N GLN B 196 -0.90 -19.82 -25.33
CA GLN B 196 -2.05 -18.96 -25.13
C GLN B 196 -3.28 -19.65 -25.70
N THR B 197 -4.44 -19.10 -25.34
CA THR B 197 -5.72 -19.70 -25.71
C THR B 197 -6.76 -18.59 -25.61
N VAL B 198 -7.36 -18.24 -26.74
CA VAL B 198 -8.35 -17.19 -26.75
C VAL B 198 -9.73 -17.83 -26.83
N ASP B 199 -10.76 -17.03 -26.56
CA ASP B 199 -12.13 -17.48 -26.58
C ASP B 199 -13.02 -16.25 -26.68
N SER B 200 -14.26 -16.48 -27.04
CA SER B 200 -15.25 -15.44 -27.16
C SER B 200 -16.55 -15.95 -26.58
N GLY B 201 -17.26 -15.08 -25.89
CA GLY B 201 -18.51 -15.51 -25.30
C GLY B 201 -19.40 -14.34 -25.04
N ILE B 202 -20.52 -14.62 -24.40
CA ILE B 202 -21.53 -13.63 -24.08
C ILE B 202 -21.88 -13.75 -22.61
N VAL B 203 -21.55 -12.73 -21.81
CA VAL B 203 -21.96 -12.72 -20.41
C VAL B 203 -23.27 -11.94 -20.31
N GLN B 204 -23.98 -12.15 -19.21
CA GLN B 204 -25.27 -11.51 -18.98
C GLN B 204 -25.25 -10.93 -17.57
N SER B 205 -25.48 -9.64 -17.46
CA SER B 205 -25.47 -8.95 -16.18
C SER B 205 -26.76 -8.16 -16.01
N SER B 206 -26.86 -7.47 -14.88
CA SER B 206 -28.04 -6.69 -14.49
C SER B 206 -28.32 -5.49 -15.37
N THR B 207 -27.46 -5.19 -16.34
CA THR B 207 -27.63 -4.06 -17.24
C THR B 207 -27.81 -4.48 -18.69
N GLY B 208 -27.74 -5.76 -18.99
CA GLY B 208 -27.99 -6.25 -20.32
C GLY B 208 -27.05 -7.37 -20.66
N GLU B 209 -27.01 -7.71 -21.94
CA GLU B 209 -26.18 -8.79 -22.46
C GLU B 209 -24.92 -8.21 -23.09
N TYR B 210 -23.75 -8.68 -22.67
CA TYR B 210 -22.47 -8.15 -23.15
C TYR B 210 -21.60 -9.21 -23.81
N VAL B 211 -20.77 -8.76 -24.75
CA VAL B 211 -19.77 -9.60 -25.41
C VAL B 211 -18.50 -9.58 -24.57
N VAL B 212 -17.91 -10.75 -24.36
CA VAL B 212 -16.70 -10.90 -23.54
C VAL B 212 -15.64 -11.64 -24.35
N MET B 213 -14.46 -11.05 -24.48
CA MET B 213 -13.33 -11.68 -25.14
C MET B 213 -12.40 -12.23 -24.08
N THR B 214 -12.14 -13.53 -24.13
CA THR B 214 -11.38 -14.22 -23.10
C THR B 214 -10.04 -14.66 -23.68
N THR B 215 -8.98 -14.55 -22.88
CA THR B 215 -7.67 -15.09 -23.21
C THR B 215 -7.21 -15.92 -22.03
N HIS B 216 -6.61 -17.07 -22.29
CA HIS B 216 -6.07 -17.94 -21.26
C HIS B 216 -4.58 -18.15 -21.50
N PHE B 217 -3.77 -17.89 -20.49
CA PHE B 217 -2.35 -18.17 -20.54
C PHE B 217 -2.08 -19.38 -19.66
N HIS B 218 -1.47 -20.41 -20.25
CA HIS B 218 -1.26 -21.67 -19.57
C HIS B 218 0.13 -21.68 -18.94
N LEU B 219 0.17 -21.80 -17.63
CA LEU B 219 1.39 -21.75 -16.86
C LEU B 219 1.64 -23.09 -16.18
N LYS B 220 2.92 -23.43 -16.05
CA LYS B 220 3.34 -24.67 -15.40
C LYS B 220 4.41 -24.31 -14.39
N ARG B 221 4.14 -24.60 -13.12
CA ARG B 221 5.06 -24.20 -12.07
C ARG B 221 6.34 -25.02 -12.14
N LYS B 222 7.45 -24.38 -11.78
CA LYS B 222 8.76 -25.03 -11.76
C LYS B 222 9.04 -25.53 -10.36
N ILE B 223 9.46 -26.78 -10.25
CA ILE B 223 9.56 -27.44 -8.96
C ILE B 223 10.96 -27.27 -8.35
N GLY B 224 11.95 -26.88 -9.16
CA GLY B 224 13.35 -26.78 -8.75
C GLY B 224 13.64 -25.88 -7.56
N TYR B 225 12.71 -25.00 -7.19
CA TYR B 225 12.92 -24.16 -6.03
C TYR B 225 12.39 -24.84 -4.78
N PHE B 226 11.19 -25.40 -4.88
CA PHE B 226 10.57 -26.07 -3.74
C PHE B 226 11.30 -27.35 -3.37
N VAL B 227 11.97 -28.00 -4.34
CA VAL B 227 12.82 -29.16 -4.04
C VAL B 227 13.90 -28.80 -3.02
N ILE B 228 14.80 -27.87 -3.37
CA ILE B 228 15.87 -27.45 -2.47
C ILE B 228 15.33 -26.73 -1.24
N GLN B 229 14.17 -26.05 -1.35
CA GLN B 229 13.64 -25.33 -0.20
C GLN B 229 13.07 -26.28 0.85
N THR B 230 12.23 -27.24 0.43
CA THR B 230 11.47 -28.07 1.35
C THR B 230 11.69 -29.56 1.19
N TYR B 231 11.75 -30.08 -0.04
CA TYR B 231 11.72 -31.54 -0.22
C TYR B 231 13.05 -32.19 0.13
N LEU B 232 14.15 -31.55 -0.18
CA LEU B 232 15.46 -32.07 0.16
C LEU B 232 15.83 -31.88 1.63
N PRO B 233 15.53 -30.73 2.29
CA PRO B 233 15.70 -30.71 3.76
C PRO B 233 14.89 -31.74 4.52
N CYS B 234 13.68 -32.07 4.04
CA CYS B 234 12.86 -33.09 4.71
C CYS B 234 13.50 -34.47 4.59
N ILE B 235 14.00 -34.81 3.40
CA ILE B 235 14.68 -36.10 3.19
C ILE B 235 15.98 -36.16 3.99
N MET B 236 16.70 -35.03 4.07
CA MET B 236 17.90 -34.98 4.89
C MET B 236 17.61 -35.16 6.37
N THR B 237 16.51 -34.57 6.85
CA THR B 237 16.13 -34.74 8.25
C THR B 237 15.68 -36.17 8.53
N VAL B 238 14.96 -36.80 7.59
CA VAL B 238 14.53 -38.19 7.77
C VAL B 238 15.73 -39.15 7.78
N ILE B 239 16.70 -38.96 6.88
CA ILE B 239 17.91 -39.79 6.89
C ILE B 239 18.71 -39.56 8.16
N LEU B 240 18.78 -38.30 8.64
CA LEU B 240 19.47 -38.01 9.89
C LEU B 240 18.75 -38.61 11.09
N SER B 241 17.43 -38.79 10.99
CA SER B 241 16.72 -39.48 12.06
C SER B 241 17.02 -40.96 12.02
N GLN B 242 17.15 -41.51 10.81
CA GLN B 242 17.44 -42.92 10.60
C GLN B 242 18.92 -43.27 10.83
N VAL B 243 19.79 -42.27 10.93
CA VAL B 243 21.18 -42.49 11.34
C VAL B 243 21.24 -43.12 12.73
N SER B 244 20.31 -42.71 13.60
CA SER B 244 20.26 -43.12 15.01
C SER B 244 20.10 -44.62 15.20
N PHE B 245 19.62 -45.34 14.17
CA PHE B 245 19.39 -46.77 14.26
C PHE B 245 20.68 -47.57 14.27
N TRP B 246 21.82 -46.95 13.99
CA TRP B 246 23.11 -47.61 13.97
C TRP B 246 23.93 -47.31 15.22
N LEU B 247 23.41 -46.55 16.15
CA LEU B 247 24.15 -46.30 17.38
C LEU B 247 23.80 -47.38 18.39
N ASN B 248 24.70 -47.58 19.34
CA ASN B 248 24.51 -48.60 20.35
C ASN B 248 23.62 -48.10 21.48
N ARG B 249 22.78 -48.98 21.99
CA ARG B 249 21.76 -48.67 23.00
C ARG B 249 22.35 -48.21 24.32
N GLU B 250 23.65 -48.42 24.56
CA GLU B 250 24.30 -47.90 25.76
C GLU B 250 24.49 -46.39 25.73
N SER B 251 24.20 -45.73 24.60
CA SER B 251 24.29 -44.28 24.50
C SER B 251 22.87 -43.76 24.33
N VAL B 252 22.20 -43.56 25.45
CA VAL B 252 20.82 -43.07 25.50
C VAL B 252 20.74 -41.56 25.23
N PRO B 253 21.57 -40.67 25.82
CA PRO B 253 21.48 -39.25 25.43
C PRO B 253 21.79 -38.99 23.97
N ALA B 254 22.66 -39.79 23.33
CA ALA B 254 22.98 -39.59 21.92
C ALA B 254 21.74 -39.74 21.04
N ARG B 255 21.06 -40.88 21.15
CA ARG B 255 19.86 -41.11 20.36
C ARG B 255 18.71 -40.22 20.78
N THR B 256 18.66 -39.81 22.06
CA THR B 256 17.63 -38.89 22.51
C THR B 256 17.76 -37.52 21.84
N VAL B 257 18.97 -36.93 21.88
CA VAL B 257 19.17 -35.62 21.29
C VAL B 257 19.07 -35.69 19.77
N PHE B 258 19.49 -36.81 19.14
CA PHE B 258 19.18 -37.10 17.74
C PHE B 258 17.69 -36.93 17.43
N GLY B 259 16.86 -37.72 18.12
CA GLY B 259 15.43 -37.72 17.87
C GLY B 259 14.80 -36.35 18.07
N VAL B 260 15.11 -35.70 19.19
CA VAL B 260 14.44 -34.44 19.51
C VAL B 260 14.90 -33.31 18.58
N THR B 261 16.17 -33.31 18.16
CA THR B 261 16.61 -32.23 17.28
C THR B 261 16.11 -32.42 15.85
N THR B 262 16.00 -33.66 15.39
CA THR B 262 15.35 -33.85 14.08
C THR B 262 13.86 -33.55 14.11
N VAL B 263 13.17 -33.80 15.23
CA VAL B 263 11.76 -33.39 15.34
C VAL B 263 11.65 -31.86 15.33
N LEU B 264 12.58 -31.18 16.01
CA LEU B 264 12.61 -29.72 15.99
C LEU B 264 12.87 -29.18 14.59
N THR B 265 13.79 -29.82 13.85
CA THR B 265 14.07 -29.40 12.48
C THR B 265 12.87 -29.62 11.57
N MET B 266 12.14 -30.73 11.76
CA MET B 266 10.92 -30.96 10.98
C MET B 266 9.84 -29.93 11.29
N THR B 267 9.70 -29.54 12.55
CA THR B 267 8.73 -28.51 12.94
C THR B 267 9.08 -27.17 12.30
N THR B 268 10.36 -26.80 12.35
CA THR B 268 10.82 -25.56 11.74
C THR B 268 10.62 -25.58 10.22
N LEU B 269 10.91 -26.71 9.57
CA LEU B 269 10.67 -26.84 8.13
C LEU B 269 9.20 -26.73 7.77
N SER B 270 8.32 -27.31 8.58
CA SER B 270 6.88 -27.25 8.29
C SER B 270 6.33 -25.83 8.40
N ILE B 271 6.62 -25.14 9.52
CA ILE B 271 6.20 -23.75 9.66
C ILE B 271 6.84 -22.86 8.59
N SER B 272 8.13 -23.03 8.30
CA SER B 272 8.79 -22.18 7.32
C SER B 272 8.38 -22.51 5.89
N ALA B 273 7.81 -23.69 5.65
CA ALA B 273 7.39 -24.07 4.31
C ALA B 273 5.95 -23.71 4.01
N ARG B 274 5.10 -23.61 5.03
CA ARG B 274 3.69 -23.33 4.74
C ARG B 274 3.41 -21.85 4.48
N ASN B 275 4.41 -20.96 4.57
CA ASN B 275 4.15 -19.54 4.34
C ASN B 275 4.28 -19.11 2.89
N SER B 276 4.67 -20.00 1.99
CA SER B 276 4.94 -19.61 0.59
C SER B 276 3.64 -19.36 -0.16
N LEU B 277 2.72 -20.30 -0.10
CA LEU B 277 1.44 -20.35 -0.78
C LEU B 277 0.39 -19.68 0.10
N PRO B 278 -0.81 -19.31 -0.45
CA PRO B 278 -1.81 -18.67 0.41
C PRO B 278 -2.43 -19.58 1.46
N LYS B 279 -3.35 -19.03 2.23
CA LYS B 279 -3.88 -19.71 3.41
C LYS B 279 -5.11 -20.57 3.05
N VAL B 280 -4.89 -21.48 2.11
CA VAL B 280 -5.96 -22.37 1.66
C VAL B 280 -6.31 -23.38 2.74
N ALA B 281 -7.56 -23.85 2.72
CA ALA B 281 -8.09 -24.73 3.76
C ALA B 281 -7.91 -26.20 3.46
N TYR B 282 -7.38 -26.56 2.30
CA TYR B 282 -7.17 -27.95 1.92
C TYR B 282 -5.68 -28.30 1.95
N ALA B 283 -5.42 -29.60 1.86
CA ALA B 283 -4.06 -30.11 1.88
C ALA B 283 -3.48 -30.19 0.49
N THR B 284 -2.21 -29.80 0.37
CA THR B 284 -1.47 -29.81 -0.88
C THR B 284 -0.59 -31.05 -0.91
N ALA B 285 0.26 -31.17 -1.92
CA ALA B 285 1.16 -32.32 -1.98
C ALA B 285 2.43 -32.12 -1.17
N MET B 286 2.83 -30.87 -0.95
CA MET B 286 3.91 -30.60 -0.03
C MET B 286 3.48 -30.84 1.40
N ASP B 287 2.21 -30.59 1.71
CA ASP B 287 1.69 -30.86 3.05
C ASP B 287 1.67 -32.36 3.33
N TRP B 288 1.29 -33.17 2.34
CA TRP B 288 1.33 -34.62 2.50
C TRP B 288 2.76 -35.13 2.66
N PHE B 289 3.71 -34.60 1.87
CA PHE B 289 5.10 -35.00 2.01
C PHE B 289 5.66 -34.64 3.39
N ILE B 290 5.38 -33.42 3.86
CA ILE B 290 5.83 -32.97 5.18
C ILE B 290 5.20 -33.81 6.28
N ALA B 291 3.92 -34.15 6.13
CA ALA B 291 3.23 -34.97 7.13
C ALA B 291 3.81 -36.37 7.22
N VAL B 292 4.08 -37.01 6.08
CA VAL B 292 4.66 -38.36 6.10
C VAL B 292 6.09 -38.33 6.64
N CYS B 293 6.86 -37.30 6.28
CA CYS B 293 8.22 -37.18 6.81
C CYS B 293 8.22 -36.95 8.33
N TYR B 294 7.32 -36.10 8.82
CA TYR B 294 7.15 -35.88 10.25
C TYR B 294 6.74 -37.17 10.96
N ALA B 295 5.85 -37.95 10.33
CA ALA B 295 5.46 -39.25 10.87
C ALA B 295 6.65 -40.19 10.97
N PHE B 296 7.51 -40.20 9.96
CA PHE B 296 8.70 -41.06 9.97
C PHE B 296 9.68 -40.67 11.07
N VAL B 297 9.93 -39.37 11.24
CA VAL B 297 10.83 -38.89 12.29
C VAL B 297 10.28 -39.20 13.69
N PHE B 298 8.99 -38.91 13.90
CA PHE B 298 8.35 -39.21 15.17
C PHE B 298 8.31 -40.70 15.45
N SER B 299 8.10 -41.52 14.42
CA SER B 299 8.11 -42.96 14.53
C SER B 299 9.50 -43.47 14.91
N ALA B 300 10.55 -42.87 14.35
CA ALA B 300 11.92 -43.22 14.73
C ALA B 300 12.17 -42.95 16.21
N LEU B 301 11.69 -41.81 16.71
CA LEU B 301 11.88 -41.53 18.13
C LEU B 301 11.07 -42.51 19.00
N ILE B 302 9.84 -42.83 18.59
CA ILE B 302 9.03 -43.80 19.35
C ILE B 302 9.65 -45.21 19.33
N GLU B 303 10.27 -45.61 18.21
CA GLU B 303 10.99 -46.88 18.19
C GLU B 303 12.19 -46.86 19.12
N PHE B 304 12.93 -45.73 19.17
CA PHE B 304 14.02 -45.60 20.14
C PHE B 304 13.50 -45.72 21.57
N ALA B 305 12.34 -45.11 21.85
CA ALA B 305 11.74 -45.19 23.16
C ALA B 305 11.39 -46.63 23.53
N THR B 306 10.86 -47.38 22.57
CA THR B 306 10.51 -48.78 22.80
C THR B 306 11.77 -49.63 23.02
N VAL B 307 12.82 -49.40 22.22
CA VAL B 307 14.07 -50.13 22.39
C VAL B 307 14.73 -49.80 23.72
N ASN B 308 14.61 -48.55 24.18
CA ASN B 308 15.15 -48.16 25.48
C ASN B 308 14.34 -48.73 26.63
N TYR B 309 13.01 -48.82 26.46
CA TYR B 309 12.20 -49.43 27.50
C TYR B 309 12.43 -50.94 27.58
N PHE B 310 12.71 -51.57 26.45
CA PHE B 310 12.92 -53.01 26.41
C PHE B 310 14.36 -53.42 26.63
N THR B 311 15.31 -52.48 26.68
CA THR B 311 16.66 -52.88 27.00
C THR B 311 16.80 -53.01 28.50
N LYS B 312 17.84 -53.75 28.93
CA LYS B 312 18.20 -54.10 30.31
C LYS B 312 17.07 -54.80 31.09
N SER B 313 16.00 -55.20 30.42
CA SER B 313 14.96 -56.08 30.94
C SER B 313 14.81 -57.33 30.08
N GLN B 314 14.75 -57.15 28.76
CA GLN B 314 14.78 -58.25 27.81
C GLN B 314 15.72 -57.82 26.69
N PRO B 315 17.01 -58.16 26.78
CA PRO B 315 17.99 -57.65 25.82
C PRO B 315 17.94 -58.30 24.45
N ALA B 316 17.06 -59.27 24.22
CA ALA B 316 16.99 -59.95 22.94
C ALA B 316 16.04 -59.24 21.98
N ARG B 317 14.81 -58.96 22.45
CA ARG B 317 13.81 -58.32 21.59
C ARG B 317 14.19 -56.89 21.25
N ALA B 318 14.97 -56.22 22.12
CA ALA B 318 15.43 -54.87 21.84
C ALA B 318 16.35 -54.85 20.62
N ALA B 319 17.38 -55.69 20.64
CA ALA B 319 18.28 -55.82 19.48
C ALA B 319 17.53 -56.33 18.26
N LYS B 320 16.56 -57.22 18.46
CA LYS B 320 15.77 -57.76 17.34
C LYS B 320 14.99 -56.66 16.62
N ILE B 321 14.20 -55.88 17.37
CA ILE B 321 13.42 -54.82 16.74
C ILE B 321 14.28 -53.65 16.30
N ASP B 322 15.47 -53.46 16.91
CA ASP B 322 16.39 -52.45 16.40
C ASP B 322 16.93 -52.82 15.03
N ARG B 323 17.36 -54.09 14.87
CA ARG B 323 17.79 -54.59 13.56
C ARG B 323 16.66 -54.59 12.55
N LEU B 324 15.43 -54.86 13.02
CA LEU B 324 14.27 -54.82 12.13
C LEU B 324 14.00 -53.41 11.63
N SER B 325 13.98 -52.44 12.54
CA SER B 325 13.70 -51.04 12.17
C SER B 325 14.80 -50.48 11.28
N ARG B 326 16.05 -50.89 11.51
CA ARG B 326 17.21 -50.47 10.74
C ARG B 326 17.04 -50.70 9.24
N ILE B 327 16.37 -51.79 8.85
CA ILE B 327 16.10 -52.04 7.44
C ILE B 327 14.65 -51.72 7.06
N ALA B 328 13.74 -51.62 8.03
CA ALA B 328 12.35 -51.34 7.70
C ALA B 328 12.13 -49.87 7.36
N PHE B 329 12.80 -48.96 8.07
CA PHE B 329 12.59 -47.53 7.82
C PHE B 329 13.10 -47.05 6.45
N PRO B 330 14.33 -47.34 6.00
CA PRO B 330 14.73 -46.84 4.67
C PRO B 330 13.93 -47.42 3.53
N LEU B 331 13.51 -48.69 3.63
CA LEU B 331 12.69 -49.28 2.60
C LEU B 331 11.31 -48.63 2.51
N LEU B 332 10.68 -48.35 3.65
CA LEU B 332 9.40 -47.67 3.65
C LEU B 332 9.51 -46.24 3.13
N PHE B 333 10.56 -45.50 3.53
CA PHE B 333 10.76 -44.17 2.98
C PHE B 333 11.01 -44.20 1.48
N GLY B 334 11.78 -45.18 1.00
CA GLY B 334 12.03 -45.31 -0.43
C GLY B 334 10.77 -45.63 -1.22
N ILE B 335 9.97 -46.57 -0.72
CA ILE B 335 8.73 -46.93 -1.41
C ILE B 335 7.72 -45.79 -1.35
N PHE B 336 7.70 -45.02 -0.26
CA PHE B 336 6.84 -43.84 -0.20
C PHE B 336 7.26 -42.78 -1.21
N ASN B 337 8.58 -42.55 -1.33
CA ASN B 337 9.09 -41.60 -2.31
C ASN B 337 8.76 -42.03 -3.73
N LEU B 338 8.88 -43.34 -4.02
CA LEU B 338 8.53 -43.86 -5.33
C LEU B 338 7.04 -43.64 -5.63
N VAL B 339 6.17 -43.99 -4.69
CA VAL B 339 4.72 -43.85 -4.87
C VAL B 339 4.34 -42.38 -5.02
N TYR B 340 4.94 -41.50 -4.21
CA TYR B 340 4.64 -40.07 -4.24
C TYR B 340 5.07 -39.44 -5.56
N TRP B 341 6.36 -39.55 -5.90
CA TRP B 341 6.86 -38.97 -7.14
C TRP B 341 6.33 -39.67 -8.39
N ALA B 342 5.71 -40.84 -8.27
CA ALA B 342 5.03 -41.45 -9.42
C ALA B 342 3.58 -40.99 -9.52
N THR B 343 2.91 -40.76 -8.39
CA THR B 343 1.52 -40.36 -8.40
C THR B 343 1.35 -38.88 -8.71
N TYR B 344 2.34 -38.05 -8.38
CA TYR B 344 2.17 -36.61 -8.58
C TYR B 344 2.79 -36.09 -9.86
N LEU B 345 3.76 -36.79 -10.44
CA LEU B 345 4.34 -36.38 -11.71
C LEU B 345 3.53 -36.86 -12.93
N ASN B 346 2.29 -37.29 -12.72
CA ASN B 346 1.42 -37.72 -13.82
C ASN B 346 0.07 -37.04 -13.81
N ARG B 347 -0.28 -36.30 -12.76
CA ARG B 347 -1.55 -35.60 -12.70
C ARG B 347 -1.57 -34.39 -13.62
N SER C 7 -30.11 12.58 -40.15
CA SER C 7 -30.92 11.37 -40.20
C SER C 7 -31.22 10.84 -38.80
N ASN C 8 -30.66 9.68 -38.46
CA ASN C 8 -30.83 9.10 -37.14
C ASN C 8 -29.71 9.43 -36.17
N MET C 9 -28.58 9.97 -36.66
CA MET C 9 -27.49 10.37 -35.78
C MET C 9 -27.58 11.84 -35.39
N SER C 10 -27.82 12.72 -36.37
CA SER C 10 -27.92 14.15 -36.09
C SER C 10 -29.17 14.48 -35.27
N LEU C 11 -30.23 13.67 -35.41
CA LEU C 11 -31.42 13.83 -34.57
C LEU C 11 -31.09 13.59 -33.11
N VAL C 12 -30.39 12.50 -32.80
CA VAL C 12 -29.96 12.23 -31.44
C VAL C 12 -28.93 13.25 -30.95
N LYS C 13 -28.06 13.73 -31.85
CA LYS C 13 -27.09 14.76 -31.49
C LYS C 13 -27.77 16.06 -31.06
N GLU C 14 -28.77 16.51 -31.84
CA GLU C 14 -29.52 17.69 -31.45
C GLU C 14 -30.35 17.44 -30.20
N THR C 15 -30.86 16.21 -30.00
CA THR C 15 -31.61 15.87 -28.80
C THR C 15 -30.75 16.00 -27.54
N VAL C 16 -29.55 15.43 -27.57
CA VAL C 16 -28.64 15.50 -26.42
C VAL C 16 -28.13 16.92 -26.22
N ASP C 17 -27.87 17.65 -27.32
CA ASP C 17 -27.46 19.06 -27.20
C ASP C 17 -28.57 19.92 -26.61
N ARG C 18 -29.83 19.61 -26.93
CA ARG C 18 -30.95 20.34 -26.36
C ARG C 18 -31.15 20.00 -24.89
N LEU C 19 -30.96 18.73 -24.52
CA LEU C 19 -31.12 18.30 -23.13
C LEU C 19 -30.11 18.99 -22.21
N LEU C 20 -28.87 19.10 -22.67
CA LEU C 20 -27.79 19.65 -21.86
C LEU C 20 -27.65 21.16 -21.99
N LYS C 21 -28.49 21.81 -22.77
CA LYS C 21 -28.47 23.26 -22.91
C LYS C 21 -29.38 23.88 -21.86
N GLY C 22 -28.83 24.79 -21.07
CA GLY C 22 -29.59 25.34 -19.97
C GLY C 22 -29.80 24.35 -18.85
N TYR C 23 -28.80 23.55 -18.54
CA TYR C 23 -28.86 22.51 -17.52
C TYR C 23 -27.96 22.91 -16.38
N ASP C 24 -28.55 23.13 -15.22
CA ASP C 24 -27.81 23.56 -14.04
C ASP C 24 -27.35 22.34 -13.26
N ILE C 25 -26.04 22.13 -13.19
CA ILE C 25 -25.50 20.96 -12.50
C ILE C 25 -25.46 21.20 -10.99
N ARG C 26 -25.56 22.45 -10.55
CA ARG C 26 -25.56 22.76 -9.12
C ARG C 26 -26.85 22.31 -8.43
N LEU C 27 -27.91 22.08 -9.17
CA LEU C 27 -29.23 21.82 -8.61
C LEU C 27 -29.66 20.39 -8.88
N ARG C 28 -30.16 19.73 -7.85
CA ARG C 28 -30.69 18.39 -7.98
C ARG C 28 -32.05 18.44 -8.69
N PRO C 29 -32.55 17.31 -9.19
CA PRO C 29 -33.92 17.28 -9.70
C PRO C 29 -34.94 17.54 -8.60
N ASP C 30 -35.89 18.44 -8.91
CA ASP C 30 -36.88 18.98 -7.96
C ASP C 30 -36.17 19.63 -6.77
N PHE C 31 -35.40 20.68 -7.07
CA PHE C 31 -34.51 21.29 -6.10
C PHE C 31 -35.28 21.97 -4.96
N GLY C 32 -36.45 22.53 -5.26
CA GLY C 32 -37.23 23.18 -4.23
C GLY C 32 -38.53 22.45 -3.96
N GLY C 33 -38.53 21.15 -4.24
CA GLY C 33 -39.71 20.35 -4.12
C GLY C 33 -39.49 19.10 -3.28
N PRO C 34 -40.17 18.01 -3.65
CA PRO C 34 -40.04 16.76 -2.89
C PRO C 34 -38.67 16.13 -3.10
N PRO C 35 -38.23 15.24 -2.21
CA PRO C 35 -36.92 14.60 -2.39
C PRO C 35 -36.90 13.64 -3.57
N VAL C 36 -35.70 13.42 -4.08
CA VAL C 36 -35.48 12.54 -5.21
C VAL C 36 -35.14 11.15 -4.69
N ALA C 37 -35.70 10.12 -5.31
CA ALA C 37 -35.47 8.75 -4.89
C ALA C 37 -34.35 8.17 -5.73
N VAL C 38 -33.39 7.52 -5.09
CA VAL C 38 -32.23 6.94 -5.76
C VAL C 38 -32.19 5.47 -5.38
N GLY C 39 -32.23 4.60 -6.39
CA GLY C 39 -32.22 3.17 -6.17
C GLY C 39 -30.84 2.59 -6.44
N MET C 40 -30.40 1.69 -5.57
CA MET C 40 -29.05 1.17 -5.62
C MET C 40 -29.03 -0.29 -6.05
N ASN C 41 -27.97 -0.64 -6.76
CA ASN C 41 -27.66 -2.00 -7.13
C ASN C 41 -26.17 -2.20 -6.93
N ILE C 42 -25.78 -3.40 -6.51
CA ILE C 42 -24.38 -3.75 -6.33
C ILE C 42 -24.18 -5.13 -6.91
N ASP C 43 -23.22 -5.25 -7.83
CA ASP C 43 -22.79 -6.54 -8.35
C ASP C 43 -21.36 -6.73 -7.86
N ILE C 44 -21.19 -7.57 -6.86
CA ILE C 44 -19.90 -7.76 -6.23
C ILE C 44 -19.05 -8.68 -7.09
N ALA C 45 -17.85 -8.21 -7.46
CA ALA C 45 -16.99 -8.96 -8.35
C ALA C 45 -16.02 -9.85 -7.59
N SER C 46 -15.52 -9.39 -6.44
CA SER C 46 -14.57 -10.14 -5.62
C SER C 46 -14.45 -9.46 -4.27
N ILE C 47 -14.20 -10.26 -3.23
CA ILE C 47 -13.74 -9.77 -1.95
C ILE C 47 -12.28 -10.20 -1.84
N ASP C 48 -11.38 -9.22 -1.89
CA ASP C 48 -9.99 -9.51 -2.23
C ASP C 48 -9.19 -10.04 -1.05
N MET C 49 -9.02 -9.23 -0.02
CA MET C 49 -8.08 -9.55 1.06
C MET C 49 -8.71 -9.11 2.37
N VAL C 50 -9.01 -10.07 3.24
CA VAL C 50 -9.57 -9.79 4.54
C VAL C 50 -8.41 -9.80 5.53
N SER C 51 -7.93 -8.61 5.88
CA SER C 51 -6.75 -8.45 6.71
C SER C 51 -7.15 -8.25 8.17
N GLU C 52 -6.57 -9.06 9.04
CA GLU C 52 -6.77 -8.89 10.48
C GLU C 52 -5.79 -7.90 11.08
N VAL C 53 -4.63 -7.72 10.44
CA VAL C 53 -3.61 -6.83 10.98
C VAL C 53 -3.95 -5.38 10.65
N ASN C 54 -4.54 -5.11 9.50
CA ASN C 54 -4.97 -3.77 9.12
C ASN C 54 -6.42 -3.51 9.48
N MET C 55 -7.18 -4.55 9.83
CA MET C 55 -8.60 -4.49 10.18
C MET C 55 -9.43 -3.90 9.04
N ASP C 56 -9.26 -4.47 7.84
CA ASP C 56 -10.01 -3.97 6.66
C ASP C 56 -10.23 -5.09 5.64
N TYR C 57 -11.17 -4.90 4.71
CA TYR C 57 -11.38 -5.88 3.61
C TYR C 57 -11.47 -5.11 2.31
N THR C 58 -10.82 -5.58 1.24
CA THR C 58 -10.98 -4.94 -0.08
C THR C 58 -12.07 -5.67 -0.87
N LEU C 59 -13.00 -4.95 -1.49
CA LEU C 59 -14.00 -5.55 -2.36
C LEU C 59 -14.15 -4.73 -3.62
N THR C 60 -14.31 -5.44 -4.74
CA THR C 60 -14.61 -4.84 -6.03
C THR C 60 -16.08 -5.05 -6.32
N MET C 61 -16.72 -4.02 -6.85
CA MET C 61 -18.16 -4.09 -7.07
C MET C 61 -18.51 -3.26 -8.29
N TYR C 62 -19.62 -3.63 -8.92
CA TYR C 62 -20.27 -2.79 -9.91
C TYR C 62 -21.41 -2.11 -9.16
N PHE C 63 -21.27 -0.81 -8.92
CA PHE C 63 -22.17 -0.06 -8.09
C PHE C 63 -23.00 0.85 -8.97
N GLN C 64 -24.29 0.63 -9.01
CA GLN C 64 -25.19 1.33 -9.92
C GLN C 64 -26.24 2.10 -9.14
N GLN C 65 -26.54 3.29 -9.62
CA GLN C 65 -27.54 4.16 -9.01
C GLN C 65 -28.56 4.52 -10.07
N ALA C 66 -29.82 4.60 -9.69
CA ALA C 66 -30.87 4.95 -10.63
C ALA C 66 -31.82 5.94 -9.99
N TRP C 67 -32.07 7.04 -10.67
CA TRP C 67 -32.99 8.07 -10.21
C TRP C 67 -33.71 8.60 -11.44
N ARG C 68 -34.51 9.64 -11.25
CA ARG C 68 -35.30 10.20 -12.34
C ARG C 68 -35.08 11.70 -12.39
N ASP C 69 -34.63 12.19 -13.53
CA ASP C 69 -34.38 13.60 -13.76
C ASP C 69 -35.33 14.05 -14.86
N LYS C 70 -36.31 14.89 -14.51
CA LYS C 70 -37.28 15.38 -15.46
C LYS C 70 -36.69 16.34 -16.49
N ARG C 71 -35.46 16.80 -16.28
CA ARG C 71 -34.81 17.68 -17.24
C ARG C 71 -34.19 16.89 -18.38
N LEU C 72 -33.81 15.65 -18.12
CA LEU C 72 -33.26 14.75 -19.14
C LEU C 72 -34.35 13.85 -19.70
N SER C 73 -35.41 14.49 -20.21
CA SER C 73 -36.56 13.77 -20.75
C SER C 73 -36.75 14.16 -22.20
N TYR C 74 -36.86 13.16 -23.07
CA TYR C 74 -36.99 13.38 -24.50
C TYR C 74 -38.08 12.47 -25.05
N ASN C 75 -38.68 12.88 -26.16
CA ASN C 75 -39.71 12.08 -26.78
C ASN C 75 -39.65 12.00 -28.29
N VAL C 76 -38.67 12.63 -28.93
CA VAL C 76 -38.56 12.56 -30.39
C VAL C 76 -38.07 11.18 -30.83
N ILE C 77 -37.08 10.62 -30.13
CA ILE C 77 -36.55 9.30 -30.47
C ILE C 77 -37.09 8.28 -29.48
N PRO C 78 -37.33 7.04 -29.90
CA PRO C 78 -37.97 6.05 -29.00
C PRO C 78 -37.03 5.13 -28.24
N LEU C 79 -35.73 5.17 -28.47
CA LEU C 79 -34.81 4.20 -27.89
C LEU C 79 -34.10 4.79 -26.68
N ASN C 80 -33.46 3.88 -25.93
CA ASN C 80 -32.67 4.28 -24.77
C ASN C 80 -31.28 4.70 -25.23
N LEU C 81 -30.70 5.66 -24.51
CA LEU C 81 -29.45 6.28 -24.93
C LEU C 81 -28.34 5.87 -23.98
N THR C 82 -27.35 5.15 -24.50
CA THR C 82 -26.10 4.93 -23.78
C THR C 82 -25.10 5.93 -24.34
N LEU C 83 -24.70 6.87 -23.49
CA LEU C 83 -23.78 7.92 -23.89
C LEU C 83 -22.37 7.59 -23.42
N ASP C 84 -21.40 8.31 -23.98
CA ASP C 84 -20.02 8.21 -23.54
C ASP C 84 -19.91 8.58 -22.07
N ASN C 85 -18.98 7.93 -21.38
CA ASN C 85 -18.85 8.06 -19.93
C ASN C 85 -18.32 9.42 -19.48
N ARG C 86 -18.01 10.34 -20.40
CA ARG C 86 -17.56 11.68 -20.05
C ARG C 86 -18.70 12.68 -19.97
N VAL C 87 -19.92 12.30 -20.36
CA VAL C 87 -21.07 13.18 -20.19
C VAL C 87 -21.60 13.14 -18.77
N ALA C 88 -21.12 12.19 -17.95
CA ALA C 88 -21.48 12.16 -16.54
C ALA C 88 -20.82 13.26 -15.72
N ASP C 89 -19.90 14.01 -16.31
CA ASP C 89 -19.32 15.19 -15.69
C ASP C 89 -20.12 16.44 -15.98
N GLN C 90 -21.20 16.32 -16.75
CA GLN C 90 -22.06 17.44 -17.08
C GLN C 90 -23.48 17.23 -16.59
N LEU C 91 -23.76 16.09 -15.98
CA LEU C 91 -25.05 15.81 -15.35
C LEU C 91 -24.91 15.90 -13.84
N TRP C 92 -26.05 15.89 -13.17
CA TRP C 92 -26.08 15.80 -11.72
C TRP C 92 -26.08 14.33 -11.35
N VAL C 93 -25.14 13.92 -10.50
CA VAL C 93 -25.12 12.57 -9.96
C VAL C 93 -25.08 12.73 -8.45
N PRO C 94 -25.69 11.83 -7.67
CA PRO C 94 -25.72 12.02 -6.22
C PRO C 94 -24.35 11.85 -5.58
N ASP C 95 -24.15 12.54 -4.47
CA ASP C 95 -22.86 12.51 -3.78
C ASP C 95 -22.91 11.39 -2.73
N THR C 96 -22.88 10.17 -3.24
CA THR C 96 -22.87 8.98 -2.40
C THR C 96 -21.44 8.74 -1.94
N TYR C 97 -21.28 8.30 -0.70
CA TYR C 97 -19.96 7.98 -0.18
C TYR C 97 -20.06 6.79 0.75
N PHE C 98 -18.92 6.22 1.06
CA PHE C 98 -18.82 5.08 1.97
C PHE C 98 -18.17 5.57 3.25
N LEU C 99 -18.88 5.42 4.36
CA LEU C 99 -18.42 6.02 5.61
C LEU C 99 -17.21 5.29 6.17
N ASN C 100 -17.12 3.97 5.96
CA ASN C 100 -16.13 3.15 6.63
C ASN C 100 -14.99 2.74 5.71
N ASP C 101 -14.79 3.42 4.59
CA ASP C 101 -13.69 3.05 3.72
C ASP C 101 -12.40 3.75 4.12
N LYS C 102 -11.29 3.18 3.66
CA LYS C 102 -9.96 3.74 3.88
C LYS C 102 -9.30 4.17 2.58
N LYS C 103 -9.50 3.42 1.52
CA LYS C 103 -9.00 3.76 0.19
C LYS C 103 -9.97 3.21 -0.83
N SER C 104 -10.26 4.02 -1.86
CA SER C 104 -11.19 3.63 -2.90
C SER C 104 -10.80 4.32 -4.18
N PHE C 105 -11.26 3.75 -5.29
CA PHE C 105 -10.99 4.31 -6.62
C PHE C 105 -11.97 3.72 -7.61
N VAL C 106 -12.22 4.47 -8.68
CA VAL C 106 -12.89 3.95 -9.86
C VAL C 106 -11.81 3.49 -10.81
N HIS C 107 -12.00 2.31 -11.41
CA HIS C 107 -11.03 1.79 -12.34
C HIS C 107 -10.97 2.67 -13.59
N GLY C 108 -9.76 2.86 -14.11
CA GLY C 108 -9.56 3.82 -15.16
C GLY C 108 -8.84 3.22 -16.34
N VAL C 109 -9.12 1.94 -16.59
CA VAL C 109 -8.53 1.20 -17.69
C VAL C 109 -9.67 0.46 -18.41
N THR C 110 -9.79 0.66 -19.73
CA THR C 110 -8.92 1.52 -20.56
C THR C 110 -9.35 2.98 -20.51
N VAL C 111 -10.57 3.21 -20.06
CA VAL C 111 -11.08 4.53 -19.72
C VAL C 111 -11.69 4.44 -18.32
N LYS C 112 -12.23 5.55 -17.84
CA LYS C 112 -12.92 5.59 -16.55
C LYS C 112 -14.11 4.64 -16.56
N ASN C 113 -14.05 3.59 -15.74
CA ASN C 113 -15.07 2.54 -15.75
C ASN C 113 -16.34 3.07 -15.09
N ARG C 114 -17.11 3.83 -15.87
CA ARG C 114 -18.41 4.27 -15.42
C ARG C 114 -19.38 4.21 -16.59
N MET C 115 -20.66 4.17 -16.26
CA MET C 115 -21.72 3.97 -17.23
C MET C 115 -22.78 5.02 -17.02
N ILE C 116 -23.22 5.65 -18.09
CA ILE C 116 -24.39 6.51 -18.07
C ILE C 116 -25.38 5.95 -19.08
N ARG C 117 -26.66 6.01 -18.74
CA ARG C 117 -27.69 5.48 -19.62
C ARG C 117 -28.97 6.25 -19.37
N LEU C 118 -29.53 6.82 -20.42
CA LEU C 118 -30.77 7.60 -20.30
C LEU C 118 -31.95 6.78 -20.80
N HIS C 119 -33.13 7.21 -20.39
CA HIS C 119 -34.40 6.61 -20.73
C HIS C 119 -35.34 7.73 -21.16
N PRO C 120 -36.28 7.44 -22.07
CA PRO C 120 -37.14 8.52 -22.61
C PRO C 120 -38.05 9.18 -21.58
N ASP C 121 -38.31 8.55 -20.44
CA ASP C 121 -39.16 9.16 -19.43
C ASP C 121 -38.41 10.08 -18.48
N GLY C 122 -37.09 9.95 -18.40
CA GLY C 122 -36.30 10.84 -17.58
C GLY C 122 -35.33 10.09 -16.68
N THR C 123 -35.53 8.78 -16.58
CA THR C 123 -34.75 7.94 -15.70
C THR C 123 -33.30 7.88 -16.13
N VAL C 124 -32.38 8.04 -15.18
CA VAL C 124 -30.95 7.99 -15.42
C VAL C 124 -30.40 6.80 -14.66
N LEU C 125 -29.62 5.97 -15.34
CA LEU C 125 -28.90 4.88 -14.70
C LEU C 125 -27.42 5.20 -14.74
N TYR C 126 -26.75 5.02 -13.61
CA TYR C 126 -25.38 5.49 -13.46
C TYR C 126 -24.62 4.45 -12.66
N GLY C 127 -23.69 3.77 -13.32
CA GLY C 127 -22.96 2.69 -12.72
C GLY C 127 -21.49 3.02 -12.67
N LEU C 128 -20.81 2.49 -11.66
CA LEU C 128 -19.37 2.63 -11.52
C LEU C 128 -18.79 1.28 -11.17
N ARG C 129 -17.49 1.12 -11.41
CA ARG C 129 -16.78 -0.08 -11.01
C ARG C 129 -15.75 0.34 -9.99
N ILE C 130 -16.00 0.01 -8.73
CA ILE C 130 -15.31 0.57 -7.59
C ILE C 130 -14.61 -0.55 -6.85
N THR C 131 -13.34 -0.34 -6.55
CA THR C 131 -12.59 -1.19 -5.63
C THR C 131 -12.29 -0.37 -4.39
N THR C 132 -12.81 -0.80 -3.25
CA THR C 132 -12.72 -0.01 -2.03
C THR C 132 -12.21 -0.89 -0.89
N THR C 133 -11.41 -0.28 -0.03
CA THR C 133 -10.87 -0.94 1.16
C THR C 133 -11.66 -0.40 2.34
N ALA C 134 -12.64 -1.16 2.80
CA ALA C 134 -13.51 -0.72 3.87
C ALA C 134 -12.97 -1.23 5.19
N ALA C 135 -13.19 -0.46 6.26
CA ALA C 135 -12.64 -0.82 7.57
C ALA C 135 -13.65 -1.57 8.44
N CYS C 136 -13.39 -2.84 8.75
CA CYS C 136 -14.24 -3.57 9.70
C CYS C 136 -13.36 -3.97 10.88
N MET C 137 -13.74 -3.57 12.10
CA MET C 137 -12.96 -3.96 13.31
C MET C 137 -13.43 -5.35 13.70
N MET C 138 -12.46 -6.24 13.96
CA MET C 138 -12.80 -7.63 14.24
C MET C 138 -12.60 -7.94 15.71
N ASP C 139 -13.37 -8.90 16.20
CA ASP C 139 -13.27 -9.38 17.57
C ASP C 139 -12.60 -10.74 17.51
N LEU C 140 -11.32 -10.79 17.86
CA LEU C 140 -10.50 -11.99 17.71
C LEU C 140 -10.33 -12.76 19.01
N ARG C 141 -11.32 -12.77 19.90
CA ARG C 141 -11.23 -13.54 21.12
C ARG C 141 -11.43 -15.04 20.89
N ARG C 142 -11.94 -15.42 19.72
CA ARG C 142 -12.13 -16.82 19.39
C ARG C 142 -11.38 -17.20 18.12
N TYR C 143 -10.36 -16.43 17.76
CA TYR C 143 -9.54 -16.71 16.58
C TYR C 143 -8.80 -18.04 16.75
N PRO C 144 -8.75 -18.88 15.71
CA PRO C 144 -9.32 -18.75 14.37
C PRO C 144 -10.68 -19.38 14.18
N LEU C 145 -11.34 -19.76 15.27
CA LEU C 145 -12.69 -20.33 15.23
C LEU C 145 -13.75 -19.24 15.38
N ASP C 146 -13.66 -18.20 14.56
CA ASP C 146 -14.49 -17.02 14.73
C ASP C 146 -15.33 -16.77 13.50
N GLU C 147 -16.28 -15.85 13.65
CA GLU C 147 -17.15 -15.45 12.52
C GLU C 147 -17.31 -13.94 12.66
N GLN C 148 -17.01 -13.17 11.61
CA GLN C 148 -17.00 -11.70 11.72
C GLN C 148 -18.01 -11.07 10.77
N ASN C 149 -18.68 -9.99 11.18
CA ASN C 149 -19.58 -9.26 10.24
C ASN C 149 -18.82 -8.04 9.73
N CYS C 150 -18.58 -7.97 8.42
CA CYS C 150 -17.93 -6.78 7.82
C CYS C 150 -18.99 -6.05 7.00
N THR C 151 -19.19 -4.75 7.25
CA THR C 151 -20.33 -4.02 6.62
C THR C 151 -19.87 -2.81 5.80
N LEU C 152 -20.35 -2.65 4.56
CA LEU C 152 -20.07 -1.41 3.79
C LEU C 152 -21.19 -0.42 4.08
N GLU C 153 -20.87 0.71 4.70
CA GLU C 153 -21.90 1.70 4.95
C GLU C 153 -22.01 2.63 3.76
N ILE C 154 -23.23 2.89 3.30
CA ILE C 154 -23.48 3.67 2.09
C ILE C 154 -24.36 4.85 2.47
N GLU C 155 -23.83 6.06 2.38
CA GLU C 155 -24.52 7.25 2.85
C GLU C 155 -24.47 8.35 1.80
N SER C 156 -25.34 9.34 1.98
CA SER C 156 -25.34 10.56 1.16
C SER C 156 -24.67 11.66 1.95
N TYR C 157 -23.76 12.40 1.31
CA TYR C 157 -23.01 13.39 2.07
C TYR C 157 -23.72 14.74 2.17
N GLY C 158 -24.10 15.33 1.05
CA GLY C 158 -24.55 16.70 1.11
C GLY C 158 -26.04 16.82 1.34
N TYR C 159 -26.81 15.89 0.79
CA TYR C 159 -28.26 15.98 0.81
C TYR C 159 -28.84 15.19 1.97
N THR C 160 -29.67 15.87 2.76
CA THR C 160 -30.34 15.29 3.92
C THR C 160 -31.52 14.43 3.46
N THR C 161 -32.31 13.94 4.42
CA THR C 161 -33.44 13.09 4.07
C THR C 161 -34.62 13.88 3.51
N ASP C 162 -34.55 15.21 3.51
CA ASP C 162 -35.53 16.06 2.87
C ASP C 162 -35.08 16.51 1.49
N ASP C 163 -33.96 15.98 0.99
CA ASP C 163 -33.51 16.22 -0.36
C ASP C 163 -33.31 14.95 -1.17
N ILE C 164 -33.17 13.80 -0.53
CA ILE C 164 -32.84 12.56 -1.23
C ILE C 164 -33.37 11.40 -0.41
N GLU C 165 -33.67 10.30 -1.09
CA GLU C 165 -34.14 9.09 -0.45
C GLU C 165 -33.39 7.91 -1.06
N PHE C 166 -32.86 7.04 -0.22
CA PHE C 166 -32.14 5.86 -0.67
C PHE C 166 -32.97 4.61 -0.46
N TYR C 167 -32.87 3.68 -1.40
CA TYR C 167 -33.53 2.39 -1.28
C TYR C 167 -32.79 1.39 -2.15
N TRP C 168 -32.87 0.12 -1.75
CA TRP C 168 -32.32 -0.97 -2.55
C TRP C 168 -33.30 -1.30 -3.66
N ARG C 169 -32.82 -1.35 -4.89
CA ARG C 169 -33.68 -1.61 -6.03
C ARG C 169 -34.00 -3.11 -6.06
N GLY C 170 -35.09 -3.49 -5.39
CA GLY C 170 -35.44 -4.90 -5.24
C GLY C 170 -35.64 -5.33 -3.80
N ASP C 171 -34.83 -4.74 -2.91
CA ASP C 171 -34.80 -4.82 -1.44
C ASP C 171 -34.26 -6.15 -0.90
N ASP C 172 -34.15 -7.16 -1.76
CA ASP C 172 -33.42 -8.37 -1.42
C ASP C 172 -32.56 -8.91 -2.56
N ASN C 173 -32.88 -8.60 -3.82
CA ASN C 173 -32.08 -9.02 -4.95
C ASN C 173 -31.32 -7.84 -5.55
N ALA C 174 -31.15 -6.78 -4.76
CA ALA C 174 -30.41 -5.62 -5.23
C ALA C 174 -28.93 -5.91 -5.28
N VAL C 175 -28.44 -6.78 -4.40
CA VAL C 175 -27.04 -7.16 -4.34
C VAL C 175 -26.91 -8.60 -4.85
N THR C 176 -26.16 -8.77 -5.93
CA THR C 176 -25.99 -10.05 -6.59
C THR C 176 -24.52 -10.43 -6.61
N GLY C 177 -24.25 -11.70 -6.88
CA GLY C 177 -22.88 -12.17 -6.97
C GLY C 177 -22.21 -12.53 -5.67
N VAL C 178 -22.98 -12.71 -4.60
CA VAL C 178 -22.39 -13.04 -3.31
C VAL C 178 -22.12 -14.53 -3.19
N THR C 179 -23.01 -15.36 -3.75
CA THR C 179 -22.85 -16.80 -3.65
C THR C 179 -21.75 -17.33 -4.54
N LYS C 180 -21.28 -16.56 -5.51
CA LYS C 180 -20.21 -16.97 -6.40
C LYS C 180 -18.84 -16.48 -5.95
N ILE C 181 -18.76 -15.87 -4.77
CA ILE C 181 -17.50 -15.35 -4.25
C ILE C 181 -16.79 -16.49 -3.51
N GLU C 182 -15.54 -16.75 -3.88
CA GLU C 182 -14.73 -17.76 -3.24
C GLU C 182 -13.51 -17.11 -2.60
N LEU C 183 -13.40 -17.26 -1.29
CA LEU C 183 -12.31 -16.77 -0.48
C LEU C 183 -11.42 -17.93 -0.06
N PRO C 184 -10.10 -17.72 0.08
CA PRO C 184 -9.23 -18.81 0.50
C PRO C 184 -9.35 -19.16 1.97
N GLN C 185 -9.82 -18.23 2.80
CA GLN C 185 -9.82 -18.40 4.24
C GLN C 185 -11.21 -18.38 4.85
N PHE C 186 -12.14 -17.63 4.29
CA PHE C 186 -13.47 -17.47 4.87
C PHE C 186 -14.51 -18.15 4.01
N SER C 187 -15.77 -18.00 4.41
CA SER C 187 -16.91 -18.52 3.66
C SER C 187 -18.13 -17.69 4.02
N ILE C 188 -18.71 -17.04 3.02
CA ILE C 188 -19.88 -16.18 3.22
C ILE C 188 -21.08 -17.05 3.57
N VAL C 189 -21.55 -16.94 4.81
CA VAL C 189 -22.72 -17.71 5.23
C VAL C 189 -24.02 -16.93 5.00
N ASP C 190 -24.02 -15.62 5.21
CA ASP C 190 -25.25 -14.84 5.08
C ASP C 190 -24.91 -13.39 4.80
N TYR C 191 -25.84 -12.69 4.15
CA TYR C 191 -25.70 -11.27 3.86
C TYR C 191 -27.05 -10.59 4.05
N LYS C 192 -27.02 -9.32 4.48
CA LYS C 192 -28.25 -8.59 4.74
C LYS C 192 -28.17 -7.18 4.18
N LEU C 193 -29.33 -6.66 3.79
CA LEU C 193 -29.50 -5.30 3.29
C LEU C 193 -30.35 -4.54 4.29
N ILE C 194 -29.91 -3.35 4.68
CA ILE C 194 -30.57 -2.57 5.72
C ILE C 194 -30.70 -1.12 5.29
N THR C 195 -31.91 -0.58 5.39
CA THR C 195 -32.21 0.82 5.15
C THR C 195 -32.29 1.54 6.49
N LYS C 196 -31.86 2.79 6.54
CA LYS C 196 -31.66 3.46 7.81
C LYS C 196 -31.64 4.97 7.58
N LYS C 197 -31.71 5.71 8.68
CA LYS C 197 -31.51 7.15 8.70
C LYS C 197 -30.63 7.49 9.89
N VAL C 198 -29.50 8.13 9.64
CA VAL C 198 -28.60 8.52 10.70
C VAL C 198 -28.75 10.02 10.94
N VAL C 199 -28.38 10.47 12.13
CA VAL C 199 -28.59 11.85 12.56
C VAL C 199 -27.26 12.42 13.02
N PHE C 200 -26.82 13.48 12.36
CA PHE C 200 -25.64 14.25 12.75
C PHE C 200 -26.08 15.63 13.21
N SER C 201 -25.10 16.47 13.55
CA SER C 201 -25.40 17.83 13.97
C SER C 201 -25.81 18.73 12.80
N THR C 202 -25.70 18.27 11.56
CA THR C 202 -26.09 19.06 10.41
C THR C 202 -27.43 18.65 9.83
N GLY C 203 -27.91 17.46 10.14
CA GLY C 203 -29.21 17.01 9.65
C GLY C 203 -29.33 15.51 9.79
N SER C 204 -30.37 14.99 9.14
CA SER C 204 -30.64 13.56 9.09
C SER C 204 -30.37 13.06 7.68
N TYR C 205 -29.58 12.01 7.56
CA TYR C 205 -29.11 11.57 6.27
C TYR C 205 -29.54 10.14 6.01
N PRO C 206 -29.88 9.78 4.78
CA PRO C 206 -30.24 8.40 4.49
C PRO C 206 -29.00 7.51 4.43
N ARG C 207 -29.19 6.25 4.79
CA ARG C 207 -28.09 5.31 4.81
C ARG C 207 -28.58 3.95 4.39
N LEU C 208 -27.79 3.26 3.58
CA LEU C 208 -27.97 1.85 3.30
C LEU C 208 -26.78 1.09 3.85
N SER C 209 -27.00 -0.18 4.17
CA SER C 209 -25.98 -0.99 4.80
C SER C 209 -26.00 -2.39 4.21
N LEU C 210 -24.82 -2.83 3.74
CA LEU C 210 -24.67 -4.19 3.18
C LEU C 210 -23.71 -4.91 4.11
N SER C 211 -24.23 -5.83 4.93
CA SER C 211 -23.39 -6.52 5.94
C SER C 211 -23.22 -7.98 5.55
N PHE C 212 -21.99 -8.48 5.56
CA PHE C 212 -21.72 -9.90 5.23
C PHE C 212 -21.15 -10.58 6.46
N LYS C 213 -21.65 -11.77 6.82
CA LYS C 213 -21.04 -12.53 7.94
C LYS C 213 -20.05 -13.52 7.34
N LEU C 214 -18.78 -13.46 7.75
CA LEU C 214 -17.73 -14.33 7.17
C LEU C 214 -17.29 -15.33 8.23
N LYS C 215 -17.34 -16.63 7.92
CA LYS C 215 -16.89 -17.67 8.89
C LYS C 215 -15.51 -18.13 8.48
N ARG C 216 -14.57 -18.25 9.42
CA ARG C 216 -13.20 -18.59 9.05
C ARG C 216 -13.01 -20.11 9.00
N ASN C 217 -12.25 -20.56 8.00
CA ASN C 217 -11.91 -21.97 7.89
C ASN C 217 -10.84 -22.35 8.90
N ILE C 218 -10.72 -23.64 9.17
CA ILE C 218 -9.88 -24.12 10.25
C ILE C 218 -8.76 -25.06 9.78
N GLY C 219 -8.90 -25.70 8.61
CA GLY C 219 -7.95 -26.73 8.18
C GLY C 219 -6.51 -26.26 8.05
N TYR C 220 -6.32 -25.05 7.51
CA TYR C 220 -4.99 -24.45 7.44
C TYR C 220 -4.41 -24.28 8.83
N PHE C 221 -5.21 -23.73 9.75
CA PHE C 221 -4.75 -23.48 11.11
C PHE C 221 -4.49 -24.79 11.84
N ILE C 222 -5.29 -25.82 11.55
CA ILE C 222 -5.05 -27.17 12.06
C ILE C 222 -3.65 -27.64 11.68
N LEU C 223 -3.39 -27.77 10.36
CA LEU C 223 -2.11 -28.31 9.91
C LEU C 223 -0.93 -27.38 10.19
N GLN C 224 -1.15 -26.09 10.43
CA GLN C 224 -0.07 -25.15 10.69
C GLN C 224 0.28 -25.03 12.16
N THR C 225 -0.69 -25.02 13.05
CA THR C 225 -0.38 -24.76 14.44
C THR C 225 -0.91 -25.85 15.37
N TYR C 226 -2.08 -26.43 15.08
CA TYR C 226 -2.69 -27.29 16.07
C TYR C 226 -2.05 -28.68 16.06
N MET C 227 -1.78 -29.21 14.87
CA MET C 227 -1.10 -30.50 14.78
C MET C 227 0.36 -30.49 15.24
N PRO C 228 1.23 -29.49 14.92
CA PRO C 228 2.60 -29.52 15.49
C PRO C 228 2.64 -29.44 17.00
N SER C 229 1.77 -28.63 17.61
CA SER C 229 1.76 -28.48 19.06
C SER C 229 1.30 -29.75 19.76
N ILE C 230 0.25 -30.41 19.23
CA ILE C 230 -0.20 -31.68 19.77
C ILE C 230 0.88 -32.75 19.61
N LEU C 231 1.57 -32.79 18.47
CA LEU C 231 2.62 -33.79 18.27
C LEU C 231 3.81 -33.56 19.19
N ILE C 232 4.20 -32.32 19.42
CA ILE C 232 5.27 -32.04 20.39
C ILE C 232 4.81 -32.40 21.81
N THR C 233 3.52 -32.19 22.12
CA THR C 233 3.03 -32.56 23.45
C THR C 233 2.99 -34.07 23.68
N ILE C 234 2.64 -34.87 22.65
CA ILE C 234 2.78 -36.32 22.80
C ILE C 234 4.25 -36.71 22.90
N LEU C 235 5.10 -36.10 22.08
CA LEU C 235 6.53 -36.39 22.08
C LEU C 235 7.17 -36.10 23.44
N SER C 236 6.71 -35.06 24.13
CA SER C 236 7.20 -34.69 25.47
C SER C 236 6.78 -35.65 26.56
N TRP C 237 6.09 -36.74 26.24
CA TRP C 237 5.61 -37.75 27.18
C TRP C 237 6.54 -38.93 27.20
N VAL C 238 7.50 -38.95 26.27
CA VAL C 238 8.49 -40.06 26.17
C VAL C 238 9.52 -39.90 27.29
N SER C 239 9.53 -38.74 27.98
CA SER C 239 10.48 -38.55 29.06
C SER C 239 10.20 -39.46 30.24
N PHE C 240 8.97 -39.96 30.38
CA PHE C 240 8.68 -40.86 31.48
C PHE C 240 9.06 -42.30 31.14
N TRP C 241 8.97 -42.68 29.87
CA TRP C 241 9.40 -44.00 29.44
C TRP C 241 10.91 -44.20 29.57
N ILE C 242 11.70 -43.12 29.49
CA ILE C 242 13.11 -43.22 29.79
C ILE C 242 13.27 -43.38 31.30
N ASN C 243 14.19 -44.24 31.71
CA ASN C 243 14.42 -44.48 33.13
C ASN C 243 14.99 -43.22 33.79
N TYR C 244 14.65 -43.02 35.06
CA TYR C 244 15.06 -41.84 35.80
C TYR C 244 16.54 -41.80 36.20
N ASP C 245 17.37 -42.77 35.82
CA ASP C 245 18.79 -42.62 36.12
C ASP C 245 19.48 -41.71 35.10
N ALA C 246 19.24 -41.96 33.82
CA ALA C 246 19.73 -41.10 32.73
C ALA C 246 19.07 -39.75 32.80
N SER C 247 19.85 -38.75 33.19
CA SER C 247 19.36 -37.39 33.43
C SER C 247 19.45 -36.51 32.20
N ALA C 248 20.58 -36.54 31.49
CA ALA C 248 20.82 -35.69 30.33
C ALA C 248 19.80 -35.93 29.22
N ALA C 249 19.41 -37.19 29.01
CA ALA C 249 18.41 -37.53 28.00
C ALA C 249 17.07 -36.89 28.30
N ARG C 250 16.58 -37.02 29.54
CA ARG C 250 15.29 -36.47 29.90
C ARG C 250 15.31 -34.93 29.90
N VAL C 251 16.43 -34.32 30.31
CA VAL C 251 16.55 -32.87 30.25
C VAL C 251 16.52 -32.39 28.80
N ALA C 252 17.33 -33.01 27.94
CA ALA C 252 17.37 -32.66 26.52
C ALA C 252 16.00 -32.80 25.86
N LEU C 253 15.29 -33.90 26.15
CA LEU C 253 13.96 -34.10 25.59
C LEU C 253 12.96 -33.05 26.07
N GLY C 254 12.84 -32.86 27.40
CA GLY C 254 11.88 -31.89 27.91
C GLY C 254 12.18 -30.45 27.49
N ILE C 255 13.45 -30.05 27.62
CA ILE C 255 13.88 -28.72 27.24
C ILE C 255 13.65 -28.47 25.74
N THR C 256 13.96 -29.47 24.89
CA THR C 256 13.75 -29.34 23.45
C THR C 256 12.28 -29.15 23.13
N THR C 257 11.39 -29.91 23.80
CA THR C 257 9.96 -29.74 23.56
C THR C 257 9.49 -28.35 23.97
N VAL C 258 9.98 -27.85 25.11
CA VAL C 258 9.61 -26.50 25.57
C VAL C 258 10.07 -25.45 24.57
N LEU C 259 11.31 -25.58 24.08
CA LEU C 259 11.85 -24.63 23.09
C LEU C 259 11.09 -24.71 21.77
N THR C 260 10.72 -25.92 21.34
CA THR C 260 9.96 -26.10 20.11
C THR C 260 8.60 -25.42 20.24
N MET C 261 7.98 -25.54 21.42
CA MET C 261 6.70 -24.89 21.68
C MET C 261 6.85 -23.36 21.59
N THR C 262 7.95 -22.82 22.14
CA THR C 262 8.20 -21.39 22.04
C THR C 262 8.39 -20.95 20.59
N THR C 263 9.12 -21.77 19.80
CA THR C 263 9.33 -21.50 18.37
C THR C 263 8.00 -21.41 17.64
N ILE C 264 7.15 -22.41 17.86
CA ILE C 264 5.79 -22.49 17.31
C ILE C 264 5.02 -21.20 17.62
N ASN C 265 5.02 -20.80 18.90
CA ASN C 265 4.31 -19.59 19.31
C ASN C 265 4.85 -18.33 18.64
N THR C 266 6.18 -18.16 18.64
CA THR C 266 6.82 -16.99 18.03
C THR C 266 6.43 -16.84 16.57
N HIS C 267 6.45 -17.94 15.81
CA HIS C 267 6.08 -17.89 14.40
C HIS C 267 4.65 -17.39 14.20
N LEU C 268 3.72 -17.84 15.03
CA LEU C 268 2.32 -17.43 14.93
C LEU C 268 2.10 -15.95 15.27
N ARG C 269 2.79 -15.45 16.31
CA ARG C 269 2.54 -14.10 16.83
C ARG C 269 2.83 -13.00 15.82
N GLU C 270 3.88 -13.16 15.00
CA GLU C 270 4.27 -12.10 14.06
C GLU C 270 3.17 -11.80 13.04
N THR C 271 2.36 -12.80 12.70
CA THR C 271 1.27 -12.61 11.74
C THR C 271 0.14 -11.75 12.32
N LEU C 272 -0.35 -12.13 13.49
CA LEU C 272 -1.49 -11.48 14.12
C LEU C 272 -1.17 -10.07 14.63
N PRO C 273 -2.19 -9.19 14.71
CA PRO C 273 -1.95 -7.84 15.24
C PRO C 273 -1.81 -7.85 16.76
N LYS C 274 -1.24 -6.76 17.27
CA LYS C 274 -1.01 -6.58 18.70
C LYS C 274 -2.29 -6.36 19.50
N ILE C 275 -3.08 -7.42 19.67
CA ILE C 275 -4.33 -7.36 20.45
C ILE C 275 -4.08 -7.79 21.89
N PRO C 276 -4.68 -7.11 22.88
CA PRO C 276 -4.38 -7.45 24.28
C PRO C 276 -4.97 -8.77 24.76
N TYR C 277 -6.21 -9.07 24.40
CA TYR C 277 -6.90 -10.25 24.89
C TYR C 277 -6.29 -11.55 24.36
N VAL C 278 -6.65 -12.65 25.03
CA VAL C 278 -6.14 -13.97 24.68
C VAL C 278 -7.07 -14.63 23.66
N LYS C 279 -6.49 -15.01 22.53
CA LYS C 279 -7.23 -15.69 21.47
C LYS C 279 -7.43 -17.16 21.85
N ALA C 280 -8.13 -17.89 20.98
CA ALA C 280 -8.32 -19.31 21.22
C ALA C 280 -7.05 -20.11 20.91
N ILE C 281 -6.38 -19.76 19.82
CA ILE C 281 -5.14 -20.44 19.46
C ILE C 281 -4.04 -20.13 20.48
N ASP C 282 -4.03 -18.92 21.05
CA ASP C 282 -3.09 -18.59 22.11
C ASP C 282 -3.42 -19.38 23.37
N MET C 283 -4.70 -19.58 23.66
CA MET C 283 -5.12 -20.43 24.77
C MET C 283 -4.62 -21.86 24.60
N TYR C 284 -4.73 -22.40 23.37
CA TYR C 284 -4.24 -23.75 23.11
C TYR C 284 -2.72 -23.83 23.27
N LEU C 285 -2.00 -22.82 22.78
CA LEU C 285 -0.55 -22.81 22.94
C LEU C 285 -0.14 -22.69 24.40
N MET C 286 -0.88 -21.91 25.19
CA MET C 286 -0.60 -21.83 26.62
C MET C 286 -0.89 -23.16 27.32
N GLY C 287 -1.93 -23.87 26.89
CA GLY C 287 -2.19 -25.19 27.44
C GLY C 287 -1.09 -26.20 27.12
N CYS C 288 -0.67 -26.25 25.87
CA CYS C 288 0.42 -27.14 25.46
C CYS C 288 1.73 -26.79 26.16
N PHE C 289 2.02 -25.49 26.33
CA PHE C 289 3.23 -25.08 27.02
C PHE C 289 3.18 -25.44 28.49
N VAL C 290 2.03 -25.23 29.15
CA VAL C 290 1.89 -25.60 30.56
C VAL C 290 2.05 -27.10 30.74
N PHE C 291 1.58 -27.88 29.76
CA PHE C 291 1.75 -29.34 29.82
C PHE C 291 3.21 -29.75 29.71
N VAL C 292 3.93 -29.24 28.71
CA VAL C 292 5.35 -29.62 28.58
C VAL C 292 6.19 -29.05 29.74
N PHE C 293 5.81 -27.88 30.26
CA PHE C 293 6.49 -27.30 31.41
C PHE C 293 6.30 -28.14 32.66
N MET C 294 5.06 -28.57 32.94
CA MET C 294 4.83 -29.44 34.10
C MET C 294 5.48 -30.81 33.91
N ALA C 295 5.62 -31.29 32.66
CA ALA C 295 6.40 -32.50 32.42
C ALA C 295 7.85 -32.33 32.83
N LEU C 296 8.46 -31.19 32.46
CA LEU C 296 9.84 -30.92 32.88
C LEU C 296 9.95 -30.76 34.41
N LEU C 297 8.97 -30.09 35.03
CA LEU C 297 8.96 -29.97 36.49
C LEU C 297 8.77 -31.32 37.18
N GLU C 298 7.96 -32.20 36.60
CA GLU C 298 7.78 -33.54 37.13
C GLU C 298 9.08 -34.32 37.06
N TYR C 299 9.82 -34.17 35.97
CA TYR C 299 11.14 -34.79 35.92
C TYR C 299 12.07 -34.22 37.00
N ALA C 300 12.03 -32.90 37.20
CA ALA C 300 12.86 -32.29 38.25
C ALA C 300 12.50 -32.83 39.63
N LEU C 301 11.21 -33.04 39.88
CA LEU C 301 10.77 -33.59 41.16
C LEU C 301 11.17 -35.05 41.31
N VAL C 302 11.08 -35.86 40.25
CA VAL C 302 11.54 -37.24 40.33
C VAL C 302 13.05 -37.31 40.53
N ASN C 303 13.80 -36.40 39.89
CA ASN C 303 15.26 -36.39 40.03
C ASN C 303 15.70 -35.89 41.40
N TYR C 304 14.87 -35.09 42.08
CA TYR C 304 15.27 -34.56 43.39
C TYR C 304 15.25 -35.65 44.45
N ILE C 305 14.30 -36.59 44.36
CA ILE C 305 14.14 -37.62 45.39
C ILE C 305 14.50 -38.99 44.81
N PHE C 306 15.42 -39.02 43.84
CA PHE C 306 15.79 -40.31 43.25
C PHE C 306 16.78 -41.09 44.09
N PHE C 307 17.79 -40.44 44.69
CA PHE C 307 18.76 -41.16 45.49
C PHE C 307 18.20 -41.62 46.82
N SER C 308 17.16 -40.96 47.33
CA SER C 308 16.65 -41.22 48.66
C SER C 308 15.69 -42.40 48.65
N GLN C 309 14.65 -42.33 47.81
CA GLN C 309 13.75 -43.46 47.67
C GLN C 309 13.41 -43.71 46.20
N PRO C 310 13.55 -44.94 45.72
CA PRO C 310 13.18 -45.24 44.34
C PRO C 310 11.74 -45.66 44.17
N ALA C 311 11.09 -46.05 45.27
CA ALA C 311 9.69 -46.49 45.23
C ALA C 311 8.77 -45.34 44.86
N ARG C 312 8.88 -44.22 45.58
CA ARG C 312 8.08 -43.04 45.30
C ARG C 312 8.39 -42.46 43.92
N ALA C 313 9.65 -42.53 43.51
CA ALA C 313 10.07 -42.04 42.21
C ALA C 313 9.44 -42.85 41.08
N ALA C 314 9.52 -44.19 41.18
CA ALA C 314 8.91 -45.06 40.19
C ALA C 314 7.40 -44.92 40.18
N ALA C 315 6.79 -44.72 41.37
CA ALA C 315 5.35 -44.53 41.46
C ALA C 315 4.90 -43.26 40.75
N ILE C 316 5.63 -42.15 40.97
CA ILE C 316 5.33 -40.89 40.30
C ILE C 316 5.53 -41.01 38.80
N ASP C 317 6.54 -41.78 38.38
CA ASP C 317 6.81 -41.99 36.96
C ASP C 317 5.68 -42.77 36.28
N ARG C 318 5.25 -43.89 36.87
CA ARG C 318 4.17 -44.67 36.27
C ARG C 318 2.82 -43.99 36.41
N TRP C 319 2.67 -43.10 37.40
CA TRP C 319 1.45 -42.32 37.51
C TRP C 319 1.39 -41.25 36.43
N SER C 320 2.55 -40.64 36.12
CA SER C 320 2.62 -39.66 35.05
C SER C 320 2.33 -40.31 33.70
N ARG C 321 2.89 -41.51 33.47
CA ARG C 321 2.70 -42.26 32.23
C ARG C 321 1.24 -42.56 31.90
N ILE C 322 0.35 -42.55 32.90
CA ILE C 322 -1.06 -42.79 32.66
C ILE C 322 -1.88 -41.51 32.77
N PHE C 323 -1.50 -40.57 33.63
CA PHE C 323 -2.35 -39.42 33.90
C PHE C 323 -2.00 -38.18 33.08
N PHE C 324 -0.89 -38.18 32.34
CA PHE C 324 -0.71 -37.01 31.49
C PHE C 324 -1.58 -37.08 30.22
N PRO C 325 -1.63 -38.19 29.45
CA PRO C 325 -2.58 -38.21 28.31
C PRO C 325 -4.05 -38.07 28.68
N VAL C 326 -4.47 -38.55 29.84
CA VAL C 326 -5.87 -38.44 30.25
C VAL C 326 -6.24 -36.97 30.51
N VAL C 327 -5.37 -36.24 31.23
CA VAL C 327 -5.62 -34.83 31.51
C VAL C 327 -5.50 -34.01 30.22
N PHE C 328 -4.59 -34.38 29.33
CA PHE C 328 -4.49 -33.72 28.03
C PHE C 328 -5.74 -33.94 27.19
N SER C 329 -6.28 -35.16 27.17
CA SER C 329 -7.51 -35.42 26.44
C SER C 329 -8.70 -34.69 27.04
N PHE C 330 -8.72 -34.55 28.37
CA PHE C 330 -9.77 -33.76 29.03
C PHE C 330 -9.69 -32.30 28.62
N PHE C 331 -8.47 -31.73 28.65
CA PHE C 331 -8.28 -30.35 28.20
C PHE C 331 -8.68 -30.20 26.73
N ASN C 332 -8.32 -31.18 25.88
CA ASN C 332 -8.65 -31.09 24.47
C ASN C 332 -10.15 -31.15 24.21
N ILE C 333 -10.88 -32.01 24.94
CA ILE C 333 -12.33 -32.06 24.75
C ILE C 333 -13.01 -30.81 25.27
N VAL C 334 -12.58 -30.29 26.44
CA VAL C 334 -13.11 -29.03 26.96
C VAL C 334 -12.86 -27.87 25.99
N TYR C 335 -11.66 -27.83 25.39
CA TYR C 335 -11.32 -26.79 24.42
C TYR C 335 -12.18 -26.91 23.16
N TRP C 336 -12.21 -28.08 22.55
CA TRP C 336 -12.92 -28.27 21.29
C TRP C 336 -14.43 -28.38 21.47
N LEU C 337 -14.94 -28.38 22.71
CA LEU C 337 -16.37 -28.28 22.95
C LEU C 337 -16.79 -26.88 23.37
N TYR C 338 -15.88 -26.09 23.96
CA TYR C 338 -16.23 -24.72 24.31
C TYR C 338 -16.07 -23.77 23.15
N TYR C 339 -15.10 -24.01 22.26
CA TYR C 339 -14.82 -23.09 21.17
C TYR C 339 -15.41 -23.57 19.84
N VAL C 340 -16.45 -24.38 19.88
CA VAL C 340 -17.14 -24.83 18.67
C VAL C 340 -18.64 -24.71 18.87
N ASP D 10 -41.06 24.78 -15.02
CA ASP D 10 -39.67 25.12 -14.77
C ASP D 10 -39.50 25.95 -13.51
N ASN D 11 -39.59 25.32 -12.35
CA ASN D 11 -39.40 26.03 -11.09
C ASN D 11 -37.94 25.93 -10.63
N THR D 12 -37.04 25.51 -11.52
CA THR D 12 -35.62 25.44 -11.24
C THR D 12 -34.86 26.61 -11.85
N THR D 13 -35.47 27.32 -12.80
CA THR D 13 -34.81 28.44 -13.45
C THR D 13 -34.67 29.62 -12.49
N VAL D 14 -35.62 29.77 -11.56
CA VAL D 14 -35.55 30.83 -10.56
C VAL D 14 -34.32 30.65 -9.67
N PHE D 15 -34.06 29.40 -9.26
CA PHE D 15 -32.87 29.12 -8.45
C PHE D 15 -31.59 29.26 -9.26
N THR D 16 -31.65 28.97 -10.57
CA THR D 16 -30.52 29.23 -11.44
C THR D 16 -30.22 30.73 -11.53
N ARG D 17 -31.27 31.55 -11.64
CA ARG D 17 -31.10 32.99 -11.66
C ARG D 17 -30.56 33.52 -10.34
N ILE D 18 -31.00 32.94 -9.22
CA ILE D 18 -30.47 33.29 -7.90
C ILE D 18 -28.98 32.98 -7.82
N LEU D 19 -28.60 31.75 -8.20
CA LEU D 19 -27.19 31.33 -8.15
C LEU D 19 -26.32 32.12 -9.12
N ASP D 20 -26.89 32.58 -10.24
CA ASP D 20 -26.12 33.39 -11.17
C ASP D 20 -26.01 34.83 -10.72
N ARG D 21 -27.01 35.32 -9.98
CA ARG D 21 -26.97 36.65 -9.40
C ARG D 21 -26.03 36.70 -8.19
N LEU D 22 -25.89 35.60 -7.47
CA LEU D 22 -24.92 35.57 -6.37
C LEU D 22 -23.48 35.68 -6.86
N LEU D 23 -23.16 35.10 -8.01
CA LEU D 23 -21.79 35.02 -8.48
C LEU D 23 -21.40 36.04 -9.56
N ASP D 24 -22.23 37.05 -9.84
CA ASP D 24 -21.87 38.02 -10.86
C ASP D 24 -21.04 39.14 -10.22
N GLY D 25 -19.76 39.18 -10.55
CA GLY D 25 -18.87 40.13 -9.93
C GLY D 25 -18.36 39.70 -8.58
N TYR D 26 -18.37 38.39 -8.31
CA TYR D 26 -17.85 37.86 -7.07
C TYR D 26 -16.39 37.51 -7.26
N ASP D 27 -15.55 37.97 -6.35
CA ASP D 27 -14.11 37.75 -6.43
C ASP D 27 -13.72 36.86 -5.27
N ASN D 28 -13.42 35.59 -5.56
CA ASN D 28 -13.06 34.60 -4.56
C ASN D 28 -11.59 34.67 -4.14
N ARG D 29 -10.90 35.73 -4.52
CA ARG D 29 -9.55 36.01 -4.06
C ARG D 29 -9.55 36.95 -2.86
N LEU D 30 -10.73 37.36 -2.41
CA LEU D 30 -10.90 38.34 -1.35
C LEU D 30 -11.71 37.72 -0.23
N ARG D 31 -11.27 37.90 1.00
CA ARG D 31 -11.99 37.37 2.13
C ARG D 31 -13.19 38.27 2.45
N PRO D 32 -14.26 37.73 3.04
CA PRO D 32 -15.43 38.55 3.38
C PRO D 32 -15.09 39.57 4.46
N GLY D 33 -15.29 40.84 4.14
CA GLY D 33 -14.94 41.89 5.07
C GLY D 33 -13.48 42.25 5.02
N LEU D 34 -12.90 42.41 3.83
CA LEU D 34 -11.48 42.64 3.70
C LEU D 34 -11.07 44.01 4.21
N GLY D 35 -11.96 45.00 4.09
CA GLY D 35 -11.60 46.35 4.46
C GLY D 35 -12.32 46.84 5.70
N GLU D 36 -13.25 46.05 6.22
CA GLU D 36 -14.10 46.52 7.31
C GLU D 36 -13.94 45.72 8.60
N ARG D 37 -13.85 44.39 8.56
CA ARG D 37 -13.88 43.60 9.79
C ARG D 37 -12.86 42.49 9.68
N VAL D 38 -12.90 41.58 10.65
CA VAL D 38 -12.03 40.42 10.71
C VAL D 38 -12.90 39.22 10.39
N THR D 39 -12.44 38.39 9.45
CA THR D 39 -13.18 37.20 9.06
C THR D 39 -13.18 36.21 10.22
N GLU D 40 -14.36 35.78 10.63
CA GLU D 40 -14.52 34.92 11.80
C GLU D 40 -15.04 33.56 11.36
N VAL D 41 -14.21 32.53 11.52
CA VAL D 41 -14.54 31.17 11.09
C VAL D 41 -14.85 30.36 12.33
N LYS D 42 -16.01 29.71 12.34
CA LYS D 42 -16.41 28.87 13.45
C LYS D 42 -16.18 27.42 13.07
N THR D 43 -15.43 26.70 13.90
CA THR D 43 -14.98 25.37 13.54
C THR D 43 -15.62 24.32 14.41
N ASP D 44 -15.67 23.11 13.86
CA ASP D 44 -16.32 21.98 14.48
C ASP D 44 -15.63 20.74 13.93
N ILE D 45 -15.48 19.73 14.79
CA ILE D 45 -14.84 18.48 14.41
C ILE D 45 -15.73 17.37 14.95
N PHE D 46 -16.16 16.48 14.07
CA PHE D 46 -16.85 15.27 14.45
C PHE D 46 -15.99 14.10 14.03
N VAL D 47 -15.40 13.42 15.00
CA VAL D 47 -14.51 12.31 14.72
C VAL D 47 -15.37 11.08 14.48
N THR D 48 -15.39 10.61 13.24
CA THR D 48 -16.19 9.44 12.91
C THR D 48 -15.47 8.16 13.25
N SER D 49 -14.14 8.22 13.33
CA SER D 49 -13.33 7.07 13.72
C SER D 49 -11.94 7.55 14.11
N PHE D 50 -11.51 7.21 15.33
CA PHE D 50 -10.15 7.49 15.78
C PHE D 50 -9.29 6.30 15.36
N GLY D 51 -8.50 6.48 14.30
CA GLY D 51 -7.79 5.39 13.68
C GLY D 51 -6.63 4.87 14.54
N PRO D 52 -5.89 3.91 13.98
CA PRO D 52 -4.81 3.28 14.74
C PRO D 52 -3.63 4.22 14.93
N VAL D 53 -2.95 4.04 16.06
CA VAL D 53 -1.79 4.84 16.41
C VAL D 53 -0.54 4.07 16.04
N SER D 54 0.23 4.61 15.10
CA SER D 54 1.46 3.99 14.65
C SER D 54 2.60 4.50 15.52
N ASP D 55 3.06 3.67 16.45
CA ASP D 55 4.14 4.09 17.35
C ASP D 55 5.47 4.11 16.62
N HIS D 56 5.64 3.25 15.61
CA HIS D 56 6.89 3.19 14.86
C HIS D 56 7.13 4.43 14.00
N ASP D 57 6.09 5.17 13.65
CA ASP D 57 6.21 6.38 12.85
C ASP D 57 5.95 7.64 13.64
N MET D 58 5.59 7.51 14.93
CA MET D 58 5.18 8.61 15.81
C MET D 58 4.04 9.39 15.17
N GLU D 59 2.94 8.70 14.92
CA GLU D 59 1.83 9.30 14.22
C GLU D 59 0.56 8.52 14.55
N TYR D 60 -0.57 9.13 14.20
CA TYR D 60 -1.87 8.51 14.38
C TYR D 60 -2.76 8.93 13.21
N THR D 61 -3.86 8.21 13.05
CA THR D 61 -4.81 8.45 11.98
C THR D 61 -6.14 8.83 12.62
N ILE D 62 -6.90 9.68 11.93
CA ILE D 62 -8.19 10.12 12.45
C ILE D 62 -9.08 10.52 11.27
N ASP D 63 -10.30 9.99 11.27
CA ASP D 63 -11.29 10.27 10.23
C ASP D 63 -12.31 11.24 10.79
N VAL D 64 -12.49 12.38 10.14
CA VAL D 64 -13.28 13.47 10.70
C VAL D 64 -14.23 14.02 9.65
N PHE D 65 -15.36 14.53 10.12
CA PHE D 65 -16.10 15.55 9.38
C PHE D 65 -15.61 16.89 9.91
N PHE D 66 -15.00 17.67 9.04
CA PHE D 66 -14.41 18.95 9.43
C PHE D 66 -15.33 20.05 8.95
N ARG D 67 -15.92 20.77 9.90
CA ARG D 67 -16.95 21.75 9.60
C ARG D 67 -16.41 23.14 9.89
N GLN D 68 -16.67 24.06 8.97
CA GLN D 68 -16.30 25.45 9.14
C GLN D 68 -17.51 26.30 8.83
N SER D 69 -17.59 27.46 9.47
CA SER D 69 -18.72 28.34 9.25
C SER D 69 -18.28 29.78 9.43
N TRP D 70 -18.67 30.62 8.49
CA TRP D 70 -18.35 32.04 8.54
C TRP D 70 -19.52 32.80 7.94
N LYS D 71 -19.36 34.11 7.81
CA LYS D 71 -20.42 34.96 7.31
C LYS D 71 -19.89 35.77 6.12
N ASP D 72 -20.53 35.62 4.98
CA ASP D 72 -20.15 36.33 3.76
C ASP D 72 -21.36 37.13 3.31
N GLU D 73 -21.29 38.45 3.46
CA GLU D 73 -22.40 39.33 3.12
C GLU D 73 -22.59 39.51 1.61
N ARG D 74 -21.73 38.93 0.78
CA ARG D 74 -21.88 39.02 -0.66
C ARG D 74 -22.73 37.89 -1.21
N LEU D 75 -23.11 36.93 -0.38
CA LEU D 75 -23.91 35.79 -0.77
C LEU D 75 -25.27 35.83 -0.08
N LYS D 76 -25.82 37.03 0.08
CA LYS D 76 -27.18 37.20 0.55
C LYS D 76 -28.16 37.06 -0.60
N PHE D 77 -29.30 36.46 -0.31
CA PHE D 77 -30.34 36.28 -1.33
C PHE D 77 -31.69 36.38 -0.66
N LYS D 78 -32.74 36.36 -1.49
CA LYS D 78 -34.13 36.39 -1.04
C LYS D 78 -34.88 35.50 -2.02
N GLY D 79 -35.23 34.30 -1.59
CA GLY D 79 -35.95 33.38 -2.42
C GLY D 79 -36.97 32.57 -1.64
N PRO D 80 -37.61 31.61 -2.29
CA PRO D 80 -38.56 30.74 -1.58
C PRO D 80 -37.90 29.85 -0.54
N MET D 81 -36.66 29.43 -0.76
CA MET D 81 -35.94 28.64 0.22
C MET D 81 -35.13 29.55 1.12
N THR D 82 -34.98 29.15 2.38
CA THR D 82 -34.21 29.94 3.32
C THR D 82 -32.77 29.46 3.45
N VAL D 83 -32.49 28.24 3.00
CA VAL D 83 -31.14 27.67 3.01
C VAL D 83 -30.96 26.94 1.68
N LEU D 84 -29.90 27.26 0.96
CA LEU D 84 -29.54 26.56 -0.26
C LEU D 84 -28.51 25.50 0.08
N ARG D 85 -28.90 24.24 -0.04
CA ARG D 85 -27.98 23.13 0.20
C ARG D 85 -27.41 22.75 -1.15
N LEU D 86 -26.30 23.39 -1.49
CA LEU D 86 -25.76 23.36 -2.84
C LEU D 86 -24.79 22.19 -3.00
N ASN D 87 -24.06 22.18 -4.12
CA ASN D 87 -23.20 21.08 -4.47
C ASN D 87 -21.80 21.33 -3.92
N ASN D 88 -20.89 20.39 -4.18
CA ASN D 88 -19.50 20.54 -3.80
C ASN D 88 -18.66 21.20 -4.88
N LEU D 89 -19.28 21.66 -5.97
CA LEU D 89 -18.59 22.42 -7.00
C LEU D 89 -18.96 23.90 -6.97
N MET D 90 -19.84 24.30 -6.05
CA MET D 90 -20.10 25.72 -5.82
C MET D 90 -19.09 26.30 -4.84
N ALA D 91 -18.52 25.46 -3.98
CA ALA D 91 -17.54 25.90 -3.00
C ALA D 91 -16.19 26.27 -3.63
N SER D 92 -15.99 25.94 -4.90
CA SER D 92 -14.79 26.34 -5.62
C SER D 92 -14.95 27.69 -6.30
N LYS D 93 -16.19 28.17 -6.43
CA LYS D 93 -16.47 29.45 -7.05
C LYS D 93 -16.52 30.58 -6.03
N ILE D 94 -16.46 30.26 -4.74
CA ILE D 94 -16.56 31.24 -3.66
C ILE D 94 -15.30 31.15 -2.80
N TRP D 95 -15.20 32.08 -1.86
CA TRP D 95 -14.06 32.10 -0.95
C TRP D 95 -14.30 31.11 0.16
N THR D 96 -13.29 30.30 0.46
CA THR D 96 -13.28 29.34 1.55
C THR D 96 -11.95 29.48 2.28
N PRO D 97 -11.93 29.29 3.59
CA PRO D 97 -10.68 29.47 4.33
C PRO D 97 -9.70 28.34 4.03
N ASP D 98 -8.42 28.69 4.05
CA ASP D 98 -7.37 27.74 3.74
C ASP D 98 -6.77 27.19 5.03
N THR D 99 -7.57 26.37 5.70
CA THR D 99 -7.15 25.73 6.93
C THR D 99 -6.17 24.60 6.61
N PHE D 100 -5.09 24.53 7.36
CA PHE D 100 -4.12 23.45 7.24
C PHE D 100 -3.78 22.95 8.64
N PHE D 101 -3.32 21.71 8.70
CA PHE D 101 -3.01 21.08 9.97
C PHE D 101 -1.52 21.22 10.25
N HIS D 102 -1.20 21.85 11.39
CA HIS D 102 0.17 22.18 11.73
C HIS D 102 1.02 20.93 11.96
N ASN D 103 0.42 19.82 12.36
CA ASN D 103 1.19 18.61 12.60
C ASN D 103 0.72 17.47 11.71
N GLY D 104 -0.04 17.79 10.66
CA GLY D 104 -0.47 16.77 9.73
C GLY D 104 0.67 16.41 8.80
N LYS D 105 0.83 15.11 8.54
CA LYS D 105 1.93 14.64 7.72
C LYS D 105 1.50 14.49 6.27
N LYS D 106 0.54 13.60 6.00
CA LYS D 106 0.02 13.34 4.65
C LYS D 106 -1.45 12.96 4.84
N SER D 107 -2.31 13.96 4.71
CA SER D 107 -3.74 13.79 4.88
C SER D 107 -4.39 13.57 3.52
N VAL D 108 -5.56 12.96 3.54
CA VAL D 108 -6.31 12.69 2.32
C VAL D 108 -7.69 13.32 2.49
N ALA D 109 -8.26 13.80 1.39
CA ALA D 109 -9.62 14.29 1.33
C ALA D 109 -10.36 13.40 0.34
N HIS D 110 -11.40 12.72 0.82
CA HIS D 110 -12.02 11.67 0.05
C HIS D 110 -12.80 12.21 -1.14
N ASN D 111 -12.77 11.45 -2.23
CA ASN D 111 -13.30 11.84 -3.52
C ASN D 111 -14.20 10.76 -4.09
N MET D 112 -14.80 9.96 -3.21
CA MET D 112 -15.56 8.78 -3.60
C MET D 112 -16.98 8.92 -3.06
N THR D 113 -17.98 8.88 -3.95
CA THR D 113 -17.85 8.78 -5.40
C THR D 113 -17.71 10.15 -6.01
N MET D 114 -18.31 11.13 -5.35
CA MET D 114 -18.18 12.55 -5.59
C MET D 114 -17.29 13.14 -4.51
N PRO D 115 -16.76 14.36 -4.70
CA PRO D 115 -16.02 15.01 -3.61
C PRO D 115 -16.86 15.16 -2.34
N ASN D 116 -16.38 14.56 -1.25
CA ASN D 116 -17.12 14.53 0.01
C ASN D 116 -17.02 15.90 0.67
N LYS D 117 -17.80 16.83 0.15
CA LYS D 117 -17.87 18.19 0.65
C LYS D 117 -19.32 18.61 0.70
N LEU D 118 -19.57 19.67 1.46
CA LEU D 118 -20.93 20.11 1.75
C LEU D 118 -20.91 21.62 1.83
N LEU D 119 -21.81 22.27 1.11
CA LEU D 119 -21.92 23.72 1.16
C LEU D 119 -23.38 24.09 1.35
N ARG D 120 -23.67 24.89 2.37
CA ARG D 120 -25.01 25.38 2.61
C ARG D 120 -24.94 26.88 2.78
N ILE D 121 -25.81 27.60 2.07
CA ILE D 121 -25.85 29.06 2.13
C ILE D 121 -27.22 29.45 2.66
N THR D 122 -27.24 30.17 3.77
CA THR D 122 -28.47 30.65 4.38
C THR D 122 -28.76 32.05 3.82
N GLU D 123 -30.03 32.46 3.88
CA GLU D 123 -30.49 33.70 3.26
C GLU D 123 -29.79 34.95 3.80
N ASP D 124 -29.37 34.94 5.07
CA ASP D 124 -28.76 36.13 5.64
C ASP D 124 -27.27 36.24 5.35
N GLY D 125 -26.67 35.22 4.74
CA GLY D 125 -25.29 35.25 4.32
C GLY D 125 -24.35 34.31 5.04
N THR D 126 -24.81 33.54 6.01
CA THR D 126 -23.91 32.62 6.73
C THR D 126 -23.71 31.38 5.87
N LEU D 127 -22.47 30.90 5.85
CA LEU D 127 -22.11 29.71 5.07
C LEU D 127 -21.63 28.62 6.00
N LEU D 128 -22.13 27.41 5.78
CA LEU D 128 -21.61 26.23 6.44
C LEU D 128 -20.91 25.37 5.41
N TYR D 129 -19.66 25.01 5.68
CA TYR D 129 -18.81 24.30 4.74
C TYR D 129 -18.17 23.14 5.47
N THR D 130 -18.48 21.93 5.03
CA THR D 130 -18.07 20.71 5.70
C THR D 130 -17.30 19.84 4.72
N MET D 131 -16.22 19.22 5.21
CA MET D 131 -15.40 18.31 4.43
C MET D 131 -15.27 17.01 5.20
N ARG D 132 -15.04 15.92 4.48
CA ARG D 132 -14.73 14.64 5.11
C ARG D 132 -13.32 14.28 4.66
N LEU D 133 -12.45 14.06 5.63
CA LEU D 133 -11.05 13.89 5.31
C LEU D 133 -10.38 13.08 6.39
N THR D 134 -9.26 12.47 6.03
CA THR D 134 -8.50 11.58 6.90
C THR D 134 -7.19 12.27 7.24
N VAL D 135 -7.06 12.70 8.46
CA VAL D 135 -5.83 13.35 8.89
C VAL D 135 -4.86 12.29 9.34
N ARG D 136 -3.62 12.41 8.92
CA ARG D 136 -2.53 11.58 9.41
C ARG D 136 -1.59 12.57 10.07
N ALA D 137 -1.69 12.69 11.39
CA ALA D 137 -1.02 13.75 12.12
C ALA D 137 0.13 13.17 12.92
N GLU D 138 0.99 14.05 13.41
CA GLU D 138 2.19 13.64 14.13
C GLU D 138 1.96 13.73 15.63
N CYS D 139 2.34 12.68 16.34
CA CYS D 139 2.20 12.58 17.78
C CYS D 139 3.58 12.30 18.36
N PRO D 140 4.28 13.30 18.90
CA PRO D 140 5.59 13.02 19.50
C PRO D 140 5.43 12.30 20.83
N MET D 141 6.10 11.16 20.97
CA MET D 141 5.92 10.31 22.12
C MET D 141 7.22 10.25 22.91
N HIS D 142 7.07 10.19 24.23
CA HIS D 142 8.17 10.01 25.17
C HIS D 142 7.99 8.61 25.75
N LEU D 143 8.68 7.65 25.14
CA LEU D 143 8.55 6.23 25.44
C LEU D 143 9.52 5.78 26.53
N GLU D 144 9.52 6.51 27.65
CA GLU D 144 10.38 6.15 28.78
C GLU D 144 9.72 5.14 29.70
N ASP D 145 8.40 5.15 29.78
CA ASP D 145 7.65 4.24 30.64
C ASP D 145 6.93 3.16 29.84
N PHE D 146 7.40 2.89 28.63
CA PHE D 146 6.82 1.85 27.77
C PHE D 146 6.92 0.48 28.42
N PRO D 147 5.85 -0.33 28.39
CA PRO D 147 4.54 -0.10 27.79
C PRO D 147 3.46 0.31 28.79
N MET D 148 3.80 1.16 29.75
CA MET D 148 2.87 1.64 30.75
C MET D 148 2.80 3.16 30.70
N ASP D 149 2.73 3.68 29.48
CA ASP D 149 2.83 5.10 29.22
C ASP D 149 1.48 5.65 28.76
N ALA D 150 1.31 6.94 28.98
CA ALA D 150 0.14 7.66 28.49
C ALA D 150 0.62 8.81 27.61
N HIS D 151 -0.20 9.17 26.64
CA HIS D 151 0.18 10.20 25.67
C HIS D 151 -0.98 11.17 25.51
N ALA D 152 -0.67 12.31 24.92
CA ALA D 152 -1.66 13.32 24.55
C ALA D 152 -1.32 13.71 23.12
N CYS D 153 -2.00 13.08 22.18
CA CYS D 153 -1.68 13.30 20.78
C CYS D 153 -2.37 14.57 20.30
N PRO D 154 -1.64 15.53 19.75
CA PRO D 154 -2.24 16.81 19.39
C PRO D 154 -2.79 16.82 17.97
N LEU D 155 -3.62 17.83 17.70
CA LEU D 155 -4.13 18.09 16.36
C LEU D 155 -4.30 19.61 16.26
N LYS D 156 -3.27 20.26 15.74
CA LYS D 156 -3.26 21.71 15.62
C LYS D 156 -3.65 22.10 14.20
N PHE D 157 -4.61 23.00 14.07
CA PHE D 157 -4.96 23.55 12.77
C PHE D 157 -5.12 25.06 12.89
N GLY D 158 -4.88 25.73 11.79
CA GLY D 158 -4.98 27.16 11.74
C GLY D 158 -5.07 27.59 10.31
N SER D 159 -4.81 28.87 10.06
CA SER D 159 -4.90 29.43 8.73
C SER D 159 -3.51 29.60 8.14
N TYR D 160 -3.35 29.12 6.92
CA TYR D 160 -2.20 29.46 6.10
C TYR D 160 -2.59 30.73 5.36
N ALA D 161 -1.65 31.66 5.22
CA ALA D 161 -1.70 32.89 4.41
C ALA D 161 -2.55 34.00 5.03
N TYR D 162 -3.26 33.76 6.12
CA TYR D 162 -4.11 34.79 6.73
C TYR D 162 -3.70 34.94 8.19
N THR D 163 -3.17 36.11 8.55
CA THR D 163 -2.67 36.34 9.89
C THR D 163 -3.82 36.56 10.87
N ARG D 164 -3.48 36.93 12.11
CA ARG D 164 -4.48 37.09 13.16
C ARG D 164 -5.34 38.34 12.95
N ALA D 165 -4.81 39.35 12.28
CA ALA D 165 -5.58 40.55 11.97
C ALA D 165 -6.48 40.38 10.76
N GLU D 166 -6.51 39.20 10.14
CA GLU D 166 -7.32 38.96 8.95
C GLU D 166 -8.37 37.87 9.16
N VAL D 167 -7.96 36.71 9.66
CA VAL D 167 -8.86 35.57 9.84
C VAL D 167 -8.60 35.01 11.23
N VAL D 168 -9.65 34.91 12.04
CA VAL D 168 -9.55 34.29 13.36
C VAL D 168 -10.48 33.10 13.38
N TYR D 169 -10.10 32.09 14.15
CA TYR D 169 -10.87 30.88 14.32
C TYR D 169 -11.46 30.83 15.72
N GLU D 170 -12.54 30.07 15.86
CA GLU D 170 -13.22 29.91 17.14
C GLU D 170 -14.05 28.64 17.03
N TRP D 171 -14.36 28.05 18.18
CA TRP D 171 -15.19 26.87 18.20
C TRP D 171 -16.65 27.28 18.09
N THR D 172 -17.44 26.48 17.37
CA THR D 172 -18.82 26.88 17.11
C THR D 172 -19.73 26.63 18.31
N ARG D 173 -19.41 25.66 19.15
CA ARG D 173 -20.09 25.39 20.40
C ARG D 173 -19.12 25.66 21.52
N GLU D 174 -19.55 25.36 22.75
CA GLU D 174 -18.67 25.39 23.92
C GLU D 174 -17.43 24.54 23.65
N PRO D 175 -16.23 25.04 23.97
CA PRO D 175 -14.99 24.31 23.72
C PRO D 175 -14.94 22.87 24.24
N ALA D 176 -15.60 22.57 25.34
CA ALA D 176 -15.67 21.20 25.81
C ALA D 176 -16.57 20.34 24.94
N ARG D 177 -17.45 20.95 24.14
CA ARG D 177 -18.42 20.22 23.34
C ARG D 177 -18.22 20.38 21.85
N SER D 178 -17.08 20.91 21.41
CA SER D 178 -16.90 21.17 19.99
C SER D 178 -16.29 19.98 19.26
N VAL D 179 -15.19 19.43 19.74
CA VAL D 179 -14.64 18.21 19.17
C VAL D 179 -15.40 17.04 19.76
N VAL D 180 -16.11 16.30 18.91
CA VAL D 180 -16.98 15.21 19.33
C VAL D 180 -16.49 13.94 18.67
N VAL D 181 -16.14 12.95 19.47
CA VAL D 181 -15.71 11.65 18.98
C VAL D 181 -16.91 10.72 19.07
N ALA D 182 -17.16 9.94 18.00
CA ALA D 182 -18.28 9.03 17.99
C ALA D 182 -18.05 7.86 18.95
N GLU D 183 -19.15 7.16 19.25
CA GLU D 183 -19.09 6.03 20.18
C GLU D 183 -18.42 4.82 19.54
N ASP D 184 -18.95 4.38 18.39
CA ASP D 184 -18.35 3.28 17.64
C ASP D 184 -17.14 3.70 16.80
N GLY D 185 -16.68 4.94 16.94
CA GLY D 185 -15.54 5.44 16.21
C GLY D 185 -14.22 5.20 16.90
N SER D 186 -13.73 3.96 16.89
CA SER D 186 -12.46 3.65 17.53
C SER D 186 -11.84 2.46 16.82
N ARG D 187 -10.79 2.70 16.04
CA ARG D 187 -10.00 1.65 15.42
C ARG D 187 -8.76 1.33 16.21
N LEU D 188 -8.75 1.66 17.50
CA LEU D 188 -7.60 1.43 18.34
C LEU D 188 -7.55 -0.01 18.81
N ASN D 189 -6.38 -0.63 18.69
CA ASN D 189 -6.14 -1.97 19.18
C ASN D 189 -5.20 -1.99 20.38
N GLN D 190 -4.31 -1.02 20.47
CA GLN D 190 -3.23 -1.00 21.43
C GLN D 190 -3.39 0.07 22.49
N TYR D 191 -4.22 1.08 22.24
CA TYR D 191 -4.40 2.20 23.15
C TYR D 191 -5.86 2.29 23.56
N ASP D 192 -6.14 3.28 24.40
CA ASP D 192 -7.48 3.53 24.92
C ASP D 192 -7.71 5.03 24.99
N LEU D 193 -8.67 5.52 24.21
CA LEU D 193 -8.96 6.94 24.21
C LEU D 193 -9.70 7.32 25.49
N LEU D 194 -9.16 8.29 26.22
CA LEU D 194 -9.72 8.69 27.51
C LEU D 194 -10.58 9.93 27.41
N GLY D 195 -10.29 10.82 26.47
CA GLY D 195 -11.06 12.03 26.33
C GLY D 195 -10.35 12.98 25.39
N GLN D 196 -10.96 14.15 25.23
CA GLN D 196 -10.41 15.18 24.36
C GLN D 196 -10.14 16.42 25.18
N THR D 197 -9.41 17.35 24.57
CA THR D 197 -8.97 18.57 25.24
C THR D 197 -8.62 19.57 24.18
N VAL D 198 -9.35 20.69 24.13
CA VAL D 198 -9.10 21.70 23.12
C VAL D 198 -8.44 22.90 23.76
N ASP D 199 -7.87 23.75 22.91
CA ASP D 199 -7.23 24.99 23.32
C ASP D 199 -7.13 25.86 22.07
N SER D 200 -6.81 27.12 22.28
CA SER D 200 -6.65 28.05 21.18
C SER D 200 -5.48 28.97 21.52
N GLY D 201 -4.68 29.28 20.51
CA GLY D 201 -3.50 30.08 20.76
C GLY D 201 -3.05 30.80 19.51
N ILE D 202 -1.83 31.32 19.59
CA ILE D 202 -1.23 32.15 18.56
C ILE D 202 0.18 31.64 18.32
N VAL D 203 0.55 31.48 17.04
CA VAL D 203 1.91 31.12 16.67
C VAL D 203 2.54 32.35 16.02
N GLN D 204 3.80 32.60 16.37
CA GLN D 204 4.53 33.77 15.88
C GLN D 204 5.50 33.29 14.81
N SER D 205 5.18 33.57 13.56
CA SER D 205 5.98 33.15 12.44
C SER D 205 6.79 34.32 11.90
N SER D 206 7.54 34.07 10.82
CA SER D 206 8.32 35.10 10.16
C SER D 206 7.47 36.05 9.35
N THR D 207 6.19 35.73 9.15
CA THR D 207 5.28 36.52 8.33
C THR D 207 4.14 37.14 9.12
N GLY D 208 4.03 36.86 10.41
CA GLY D 208 3.00 37.45 11.23
C GLY D 208 2.55 36.46 12.29
N GLU D 209 1.50 36.85 13.02
CA GLU D 209 0.90 35.99 14.03
C GLU D 209 -0.32 35.29 13.45
N TYR D 210 -0.47 34.01 13.77
CA TYR D 210 -1.54 33.19 13.22
C TYR D 210 -2.29 32.50 14.34
N VAL D 211 -3.61 32.42 14.19
CA VAL D 211 -4.44 31.71 15.15
C VAL D 211 -4.26 30.22 14.95
N VAL D 212 -4.10 29.49 16.05
CA VAL D 212 -3.88 28.05 16.02
C VAL D 212 -4.87 27.43 17.00
N MET D 213 -5.67 26.49 16.50
CA MET D 213 -6.61 25.76 17.33
C MET D 213 -6.04 24.38 17.60
N THR D 214 -5.95 24.02 18.87
CA THR D 214 -5.30 22.80 19.30
C THR D 214 -6.34 21.83 19.84
N THR D 215 -6.11 20.55 19.61
CA THR D 215 -6.96 19.50 20.16
C THR D 215 -6.06 18.37 20.60
N HIS D 216 -6.18 17.95 21.84
CA HIS D 216 -5.38 16.87 22.39
C HIS D 216 -6.28 15.68 22.67
N PHE D 217 -5.90 14.52 22.18
CA PHE D 217 -6.56 13.27 22.50
C PHE D 217 -5.68 12.49 23.46
N HIS D 218 -6.24 12.11 24.60
CA HIS D 218 -5.47 11.47 25.65
C HIS D 218 -5.60 9.96 25.51
N LEU D 219 -4.48 9.27 25.47
CA LEU D 219 -4.43 7.86 25.20
C LEU D 219 -3.70 7.15 26.33
N LYS D 220 -4.08 5.91 26.56
CA LYS D 220 -3.48 5.07 27.59
C LYS D 220 -3.21 3.72 26.97
N ARG D 221 -1.97 3.26 27.06
CA ARG D 221 -1.59 2.04 26.37
C ARG D 221 -2.08 0.83 27.16
N LYS D 222 -2.57 -0.17 26.42
CA LYS D 222 -3.06 -1.39 27.03
C LYS D 222 -1.90 -2.36 27.17
N ILE D 223 -1.74 -2.92 28.37
CA ILE D 223 -0.58 -3.73 28.68
C ILE D 223 -0.79 -5.19 28.32
N GLY D 224 -2.02 -5.57 27.94
CA GLY D 224 -2.37 -6.97 27.76
C GLY D 224 -1.58 -7.69 26.68
N TYR D 225 -1.15 -6.97 25.66
CA TYR D 225 -0.34 -7.62 24.62
C TYR D 225 1.08 -7.85 25.12
N PHE D 226 1.70 -6.82 25.69
CA PHE D 226 3.10 -6.88 26.07
C PHE D 226 3.32 -7.80 27.26
N VAL D 227 2.32 -7.98 28.12
CA VAL D 227 2.40 -8.97 29.20
C VAL D 227 2.64 -10.36 28.61
N ILE D 228 1.72 -10.83 27.77
CA ILE D 228 1.81 -12.14 27.14
C ILE D 228 3.00 -12.24 26.18
N GLN D 229 3.43 -11.13 25.59
CA GLN D 229 4.55 -11.20 24.67
C GLN D 229 5.88 -11.30 25.41
N THR D 230 6.09 -10.48 26.43
CA THR D 230 7.39 -10.38 27.04
C THR D 230 7.42 -10.65 28.53
N TYR D 231 6.46 -10.13 29.31
CA TYR D 231 6.65 -10.14 30.76
C TYR D 231 6.34 -11.48 31.37
N LEU D 232 5.42 -12.22 30.81
CA LEU D 232 5.14 -13.57 31.26
C LEU D 232 6.19 -14.58 30.74
N PRO D 233 6.62 -14.54 29.45
CA PRO D 233 7.75 -15.42 29.06
C PRO D 233 9.05 -15.15 29.79
N CYS D 234 9.37 -13.89 30.15
CA CYS D 234 10.57 -13.60 30.93
C CYS D 234 10.50 -14.26 32.31
N ILE D 235 9.33 -14.16 32.96
CA ILE D 235 9.14 -14.75 34.27
C ILE D 235 9.22 -16.27 34.20
N MET D 236 8.61 -16.87 33.16
CA MET D 236 8.67 -18.31 32.99
C MET D 236 10.08 -18.81 32.67
N THR D 237 10.86 -18.02 31.93
CA THR D 237 12.24 -18.38 31.65
C THR D 237 13.12 -18.27 32.89
N VAL D 238 12.88 -17.25 33.72
CA VAL D 238 13.60 -17.12 34.99
C VAL D 238 13.28 -18.29 35.92
N ILE D 239 12.00 -18.71 35.95
CA ILE D 239 11.60 -19.89 36.72
C ILE D 239 12.25 -21.16 36.16
N LEU D 240 12.34 -21.27 34.83
CA LEU D 240 13.03 -22.40 34.21
C LEU D 240 14.52 -22.44 34.52
N SER D 241 15.12 -21.27 34.69
CA SER D 241 16.52 -21.22 35.13
C SER D 241 16.64 -21.65 36.58
N GLN D 242 15.69 -21.23 37.42
CA GLN D 242 15.72 -21.52 38.85
C GLN D 242 15.41 -22.98 39.15
N VAL D 243 14.75 -23.70 38.25
CA VAL D 243 14.47 -25.11 38.45
C VAL D 243 15.72 -25.97 38.34
N SER D 244 16.82 -25.41 37.83
CA SER D 244 18.08 -26.14 37.75
C SER D 244 18.70 -26.35 39.12
N PHE D 245 18.32 -25.56 40.13
CA PHE D 245 18.89 -25.66 41.46
C PHE D 245 18.42 -26.90 42.21
N TRP D 246 17.39 -27.59 41.72
CA TRP D 246 16.84 -28.76 42.37
C TRP D 246 17.38 -30.06 41.84
N LEU D 247 18.05 -30.05 40.69
CA LEU D 247 18.68 -31.25 40.18
C LEU D 247 19.91 -31.58 41.00
N ASN D 248 20.26 -32.86 41.02
CA ASN D 248 21.39 -33.35 41.79
C ASN D 248 22.70 -32.84 41.22
N ARG D 249 23.71 -32.80 42.08
CA ARG D 249 25.03 -32.28 41.74
C ARG D 249 25.82 -33.25 40.87
N GLU D 250 25.32 -34.46 40.69
CA GLU D 250 25.96 -35.49 39.89
C GLU D 250 25.54 -35.41 38.44
N SER D 251 24.53 -34.60 38.13
CA SER D 251 24.06 -34.38 36.76
C SER D 251 24.56 -33.01 36.29
N VAL D 252 25.80 -32.99 35.81
CA VAL D 252 26.43 -31.75 35.34
C VAL D 252 25.99 -31.34 33.93
N PRO D 253 25.84 -32.24 32.92
CA PRO D 253 25.32 -31.76 31.62
C PRO D 253 23.88 -31.29 31.68
N ALA D 254 23.06 -31.91 32.55
CA ALA D 254 21.68 -31.52 32.74
C ALA D 254 21.55 -30.05 33.13
N ARG D 255 22.22 -29.67 34.22
CA ARG D 255 22.15 -28.29 34.69
C ARG D 255 22.88 -27.35 33.75
N THR D 256 23.91 -27.84 33.06
CA THR D 256 24.61 -27.03 32.06
C THR D 256 23.67 -26.63 30.92
N VAL D 257 22.96 -27.60 30.35
CA VAL D 257 22.07 -27.29 29.23
C VAL D 257 20.85 -26.50 29.71
N PHE D 258 20.38 -26.73 30.94
CA PHE D 258 19.40 -25.83 31.58
C PHE D 258 19.83 -24.37 31.55
N GLY D 259 21.00 -24.07 32.14
CA GLY D 259 21.48 -22.70 32.20
C GLY D 259 21.70 -22.07 30.84
N VAL D 260 22.38 -22.79 29.94
CA VAL D 260 22.73 -22.20 28.65
C VAL D 260 21.49 -22.05 27.76
N THR D 261 20.55 -22.99 27.86
CA THR D 261 19.30 -22.91 27.13
C THR D 261 18.48 -21.71 27.57
N THR D 262 18.38 -21.49 28.89
CA THR D 262 17.67 -20.33 29.42
C THR D 262 18.32 -19.02 28.97
N VAL D 263 19.66 -18.97 28.93
CA VAL D 263 20.35 -17.78 28.41
C VAL D 263 20.02 -17.54 26.93
N LEU D 264 20.00 -18.61 26.12
CA LEU D 264 19.67 -18.51 24.69
C LEU D 264 18.25 -18.00 24.47
N THR D 265 17.27 -18.57 25.19
CA THR D 265 15.90 -18.11 25.04
C THR D 265 15.73 -16.68 25.57
N MET D 266 16.43 -16.29 26.64
CA MET D 266 16.36 -14.89 27.09
C MET D 266 16.90 -13.94 26.02
N THR D 267 17.93 -14.36 25.29
CA THR D 267 18.49 -13.54 24.22
C THR D 267 17.51 -13.40 23.08
N THR D 268 16.90 -14.52 22.67
CA THR D 268 15.91 -14.47 21.58
C THR D 268 14.65 -13.72 22.00
N LEU D 269 14.30 -13.79 23.28
CA LEU D 269 13.20 -13.00 23.82
C LEU D 269 13.48 -11.50 23.77
N SER D 270 14.69 -11.09 24.17
CA SER D 270 15.05 -9.67 24.14
C SER D 270 15.10 -9.12 22.72
N ILE D 271 15.62 -9.89 21.76
CA ILE D 271 15.62 -9.41 20.38
C ILE D 271 14.19 -9.36 19.82
N SER D 272 13.37 -10.39 20.08
CA SER D 272 11.99 -10.38 19.59
C SER D 272 11.14 -9.31 20.26
N ALA D 273 11.50 -8.89 21.48
CA ALA D 273 10.73 -7.89 22.21
C ALA D 273 11.16 -6.48 21.87
N ARG D 274 12.39 -6.27 21.43
CA ARG D 274 12.84 -4.92 21.08
C ARG D 274 12.32 -4.45 19.72
N ASN D 275 12.01 -5.37 18.80
CA ASN D 275 11.65 -5.01 17.43
C ASN D 275 10.26 -4.40 17.28
N SER D 276 9.43 -4.40 18.33
CA SER D 276 8.10 -3.81 18.21
C SER D 276 8.18 -2.30 18.36
N LEU D 277 8.80 -1.85 19.43
CA LEU D 277 8.99 -0.44 19.70
C LEU D 277 9.98 0.13 18.68
N PRO D 278 9.80 1.39 18.25
CA PRO D 278 10.80 2.03 17.39
C PRO D 278 12.16 2.15 18.04
N LYS D 279 13.16 2.48 17.21
CA LYS D 279 14.56 2.42 17.63
C LYS D 279 14.94 3.69 18.39
N VAL D 280 14.45 3.78 19.62
CA VAL D 280 14.81 4.89 20.49
C VAL D 280 16.15 4.62 21.14
N ALA D 281 16.79 5.68 21.61
CA ALA D 281 18.15 5.61 22.14
C ALA D 281 18.19 5.67 23.66
N TYR D 282 17.15 5.21 24.33
CA TYR D 282 17.12 5.18 25.78
C TYR D 282 16.51 3.87 26.24
N ALA D 283 16.37 3.73 27.55
CA ALA D 283 15.89 2.50 28.16
C ALA D 283 14.46 2.71 28.64
N THR D 284 13.59 1.78 28.30
CA THR D 284 12.20 1.78 28.70
C THR D 284 12.03 0.89 29.93
N ALA D 285 10.78 0.66 30.33
CA ALA D 285 10.53 -0.19 31.49
C ALA D 285 10.71 -1.65 31.12
N MET D 286 10.31 -2.03 29.91
CA MET D 286 10.49 -3.39 29.42
C MET D 286 11.97 -3.74 29.30
N ASP D 287 12.80 -2.76 28.92
CA ASP D 287 14.24 -2.98 28.85
C ASP D 287 14.84 -3.26 30.22
N TRP D 288 14.40 -2.54 31.24
CA TRP D 288 14.87 -2.80 32.60
C TRP D 288 14.40 -4.16 33.10
N PHE D 289 13.16 -4.54 32.78
CA PHE D 289 12.66 -5.86 33.16
C PHE D 289 13.47 -6.98 32.52
N ILE D 290 13.72 -6.86 31.21
CA ILE D 290 14.52 -7.86 30.48
C ILE D 290 15.95 -7.88 31.00
N ALA D 291 16.51 -6.72 31.36
CA ALA D 291 17.87 -6.67 31.89
C ALA D 291 17.97 -7.38 33.23
N VAL D 292 17.00 -7.16 34.14
CA VAL D 292 17.06 -7.82 35.44
C VAL D 292 16.79 -9.32 35.31
N CYS D 293 15.89 -9.72 34.41
CA CYS D 293 15.65 -11.15 34.19
C CYS D 293 16.87 -11.85 33.57
N TYR D 294 17.56 -11.18 32.63
CA TYR D 294 18.80 -11.70 32.09
C TYR D 294 19.87 -11.82 33.17
N ALA D 295 19.92 -10.83 34.07
CA ALA D 295 20.84 -10.87 35.20
C ALA D 295 20.55 -12.07 36.11
N PHE D 296 19.27 -12.35 36.36
CA PHE D 296 18.88 -13.49 37.19
C PHE D 296 19.26 -14.81 36.56
N VAL D 297 19.01 -14.97 35.25
CA VAL D 297 19.36 -16.22 34.57
C VAL D 297 20.87 -16.42 34.51
N PHE D 298 21.61 -15.36 34.18
CA PHE D 298 23.08 -15.43 34.14
C PHE D 298 23.66 -15.70 35.52
N SER D 299 23.06 -15.11 36.57
CA SER D 299 23.50 -15.38 37.93
C SER D 299 23.23 -16.80 38.34
N ALA D 300 22.11 -17.37 37.88
CA ALA D 300 21.85 -18.80 38.12
C ALA D 300 22.92 -19.68 37.48
N LEU D 301 23.31 -19.38 36.24
CA LEU D 301 24.34 -20.18 35.60
C LEU D 301 25.72 -20.02 36.25
N ILE D 302 26.11 -18.81 36.66
CA ILE D 302 27.39 -18.63 37.37
C ILE D 302 27.36 -19.34 38.72
N GLU D 303 26.18 -19.35 39.38
CA GLU D 303 26.05 -20.10 40.63
C GLU D 303 26.22 -21.60 40.41
N PHE D 304 25.67 -22.12 39.30
CA PHE D 304 25.89 -23.53 38.97
C PHE D 304 27.37 -23.80 38.73
N ALA D 305 28.05 -22.88 38.04
CA ALA D 305 29.48 -23.05 37.78
C ALA D 305 30.29 -23.07 39.08
N THR D 306 29.94 -22.20 40.02
CA THR D 306 30.62 -22.20 41.33
C THR D 306 30.33 -23.48 42.12
N VAL D 307 29.07 -23.94 42.12
CA VAL D 307 28.70 -25.19 42.80
C VAL D 307 29.46 -26.38 42.21
N ASN D 308 29.54 -26.46 40.87
CA ASN D 308 30.24 -27.57 40.23
C ASN D 308 31.73 -27.49 40.47
N TYR D 309 32.30 -26.28 40.49
CA TYR D 309 33.73 -26.15 40.76
C TYR D 309 34.06 -26.52 42.21
N PHE D 310 33.16 -26.25 43.15
CA PHE D 310 33.41 -26.60 44.55
C PHE D 310 33.10 -28.04 44.90
N THR D 311 32.51 -28.85 44.01
CA THR D 311 32.42 -30.27 44.32
C THR D 311 33.76 -30.95 44.16
N LYS D 312 33.91 -32.10 44.85
CA LYS D 312 35.09 -32.95 44.92
C LYS D 312 36.27 -32.31 45.66
N SER D 313 36.14 -31.07 46.12
CA SER D 313 37.12 -30.40 46.97
C SER D 313 36.49 -30.00 48.29
N GLN D 314 35.35 -29.33 48.27
CA GLN D 314 34.64 -28.99 49.49
C GLN D 314 33.17 -29.22 49.19
N PRO D 315 32.68 -30.45 49.42
CA PRO D 315 31.27 -30.75 49.11
C PRO D 315 30.27 -30.07 50.03
N ALA D 316 30.63 -29.83 51.29
CA ALA D 316 29.73 -29.19 52.24
C ALA D 316 29.45 -27.76 51.85
N ARG D 317 30.48 -27.05 51.35
CA ARG D 317 30.28 -25.67 50.90
C ARG D 317 29.39 -25.60 49.66
N ALA D 318 29.58 -26.53 48.72
CA ALA D 318 28.74 -26.60 47.53
C ALA D 318 27.28 -26.89 47.89
N ALA D 319 27.06 -27.84 48.82
CA ALA D 319 25.71 -28.12 49.29
C ALA D 319 25.08 -26.92 49.99
N LYS D 320 25.88 -26.22 50.82
CA LYS D 320 25.38 -25.04 51.52
C LYS D 320 25.00 -23.93 50.56
N ILE D 321 25.84 -23.65 49.56
CA ILE D 321 25.52 -22.56 48.65
C ILE D 321 24.43 -22.93 47.66
N ASP D 322 24.22 -24.23 47.39
CA ASP D 322 23.09 -24.58 46.55
C ASP D 322 21.79 -24.57 47.32
N ARG D 323 21.85 -24.83 48.64
CA ARG D 323 20.64 -24.73 49.44
C ARG D 323 20.31 -23.28 49.74
N LEU D 324 21.32 -22.42 49.87
CA LEU D 324 21.09 -21.00 50.07
C LEU D 324 20.56 -20.34 48.81
N SER D 325 21.12 -20.70 47.65
CA SER D 325 20.64 -20.15 46.38
C SER D 325 19.37 -20.83 45.90
N ARG D 326 18.90 -21.87 46.60
CA ARG D 326 17.62 -22.47 46.30
C ARG D 326 16.48 -21.64 46.87
N ILE D 327 16.77 -20.79 47.86
CA ILE D 327 15.75 -19.97 48.49
C ILE D 327 16.03 -18.47 48.31
N ALA D 328 17.25 -18.06 47.98
CA ALA D 328 17.52 -16.65 47.80
C ALA D 328 17.04 -16.13 46.44
N PHE D 329 17.08 -16.99 45.42
CA PHE D 329 16.64 -16.57 44.09
C PHE D 329 15.14 -16.31 43.95
N PRO D 330 14.20 -17.18 44.41
CA PRO D 330 12.78 -16.81 44.27
C PRO D 330 12.37 -15.61 45.10
N LEU D 331 12.96 -15.45 46.29
CA LEU D 331 12.68 -14.29 47.13
C LEU D 331 13.12 -13.00 46.46
N LEU D 332 14.35 -12.98 45.92
CA LEU D 332 14.86 -11.78 45.26
C LEU D 332 14.08 -11.45 44.00
N PHE D 333 13.70 -12.48 43.23
CA PHE D 333 12.91 -12.22 42.02
C PHE D 333 11.51 -11.71 42.37
N GLY D 334 10.90 -12.24 43.42
CA GLY D 334 9.60 -11.74 43.87
C GLY D 334 9.66 -10.32 44.38
N ILE D 335 10.72 -9.98 45.13
CA ILE D 335 10.90 -8.61 45.61
C ILE D 335 11.10 -7.64 44.44
N PHE D 336 11.88 -8.06 43.43
CA PHE D 336 12.05 -7.23 42.24
C PHE D 336 10.73 -7.04 41.50
N ASN D 337 9.94 -8.10 41.39
CA ASN D 337 8.64 -8.02 40.74
C ASN D 337 7.71 -7.06 41.46
N LEU D 338 7.63 -7.17 42.79
CA LEU D 338 6.81 -6.28 43.60
C LEU D 338 7.23 -4.82 43.43
N VAL D 339 8.53 -4.54 43.54
CA VAL D 339 9.02 -3.16 43.44
C VAL D 339 8.80 -2.59 42.04
N TYR D 340 9.07 -3.40 41.00
CA TYR D 340 8.92 -2.95 39.62
C TYR D 340 7.47 -2.65 39.27
N TRP D 341 6.56 -3.59 39.56
CA TRP D 341 5.15 -3.37 39.25
C TRP D 341 4.55 -2.26 40.10
N ALA D 342 5.01 -2.11 41.35
CA ALA D 342 4.53 -1.02 42.18
C ALA D 342 5.00 0.33 41.66
N THR D 343 6.24 0.43 41.18
CA THR D 343 6.74 1.71 40.71
C THR D 343 6.26 2.03 39.29
N TYR D 344 5.81 1.04 38.53
CA TYR D 344 5.36 1.31 37.17
C TYR D 344 3.86 1.22 36.98
N LEU D 345 3.11 0.84 38.01
CA LEU D 345 1.65 0.90 37.99
C LEU D 345 1.10 2.11 38.72
N ASN D 346 1.83 2.64 39.70
CA ASN D 346 1.45 3.84 40.41
C ASN D 346 2.04 5.10 39.82
N ARG D 347 2.87 4.97 38.78
CA ARG D 347 3.51 6.10 38.11
C ARG D 347 2.49 6.99 37.42
N GLY E 62 -14.91 45.95 -4.81
CA GLY E 62 -14.13 46.88 -4.02
C GLY E 62 -12.94 47.45 -4.77
N ASP E 63 -11.91 47.84 -4.03
CA ASP E 63 -10.71 48.39 -4.63
C ASP E 63 -9.66 47.34 -4.90
N VAL E 64 -9.62 46.28 -4.08
CA VAL E 64 -8.67 45.20 -4.33
C VAL E 64 -9.02 44.43 -5.60
N THR E 65 -10.31 44.32 -5.91
CA THR E 65 -10.74 43.66 -7.15
C THR E 65 -10.28 44.43 -8.39
N VAL E 66 -10.44 45.76 -8.40
CA VAL E 66 -9.97 46.54 -9.54
C VAL E 66 -8.44 46.52 -9.63
N ILE E 67 -7.73 46.56 -8.50
CA ILE E 67 -6.26 46.48 -8.53
C ILE E 67 -5.81 45.15 -9.11
N LEU E 68 -6.40 44.04 -8.65
CA LEU E 68 -6.03 42.72 -9.15
C LEU E 68 -6.40 42.54 -10.62
N ASN E 69 -7.52 43.12 -11.06
CA ASN E 69 -7.90 43.01 -12.45
C ASN E 69 -7.03 43.89 -13.35
N ASN E 70 -6.54 45.01 -12.83
CA ASN E 70 -5.65 45.87 -13.60
C ASN E 70 -4.23 45.32 -13.67
N LEU E 71 -3.81 44.56 -12.65
CA LEU E 71 -2.49 43.97 -12.68
C LEU E 71 -2.38 42.83 -13.70
N LEU E 72 -3.47 42.11 -13.93
CA LEU E 72 -3.44 40.93 -14.78
C LEU E 72 -3.83 41.19 -16.23
N GLU E 73 -4.08 42.44 -16.62
CA GLU E 73 -4.35 42.72 -18.02
C GLU E 73 -3.03 42.93 -18.75
N GLY E 74 -2.88 42.28 -19.89
CA GLY E 74 -1.63 42.30 -20.63
C GLY E 74 -0.47 41.67 -19.89
N TYR E 75 -0.75 40.74 -18.99
CA TYR E 75 0.26 40.05 -18.20
C TYR E 75 0.56 38.71 -18.84
N ASP E 76 1.84 38.37 -18.90
CA ASP E 76 2.30 37.11 -19.47
C ASP E 76 3.08 36.36 -18.40
N ASN E 77 2.48 35.31 -17.85
CA ASN E 77 3.11 34.50 -16.82
C ASN E 77 4.10 33.50 -17.38
N LYS E 78 4.38 33.55 -18.69
CA LYS E 78 5.38 32.70 -19.31
C LYS E 78 6.74 33.36 -19.35
N LEU E 79 6.84 34.65 -19.03
CA LEU E 79 8.07 35.40 -19.13
C LEU E 79 8.44 35.90 -17.74
N ARG E 80 9.68 35.66 -17.34
CA ARG E 80 10.18 36.17 -16.09
C ARG E 80 10.34 37.69 -16.16
N PRO E 81 10.33 38.37 -15.01
CA PRO E 81 10.65 39.80 -15.02
C PRO E 81 12.08 40.04 -15.46
N ASP E 82 12.28 41.12 -16.22
CA ASP E 82 13.55 41.49 -16.85
C ASP E 82 14.05 40.37 -17.77
N ILE E 83 13.20 40.02 -18.73
CA ILE E 83 13.46 38.88 -19.61
C ILE E 83 14.64 39.14 -20.55
N GLY E 84 14.99 40.39 -20.81
CA GLY E 84 16.14 40.69 -21.65
C GLY E 84 16.96 41.85 -21.13
N VAL E 85 16.95 42.05 -19.81
CA VAL E 85 17.58 43.19 -19.18
C VAL E 85 18.68 42.71 -18.25
N LYS E 86 18.30 41.91 -17.26
CA LYS E 86 19.20 41.47 -16.20
C LYS E 86 18.63 40.17 -15.64
N PRO E 87 19.44 39.38 -14.94
CA PRO E 87 18.88 38.21 -14.25
C PRO E 87 18.01 38.63 -13.08
N THR E 88 17.10 37.73 -12.70
CA THR E 88 16.21 38.00 -11.60
C THR E 88 16.87 37.53 -10.31
N LEU E 89 16.84 38.38 -9.30
CA LEU E 89 17.41 38.06 -8.00
C LEU E 89 16.29 37.54 -7.10
N ILE E 90 16.50 36.35 -6.56
CA ILE E 90 15.50 35.68 -5.74
C ILE E 90 16.11 35.47 -4.36
N HIS E 91 15.44 35.97 -3.33
CA HIS E 91 15.90 35.79 -1.97
C HIS E 91 15.10 34.65 -1.35
N THR E 92 15.79 33.70 -0.75
CA THR E 92 15.17 32.48 -0.28
C THR E 92 15.37 32.32 1.22
N ASP E 93 14.33 31.82 1.88
CA ASP E 93 14.33 31.52 3.29
C ASP E 93 13.75 30.14 3.48
N MET E 94 14.19 29.48 4.55
CA MET E 94 13.67 28.18 4.91
C MET E 94 13.35 28.20 6.39
N TYR E 95 12.44 27.34 6.79
CA TYR E 95 12.15 27.11 8.20
C TYR E 95 11.97 25.62 8.36
N VAL E 96 12.93 24.95 8.97
CA VAL E 96 12.84 23.50 9.09
C VAL E 96 11.90 23.21 10.25
N ASN E 97 10.74 22.64 9.92
CA ASN E 97 9.79 22.24 10.95
C ASN E 97 10.27 20.99 11.67
N SER E 98 10.80 20.04 10.92
CA SER E 98 11.26 18.78 11.47
C SER E 98 12.19 18.13 10.46
N ILE E 99 13.17 17.41 10.97
CA ILE E 99 13.99 16.52 10.16
C ILE E 99 13.59 15.11 10.54
N GLY E 100 12.99 14.41 9.59
CA GLY E 100 12.38 13.11 9.85
C GLY E 100 13.40 12.01 10.09
N PRO E 101 12.94 10.76 9.97
CA PRO E 101 13.84 9.63 10.25
C PRO E 101 14.92 9.50 9.19
N VAL E 102 16.15 9.33 9.64
CA VAL E 102 17.30 9.19 8.74
C VAL E 102 17.56 7.69 8.67
N ASN E 103 16.89 7.03 7.73
CA ASN E 103 17.14 5.60 7.53
C ASN E 103 18.29 5.43 6.55
N ALA E 104 19.21 4.55 6.91
CA ALA E 104 20.41 4.35 6.11
C ALA E 104 20.26 3.30 5.04
N ILE E 105 19.15 2.54 5.05
CA ILE E 105 18.93 1.47 4.09
C ILE E 105 18.84 2.03 2.67
N ASN E 106 17.98 3.03 2.49
CA ASN E 106 17.80 3.66 1.18
C ASN E 106 18.67 4.90 1.01
N MET E 107 19.48 5.25 2.02
CA MET E 107 20.37 6.41 2.02
C MET E 107 19.59 7.70 1.78
N GLU E 108 18.70 8.01 2.71
CA GLU E 108 17.81 9.14 2.56
C GLU E 108 17.38 9.62 3.94
N TYR E 109 16.66 10.73 3.95
CA TYR E 109 16.12 11.31 5.17
C TYR E 109 14.98 12.24 4.80
N THR E 110 14.01 12.35 5.69
CA THR E 110 12.83 13.16 5.46
C THR E 110 13.04 14.52 6.13
N ILE E 111 12.45 15.55 5.54
CA ILE E 111 12.52 16.90 6.08
C ILE E 111 11.23 17.63 5.72
N ASP E 112 10.77 18.49 6.62
CA ASP E 112 9.58 19.30 6.42
C ASP E 112 9.99 20.75 6.59
N ILE E 113 9.71 21.58 5.59
CA ILE E 113 10.17 22.96 5.58
C ILE E 113 9.05 23.87 5.12
N PHE E 114 9.20 25.13 5.46
CA PHE E 114 8.40 26.23 4.93
C PHE E 114 9.33 27.03 4.03
N PHE E 115 9.21 26.80 2.73
CA PHE E 115 10.10 27.41 1.76
C PHE E 115 9.52 28.75 1.32
N ALA E 116 10.30 29.81 1.49
CA ALA E 116 9.86 31.16 1.17
C ALA E 116 10.80 31.74 0.14
N GLN E 117 10.23 32.34 -0.91
CA GLN E 117 10.99 33.00 -1.96
C GLN E 117 10.51 34.44 -2.09
N THR E 118 11.41 35.33 -2.49
CA THR E 118 11.08 36.73 -2.67
C THR E 118 11.84 37.27 -3.85
N TRP E 119 11.18 38.06 -4.68
CA TRP E 119 11.79 38.61 -5.88
C TRP E 119 11.08 39.91 -6.21
N TYR E 120 11.46 40.51 -7.34
CA TYR E 120 10.90 41.78 -7.76
C TYR E 120 10.28 41.61 -9.13
N ASP E 121 9.04 42.04 -9.27
CA ASP E 121 8.31 41.95 -10.54
C ASP E 121 7.79 43.35 -10.82
N ARG E 122 8.37 44.01 -11.82
CA ARG E 122 7.99 45.38 -12.14
C ARG E 122 6.64 45.49 -12.83
N ARG E 123 6.01 44.37 -13.17
CA ARG E 123 4.68 44.37 -13.76
C ARG E 123 3.59 44.37 -12.69
N LEU E 124 3.89 43.83 -11.52
CA LEU E 124 2.95 43.83 -10.39
C LEU E 124 3.15 45.04 -9.49
N LYS E 125 3.16 46.23 -10.08
CA LYS E 125 3.39 47.48 -9.36
C LYS E 125 2.13 48.32 -9.50
N PHE E 126 1.54 48.69 -8.36
CA PHE E 126 0.28 49.41 -8.35
C PHE E 126 0.41 50.64 -7.44
N ASN E 127 -0.42 51.64 -7.71
CA ASN E 127 -0.52 52.85 -6.89
C ASN E 127 -1.86 52.83 -6.18
N SER E 128 -1.83 52.82 -4.84
CA SER E 128 -3.05 52.75 -4.05
C SER E 128 -2.75 53.15 -2.62
N THR E 129 -3.81 53.25 -1.82
CA THR E 129 -3.69 53.58 -0.41
C THR E 129 -3.42 52.33 0.43
N ILE E 130 -3.61 51.14 -0.13
CA ILE E 130 -3.19 49.91 0.54
C ILE E 130 -1.78 49.57 0.11
N LYS E 131 -1.01 49.02 1.04
CA LYS E 131 0.41 48.78 0.80
C LYS E 131 0.69 47.37 0.31
N VAL E 132 -0.09 46.39 0.74
CA VAL E 132 0.19 44.99 0.48
C VAL E 132 -1.11 44.29 0.11
N LEU E 133 -1.04 43.43 -0.90
CA LEU E 133 -2.14 42.52 -1.23
C LEU E 133 -1.76 41.17 -0.64
N ARG E 134 -2.58 40.68 0.28
CA ARG E 134 -2.34 39.38 0.90
C ARG E 134 -3.36 38.40 0.36
N LEU E 135 -2.87 37.38 -0.33
CA LEU E 135 -3.72 36.50 -1.12
C LEU E 135 -3.51 35.06 -0.70
N ASN E 136 -4.39 34.21 -1.20
CA ASN E 136 -4.35 32.76 -1.03
C ASN E 136 -3.55 32.14 -2.17
N SER E 137 -3.67 30.83 -2.35
CA SER E 137 -3.07 30.12 -3.48
C SER E 137 -3.86 30.24 -4.77
N ASN E 138 -4.97 30.98 -4.79
CA ASN E 138 -5.77 31.10 -6.01
C ASN E 138 -5.04 31.85 -7.12
N MET E 139 -4.22 32.83 -6.75
CA MET E 139 -3.53 33.67 -7.72
C MET E 139 -2.08 33.25 -7.95
N VAL E 140 -1.63 32.16 -7.33
CA VAL E 140 -0.25 31.70 -7.51
C VAL E 140 -0.02 31.25 -8.94
N GLY E 141 -1.00 30.58 -9.54
CA GLY E 141 -0.86 30.13 -10.91
C GLY E 141 -1.14 31.16 -11.98
N LYS E 142 -1.36 32.42 -11.61
CA LYS E 142 -1.65 33.46 -12.58
C LYS E 142 -0.51 34.45 -12.78
N ILE E 143 0.51 34.42 -11.94
CA ILE E 143 1.66 35.29 -12.12
C ILE E 143 2.88 34.41 -12.34
N TRP E 144 4.04 35.01 -12.56
CA TRP E 144 5.25 34.24 -12.78
C TRP E 144 5.79 33.75 -11.45
N ILE E 145 6.09 32.45 -11.39
CA ILE E 145 6.62 31.78 -10.20
C ILE E 145 7.90 31.09 -10.65
N PRO E 146 9.01 31.22 -9.92
CA PRO E 146 10.24 30.56 -10.33
C PRO E 146 10.14 29.04 -10.25
N ASP E 147 10.93 28.37 -11.08
CA ASP E 147 10.89 26.91 -11.17
C ASP E 147 11.99 26.32 -10.30
N THR E 148 11.85 26.54 -9.00
CA THR E 148 12.80 25.98 -8.05
C THR E 148 12.52 24.49 -7.88
N PHE E 149 13.58 23.70 -7.84
CA PHE E 149 13.49 22.27 -7.65
C PHE E 149 14.67 21.83 -6.82
N PHE E 150 14.47 20.75 -6.07
CA PHE E 150 15.49 20.25 -5.16
C PHE E 150 16.27 19.15 -5.86
N ARG E 151 17.58 19.36 -6.00
CA ARG E 151 18.41 18.53 -6.87
C ARG E 151 18.70 17.15 -6.27
N ASN E 152 18.62 17.01 -4.96
CA ASN E 152 18.99 15.76 -4.29
C ASN E 152 17.78 15.12 -3.64
N SER E 153 16.59 15.37 -4.18
CA SER E 153 15.37 14.83 -3.63
C SER E 153 14.97 13.59 -4.40
N LYS E 154 14.61 12.53 -3.68
CA LYS E 154 14.09 11.34 -4.32
C LYS E 154 12.60 11.46 -4.56
N LYS E 155 11.88 12.02 -3.59
CA LYS E 155 10.46 12.28 -3.71
C LYS E 155 10.16 13.51 -2.88
N ALA E 156 9.30 14.38 -3.40
CA ALA E 156 8.92 15.58 -2.69
C ALA E 156 7.52 15.96 -3.10
N ASP E 157 6.72 16.36 -2.15
CA ASP E 157 5.35 16.78 -2.41
C ASP E 157 5.02 18.00 -1.59
N ALA E 158 4.11 18.82 -2.12
CA ALA E 158 3.58 19.95 -1.37
C ALA E 158 2.41 19.45 -0.56
N HIS E 159 1.67 20.35 0.05
CA HIS E 159 0.53 19.98 0.87
C HIS E 159 -0.73 20.63 0.31
N TRP E 160 -1.81 19.86 0.30
CA TRP E 160 -3.03 20.26 -0.39
C TRP E 160 -4.26 20.18 0.49
N ILE E 161 -4.12 19.82 1.76
CA ILE E 161 -5.22 19.68 2.70
C ILE E 161 -5.18 20.86 3.65
N THR E 162 -6.29 21.60 3.77
CA THR E 162 -7.57 21.35 3.09
C THR E 162 -7.66 22.10 1.78
N THR E 163 -6.78 23.08 1.66
CA THR E 163 -6.62 23.98 0.54
C THR E 163 -5.10 24.04 0.32
N PRO E 164 -4.62 24.15 -0.96
CA PRO E 164 -3.17 24.24 -1.23
C PRO E 164 -2.38 25.18 -0.35
N ASN E 165 -1.46 24.62 0.45
CA ASN E 165 -0.75 25.38 1.46
C ASN E 165 0.32 26.23 0.78
N ARG E 166 -0.14 27.35 0.23
CA ARG E 166 0.69 28.32 -0.45
C ARG E 166 0.22 29.70 -0.04
N MET E 167 1.11 30.68 -0.21
CA MET E 167 0.83 32.05 0.20
C MET E 167 1.47 32.98 -0.82
N LEU E 168 0.75 34.02 -1.19
CA LEU E 168 1.25 35.02 -2.11
C LEU E 168 1.00 36.39 -1.50
N ARG E 169 2.03 37.23 -1.50
CA ARG E 169 1.88 38.59 -1.00
C ARG E 169 2.65 39.52 -1.93
N ILE E 170 1.94 40.49 -2.49
CA ILE E 170 2.51 41.47 -3.41
C ILE E 170 2.51 42.82 -2.72
N TRP E 171 3.59 43.56 -2.88
CA TRP E 171 3.76 44.83 -2.19
C TRP E 171 3.55 45.98 -3.15
N ASN E 172 3.75 47.19 -2.61
CA ASN E 172 3.40 48.41 -3.31
C ASN E 172 4.37 48.70 -4.45
N ASP E 173 5.61 48.23 -4.33
CA ASP E 173 6.67 48.49 -5.29
C ASP E 173 6.92 47.32 -6.22
N GLY E 174 6.12 46.27 -6.15
CA GLY E 174 6.28 45.13 -7.04
C GLY E 174 6.99 43.94 -6.44
N ARG E 175 7.30 43.99 -5.15
CA ARG E 175 8.01 42.90 -4.48
C ARG E 175 7.02 41.79 -4.14
N VAL E 176 7.30 40.58 -4.62
CA VAL E 176 6.42 39.43 -4.42
C VAL E 176 7.08 38.49 -3.42
N LEU E 177 6.30 38.00 -2.47
CA LEU E 177 6.74 36.99 -1.52
C LEU E 177 5.84 35.78 -1.65
N TYR E 178 6.46 34.62 -1.87
CA TYR E 178 5.73 33.39 -2.14
C TYR E 178 6.26 32.31 -1.22
N THR E 179 5.39 31.76 -0.39
CA THR E 179 5.76 30.78 0.62
C THR E 179 4.90 29.54 0.40
N LEU E 180 5.50 28.37 0.59
CA LEU E 180 4.74 27.13 0.50
C LEU E 180 5.37 26.09 1.41
N ARG E 181 4.56 25.13 1.84
CA ARG E 181 4.98 24.08 2.75
C ARG E 181 5.32 22.84 1.96
N LEU E 182 6.48 22.26 2.23
CA LEU E 182 6.97 21.12 1.47
C LEU E 182 7.43 20.02 2.41
N THR E 183 7.29 18.78 1.97
CA THR E 183 7.88 17.64 2.65
C THR E 183 8.77 16.91 1.65
N ILE E 184 10.07 16.90 1.91
CA ILE E 184 11.06 16.41 0.98
C ILE E 184 11.64 15.12 1.55
N ASP E 185 11.92 14.17 0.67
CA ASP E 185 12.60 12.93 1.00
C ASP E 185 13.90 13.02 0.21
N ALA E 186 14.89 13.65 0.82
CA ALA E 186 16.13 13.98 0.15
C ALA E 186 17.10 12.82 0.20
N GLU E 187 18.12 12.88 -0.64
CA GLU E 187 19.11 11.83 -0.77
C GLU E 187 20.46 12.31 -0.30
N CYS E 188 21.14 11.48 0.48
CA CYS E 188 22.52 11.74 0.85
C CYS E 188 23.27 10.44 1.08
N GLN E 189 24.38 10.25 0.35
CA GLN E 189 25.22 9.08 0.56
C GLN E 189 25.93 9.20 1.89
N LEU E 190 25.69 8.23 2.78
CA LEU E 190 26.27 8.21 4.11
C LEU E 190 27.48 7.30 4.10
N GLN E 191 28.66 7.85 4.37
CA GLN E 191 29.84 7.01 4.50
C GLN E 191 29.75 6.29 5.83
N LEU E 192 29.22 5.08 5.80
CA LEU E 192 28.94 4.32 7.01
C LEU E 192 30.13 3.49 7.47
N HIS E 193 31.28 4.15 7.56
CA HIS E 193 32.38 3.67 8.37
C HIS E 193 32.19 4.27 9.75
N ASN E 194 32.90 3.69 10.73
CA ASN E 194 32.83 4.05 12.15
C ASN E 194 31.44 3.83 12.75
N PHE E 195 30.56 3.09 12.09
CA PHE E 195 29.21 2.86 12.56
C PHE E 195 29.23 1.95 13.78
N PRO E 196 28.48 2.27 14.85
CA PRO E 196 27.52 3.36 15.03
C PRO E 196 28.04 4.62 15.71
N MET E 197 29.35 4.79 15.78
CA MET E 197 29.94 6.03 16.32
C MET E 197 30.27 7.00 15.21
N ASP E 198 29.30 7.31 14.36
CA ASP E 198 29.56 8.08 13.16
C ASP E 198 28.88 9.44 13.23
N GLU E 199 29.36 10.35 12.40
CA GLU E 199 28.82 11.69 12.25
C GLU E 199 28.68 11.96 10.77
N HIS E 200 27.55 12.54 10.38
CA HIS E 200 27.28 12.85 8.99
C HIS E 200 26.95 14.32 8.83
N SER E 201 27.01 14.77 7.57
CA SER E 201 26.60 16.12 7.19
C SER E 201 26.12 16.03 5.75
N CYS E 202 24.81 15.84 5.58
CA CYS E 202 24.37 15.55 4.23
C CYS E 202 23.30 16.56 3.82
N PRO E 203 23.28 16.96 2.53
CA PRO E 203 22.68 18.26 2.21
C PRO E 203 21.23 18.24 1.76
N LEU E 204 20.72 19.45 1.57
CA LEU E 204 19.48 19.71 0.85
C LEU E 204 19.81 20.83 -0.13
N GLU E 205 19.84 20.49 -1.41
CA GLU E 205 20.25 21.43 -2.45
C GLU E 205 19.06 21.81 -3.30
N PHE E 206 19.10 23.01 -3.87
CA PHE E 206 18.05 23.43 -4.78
C PHE E 206 18.60 24.47 -5.74
N SER E 207 17.90 24.62 -6.87
CA SER E 207 18.25 25.56 -7.93
C SER E 207 17.05 25.66 -8.85
N SER E 208 17.17 26.52 -9.86
CA SER E 208 16.14 26.61 -10.88
C SER E 208 16.33 25.51 -11.89
N TYR E 209 15.24 25.08 -12.52
CA TYR E 209 15.37 23.98 -13.46
C TYR E 209 15.73 24.47 -14.86
N GLY E 210 15.04 25.51 -15.34
CA GLY E 210 15.25 25.90 -16.71
C GLY E 210 16.04 27.18 -16.90
N TYR E 211 16.15 28.00 -15.86
CA TYR E 211 16.78 29.29 -15.99
C TYR E 211 18.21 29.23 -15.50
N PRO E 212 19.20 29.46 -16.36
CA PRO E 212 20.60 29.43 -15.91
C PRO E 212 21.01 30.65 -15.11
N ARG E 213 22.32 30.76 -14.83
CA ARG E 213 22.86 31.83 -14.00
C ARG E 213 22.58 33.22 -14.61
N GLU E 214 22.55 33.31 -15.94
CA GLU E 214 22.32 34.59 -16.60
C GLU E 214 20.84 34.99 -16.60
N GLU E 215 19.96 34.17 -16.06
CA GLU E 215 18.52 34.45 -16.05
C GLU E 215 17.92 34.48 -14.66
N ILE E 216 18.34 33.61 -13.75
CA ILE E 216 17.86 33.60 -12.38
C ILE E 216 19.05 33.41 -11.45
N VAL E 217 19.19 34.30 -10.47
CA VAL E 217 20.23 34.24 -9.45
C VAL E 217 19.54 34.12 -8.11
N TYR E 218 19.97 33.16 -7.31
CA TYR E 218 19.45 32.96 -5.96
C TYR E 218 20.41 33.59 -4.96
N GLN E 219 19.89 33.88 -3.76
CA GLN E 219 20.68 34.54 -2.74
C GLN E 219 20.04 34.34 -1.37
N TRP E 220 20.83 33.91 -0.39
CA TRP E 220 20.32 33.79 0.96
C TRP E 220 20.11 35.17 1.58
N LYS E 221 19.24 35.23 2.58
CA LYS E 221 19.14 36.41 3.41
C LYS E 221 20.11 36.30 4.58
N ARG E 222 20.07 37.27 5.49
CA ARG E 222 20.93 37.21 6.66
C ARG E 222 20.34 36.35 7.77
N SER E 223 19.04 36.05 7.68
CA SER E 223 18.35 35.21 8.64
C SER E 223 17.68 34.08 7.88
N SER E 224 18.47 33.42 7.03
CA SER E 224 18.03 32.49 6.01
C SER E 224 17.29 31.26 6.54
N VAL E 225 18.00 30.41 7.28
CA VAL E 225 17.46 29.12 7.73
C VAL E 225 17.25 29.16 9.23
N GLU E 226 16.02 28.81 9.65
CA GLU E 226 15.65 28.80 11.06
C GLU E 226 15.10 27.43 11.41
N VAL E 227 15.67 26.80 12.43
CA VAL E 227 15.13 25.54 12.91
C VAL E 227 14.08 25.83 13.97
N GLY E 228 13.27 24.81 14.27
CA GLY E 228 12.20 25.00 15.23
C GLY E 228 12.57 24.73 16.68
N ASP E 229 11.92 23.74 17.26
CA ASP E 229 12.13 23.40 18.67
C ASP E 229 13.22 22.37 18.88
N THR E 230 13.51 21.54 17.87
CA THR E 230 14.53 20.49 17.78
C THR E 230 14.21 19.31 18.71
N ARG E 231 13.16 19.38 19.53
CA ARG E 231 12.79 18.30 20.42
C ARG E 231 11.61 17.49 19.91
N SER E 232 10.72 18.10 19.13
CA SER E 232 9.62 17.38 18.49
C SER E 232 10.02 16.76 17.16
N TRP E 233 11.31 16.63 16.88
CA TRP E 233 11.73 16.07 15.59
C TRP E 233 11.80 14.56 15.68
N ARG E 234 11.72 13.92 14.51
CA ARG E 234 11.66 12.47 14.40
C ARG E 234 13.04 11.83 14.36
N LEU E 235 14.06 12.50 14.88
CA LEU E 235 15.42 11.96 14.92
C LEU E 235 15.51 11.03 16.11
N TYR E 236 15.40 9.73 15.86
CA TYR E 236 15.55 8.75 16.94
C TYR E 236 17.02 8.46 17.20
N GLN E 237 17.72 7.97 16.19
CA GLN E 237 19.10 7.52 16.32
C GLN E 237 20.12 8.63 16.13
N PHE E 238 19.72 9.81 15.68
CA PHE E 238 20.65 10.88 15.40
C PHE E 238 20.38 12.09 16.29
N SER E 239 21.29 13.05 16.24
CA SER E 239 21.22 14.26 17.04
C SER E 239 21.67 15.45 16.19
N PHE E 240 20.81 16.46 16.09
CA PHE E 240 21.14 17.65 15.32
C PHE E 240 22.19 18.46 16.07
N VAL E 241 23.19 18.96 15.34
CA VAL E 241 24.29 19.68 15.97
C VAL E 241 24.42 21.08 15.38
N GLY E 242 24.01 21.26 14.14
CA GLY E 242 24.11 22.58 13.53
C GLY E 242 23.87 22.51 12.05
N LEU E 243 24.01 23.67 11.41
CA LEU E 243 23.83 23.75 9.98
C LEU E 243 24.73 24.83 9.40
N ARG E 244 24.85 24.82 8.08
CA ARG E 244 25.59 25.83 7.34
C ARG E 244 25.03 25.89 5.93
N ASN E 245 25.00 27.10 5.37
CA ASN E 245 24.48 27.32 4.03
C ASN E 245 25.64 27.41 3.04
N THR E 246 25.33 27.21 1.77
CA THR E 246 26.35 27.26 0.73
C THR E 246 25.65 27.69 -0.55
N THR E 247 26.38 28.44 -1.38
CA THR E 247 25.95 28.82 -2.71
C THR E 247 27.08 28.47 -3.66
N GLU E 248 26.74 28.01 -4.86
CA GLU E 248 27.73 27.63 -5.85
C GLU E 248 27.10 27.74 -7.22
N VAL E 249 27.94 27.54 -8.25
CA VAL E 249 27.49 27.52 -9.64
C VAL E 249 27.96 26.21 -10.23
N VAL E 250 27.06 25.45 -10.85
CA VAL E 250 27.40 24.14 -11.38
C VAL E 250 27.16 24.16 -12.89
N LYS E 251 28.07 23.53 -13.62
CA LYS E 251 27.91 23.39 -15.05
C LYS E 251 27.03 22.18 -15.35
N THR E 252 26.04 22.38 -16.20
CA THR E 252 25.07 21.36 -16.56
C THR E 252 24.94 21.43 -18.09
N THR E 253 24.42 20.37 -18.70
CA THR E 253 24.23 20.28 -20.15
C THR E 253 23.38 21.42 -20.70
N SER E 254 22.48 21.97 -19.90
CA SER E 254 21.66 23.09 -20.36
C SER E 254 22.27 24.45 -20.04
N GLY E 255 23.17 24.54 -19.09
CA GLY E 255 23.83 25.79 -18.79
C GLY E 255 24.38 25.79 -17.38
N ASP E 256 24.86 26.96 -16.96
CA ASP E 256 25.42 27.14 -15.63
C ASP E 256 24.30 27.55 -14.68
N TYR E 257 24.16 26.83 -13.58
CA TYR E 257 23.06 27.07 -12.65
C TYR E 257 23.58 27.41 -11.26
N VAL E 258 22.94 28.38 -10.62
CA VAL E 258 23.24 28.76 -9.25
C VAL E 258 22.52 27.80 -8.30
N VAL E 259 23.29 27.02 -7.55
CA VAL E 259 22.77 25.99 -6.66
C VAL E 259 23.04 26.41 -5.23
N MET E 260 22.03 26.27 -4.37
CA MET E 260 22.18 26.61 -2.96
C MET E 260 21.98 25.36 -2.12
N SER E 261 22.84 25.18 -1.13
CA SER E 261 22.83 23.98 -0.32
C SER E 261 22.70 24.34 1.15
N VAL E 262 22.00 23.48 1.88
CA VAL E 262 21.90 23.55 3.33
C VAL E 262 22.38 22.20 3.86
N TYR E 263 23.47 22.22 4.62
CA TYR E 263 24.04 21.00 5.17
C TYR E 263 23.60 20.89 6.62
N PHE E 264 22.92 19.80 6.95
CA PHE E 264 22.57 19.50 8.33
C PHE E 264 23.56 18.51 8.90
N ASP E 265 24.14 18.83 10.04
CA ASP E 265 25.14 17.98 10.68
C ASP E 265 24.44 17.11 11.71
N LEU E 266 24.60 15.80 11.58
CA LEU E 266 23.97 14.84 12.46
C LEU E 266 25.03 13.94 13.09
N SER E 267 24.79 13.52 14.33
CA SER E 267 25.68 12.60 15.02
C SER E 267 24.84 11.47 15.61
N ARG E 268 25.30 10.24 15.40
CA ARG E 268 24.52 9.08 15.84
C ARG E 268 24.77 8.82 17.32
N ARG E 269 23.69 8.77 18.09
CA ARG E 269 23.76 8.46 19.51
C ARG E 269 23.66 6.95 19.70
N MET E 270 24.70 6.35 20.27
CA MET E 270 24.78 4.90 20.43
C MET E 270 24.05 4.47 21.71
N GLY E 271 22.72 4.50 21.63
CA GLY E 271 21.91 4.12 22.76
C GLY E 271 21.01 2.95 22.44
N TYR E 272 20.74 2.74 21.15
CA TYR E 272 19.93 1.60 20.73
C TYR E 272 20.82 0.42 20.39
N PHE E 273 21.90 0.68 19.65
CA PHE E 273 22.84 -0.36 19.27
C PHE E 273 23.61 -0.89 20.47
N THR E 274 23.76 -0.06 21.51
CA THR E 274 24.36 -0.49 22.76
C THR E 274 23.58 -1.65 23.37
N ILE E 275 22.33 -1.39 23.76
CA ILE E 275 21.50 -2.40 24.41
C ILE E 275 21.00 -3.46 23.44
N GLN E 276 21.23 -3.28 22.14
CA GLN E 276 20.90 -4.33 21.18
C GLN E 276 22.06 -5.29 20.95
N THR E 277 23.28 -4.80 20.82
CA THR E 277 24.37 -5.67 20.41
C THR E 277 25.60 -5.61 21.32
N TYR E 278 25.95 -4.44 21.84
CA TYR E 278 27.22 -4.32 22.56
C TYR E 278 27.16 -4.99 23.92
N ILE E 279 26.06 -4.80 24.64
CA ILE E 279 25.83 -5.50 25.91
C ILE E 279 25.55 -6.99 25.69
N PRO E 280 24.61 -7.44 24.83
CA PRO E 280 24.40 -8.89 24.71
C PRO E 280 25.57 -9.69 24.16
N CYS E 281 26.33 -9.18 23.19
CA CYS E 281 27.47 -9.94 22.68
C CYS E 281 28.56 -10.09 23.73
N THR E 282 28.83 -9.03 24.50
CA THR E 282 29.77 -9.12 25.61
C THR E 282 29.29 -10.10 26.67
N LEU E 283 27.98 -10.11 26.93
CA LEU E 283 27.41 -11.07 27.87
C LEU E 283 27.57 -12.51 27.38
N ILE E 284 27.41 -12.73 26.08
CA ILE E 284 27.61 -14.06 25.50
C ILE E 284 29.09 -14.45 25.55
N VAL E 285 29.99 -13.48 25.43
CA VAL E 285 31.44 -13.77 25.59
C VAL E 285 31.73 -14.23 27.02
N VAL E 286 31.19 -13.51 28.02
CA VAL E 286 31.35 -13.93 29.42
C VAL E 286 30.68 -15.29 29.68
N LEU E 287 29.60 -15.58 28.95
CA LEU E 287 28.96 -16.89 29.00
C LEU E 287 29.91 -17.98 28.51
N SER E 288 30.62 -17.72 27.40
CA SER E 288 31.65 -18.66 26.96
C SER E 288 32.81 -18.74 27.94
N TRP E 289 33.08 -17.64 28.66
CA TRP E 289 34.15 -17.63 29.66
C TRP E 289 33.85 -18.55 30.83
N VAL E 290 32.57 -18.71 31.19
CA VAL E 290 32.24 -19.45 32.40
C VAL E 290 32.53 -20.96 32.26
N SER E 291 32.80 -21.43 31.03
CA SER E 291 33.16 -22.81 30.77
C SER E 291 34.51 -23.21 31.37
N PHE E 292 35.37 -22.25 31.70
CA PHE E 292 36.69 -22.60 32.22
C PHE E 292 36.62 -23.06 33.66
N TRP E 293 35.66 -22.55 34.43
CA TRP E 293 35.54 -22.93 35.83
C TRP E 293 34.79 -24.24 36.01
N ILE E 294 34.23 -24.79 34.96
CA ILE E 294 33.55 -26.08 34.99
C ILE E 294 34.61 -27.17 34.94
N ASN E 295 34.36 -28.28 35.64
CA ASN E 295 35.28 -29.40 35.69
C ASN E 295 35.57 -29.99 34.32
N LYS E 296 36.85 -30.31 34.10
CA LYS E 296 37.39 -30.78 32.83
C LYS E 296 36.96 -32.20 32.48
N ASP E 297 36.30 -32.91 33.39
CA ASP E 297 35.83 -34.26 33.13
C ASP E 297 34.45 -34.30 32.48
N ALA E 298 33.59 -33.34 32.80
CA ALA E 298 32.26 -33.27 32.19
C ALA E 298 32.40 -32.74 30.78
N VAL E 299 32.69 -33.66 29.86
CA VAL E 299 32.91 -33.34 28.44
C VAL E 299 31.63 -32.87 27.73
N PRO E 300 30.45 -33.55 27.82
CA PRO E 300 29.27 -33.01 27.13
C PRO E 300 28.82 -31.65 27.63
N ALA E 301 29.03 -31.34 28.91
CA ALA E 301 28.66 -30.04 29.46
C ALA E 301 29.43 -28.91 28.78
N ARG E 302 30.76 -29.00 28.76
CA ARG E 302 31.58 -27.95 28.15
C ARG E 302 31.40 -27.88 26.64
N THR E 303 31.27 -29.03 25.95
CA THR E 303 31.03 -28.99 24.50
C THR E 303 29.69 -28.35 24.17
N SER E 304 28.63 -28.74 24.89
CA SER E 304 27.30 -28.17 24.65
C SER E 304 27.26 -26.69 24.97
N LEU E 305 27.88 -26.28 26.09
CA LEU E 305 27.98 -24.86 26.44
C LEU E 305 28.65 -24.07 25.33
N GLY E 306 29.82 -24.52 24.88
CA GLY E 306 30.56 -23.81 23.83
C GLY E 306 29.79 -23.72 22.53
N ILE E 307 29.23 -24.83 22.07
CA ILE E 307 28.56 -24.80 20.77
C ILE E 307 27.21 -24.05 20.82
N THR E 308 26.48 -24.12 21.95
CA THR E 308 25.27 -23.32 22.07
C THR E 308 25.59 -21.83 22.17
N THR E 309 26.73 -21.49 22.81
CA THR E 309 27.21 -20.12 22.83
C THR E 309 27.54 -19.63 21.42
N VAL E 310 28.10 -20.53 20.60
CA VAL E 310 28.34 -20.22 19.18
C VAL E 310 27.04 -19.95 18.44
N LEU E 311 26.01 -20.79 18.68
CA LEU E 311 24.65 -20.54 18.16
C LEU E 311 24.13 -19.16 18.50
N THR E 312 24.25 -18.78 19.78
CA THR E 312 23.75 -17.49 20.22
C THR E 312 24.49 -16.34 19.55
N MET E 313 25.80 -16.49 19.38
CA MET E 313 26.60 -15.48 18.70
C MET E 313 26.16 -15.30 17.25
N THR E 314 26.01 -16.42 16.51
CA THR E 314 25.54 -16.35 15.12
C THR E 314 24.18 -15.67 15.00
N THR E 315 23.19 -16.14 15.76
CA THR E 315 21.85 -15.54 15.73
C THR E 315 21.86 -14.05 16.06
N LEU E 316 22.64 -13.65 17.07
CA LEU E 316 22.71 -12.23 17.44
C LEU E 316 23.38 -11.40 16.37
N SER E 317 24.44 -11.94 15.75
CA SER E 317 25.15 -11.25 14.68
C SER E 317 24.26 -11.02 13.48
N THR E 318 23.54 -12.08 13.07
CA THR E 318 22.64 -12.00 11.90
C THR E 318 21.50 -11.01 12.19
N ILE E 319 20.85 -11.12 13.36
CA ILE E 319 19.75 -10.20 13.66
C ILE E 319 20.25 -8.76 13.85
N ALA E 320 21.54 -8.57 14.12
CA ALA E 320 22.09 -7.24 14.34
C ALA E 320 22.53 -6.56 13.06
N ARG E 321 22.84 -7.33 12.01
CA ARG E 321 23.30 -6.69 10.77
C ARG E 321 22.17 -6.13 9.89
N LYS E 322 20.90 -6.37 10.26
CA LYS E 322 19.73 -5.92 9.45
C LYS E 322 19.38 -4.44 9.67
N SER E 323 20.16 -3.68 10.44
CA SER E 323 19.87 -2.27 10.68
C SER E 323 20.47 -1.40 9.59
N LEU E 324 21.70 -1.63 9.28
CA LEU E 324 22.55 -0.91 8.35
C LEU E 324 22.36 -1.49 6.95
N PRO E 325 22.67 -0.72 5.88
CA PRO E 325 22.51 -1.21 4.51
C PRO E 325 23.49 -2.29 4.10
N LYS E 326 23.42 -2.70 2.84
CA LYS E 326 24.25 -3.80 2.33
C LYS E 326 25.60 -3.29 1.86
N VAL E 327 26.29 -2.54 2.72
CA VAL E 327 27.61 -2.03 2.39
C VAL E 327 28.62 -3.18 2.39
N SER E 328 29.67 -3.01 1.59
CA SER E 328 30.64 -4.06 1.37
C SER E 328 31.90 -3.91 2.21
N TYR E 329 32.06 -2.81 2.92
CA TYR E 329 33.21 -2.60 3.77
C TYR E 329 32.89 -2.98 5.21
N VAL E 330 33.93 -3.09 6.00
CA VAL E 330 33.77 -3.44 7.41
C VAL E 330 33.53 -2.16 8.18
N THR E 331 32.56 -2.19 9.09
CA THR E 331 32.21 -1.06 9.92
C THR E 331 32.86 -1.23 11.29
N ALA E 332 32.53 -0.34 12.21
CA ALA E 332 32.99 -0.47 13.58
C ALA E 332 32.09 -1.37 14.41
N MET E 333 31.05 -1.91 13.81
CA MET E 333 30.11 -2.82 14.46
C MET E 333 30.32 -4.25 14.00
N ASP E 334 30.75 -4.43 12.75
CA ASP E 334 31.06 -5.75 12.25
C ASP E 334 32.31 -6.31 12.92
N LEU E 335 33.33 -5.45 13.09
CA LEU E 335 34.58 -5.84 13.74
C LEU E 335 34.35 -6.34 15.17
N PHE E 336 33.47 -5.66 15.92
CA PHE E 336 33.18 -6.04 17.30
C PHE E 336 32.55 -7.42 17.39
N VAL E 337 31.48 -7.67 16.61
CA VAL E 337 30.80 -8.95 16.65
C VAL E 337 31.68 -10.05 16.06
N SER E 338 32.54 -9.70 15.10
CA SER E 338 33.47 -10.66 14.53
C SER E 338 34.48 -11.11 15.57
N VAL E 339 35.03 -10.16 16.33
CA VAL E 339 36.01 -10.50 17.36
C VAL E 339 35.35 -11.29 18.49
N CYS E 340 34.08 -10.96 18.82
CA CYS E 340 33.35 -11.75 19.82
C CYS E 340 33.16 -13.20 19.35
N PHE E 341 32.82 -13.39 18.07
CA PHE E 341 32.69 -14.74 17.53
C PHE E 341 34.02 -15.47 17.59
N ILE E 342 35.11 -14.78 17.20
CA ILE E 342 36.46 -15.35 17.28
C ILE E 342 36.79 -15.79 18.70
N PHE E 343 36.48 -14.94 19.68
CA PHE E 343 36.70 -15.28 21.09
C PHE E 343 35.97 -16.55 21.51
N VAL E 344 34.69 -16.67 21.14
CA VAL E 344 33.93 -17.89 21.44
C VAL E 344 34.53 -19.11 20.73
N PHE E 345 34.90 -18.94 19.46
CA PHE E 345 35.58 -19.96 18.67
C PHE E 345 36.88 -20.42 19.31
N SER E 346 37.65 -19.47 19.84
CA SER E 346 38.92 -19.78 20.48
C SER E 346 38.72 -20.51 21.79
N ALA E 347 37.70 -20.12 22.57
CA ALA E 347 37.38 -20.83 23.82
C ALA E 347 37.00 -22.28 23.56
N LEU E 348 36.14 -22.52 22.56
CA LEU E 348 35.74 -23.90 22.26
C LEU E 348 36.91 -24.73 21.72
N VAL E 349 37.72 -24.16 20.83
CA VAL E 349 38.86 -24.88 20.28
C VAL E 349 39.92 -25.12 21.36
N GLU E 350 40.02 -24.20 22.33
CA GLU E 350 40.91 -24.40 23.47
C GLU E 350 40.46 -25.58 24.33
N TYR E 351 39.16 -25.69 24.61
CA TYR E 351 38.69 -26.86 25.34
C TYR E 351 38.90 -28.15 24.53
N GLY E 352 38.73 -28.07 23.21
CA GLY E 352 39.00 -29.22 22.36
C GLY E 352 40.43 -29.71 22.45
N THR E 353 41.38 -28.78 22.37
CA THR E 353 42.79 -29.13 22.53
C THR E 353 43.09 -29.59 23.96
N LEU E 354 42.35 -29.07 24.95
CA LEU E 354 42.48 -29.55 26.32
C LEU E 354 42.07 -31.01 26.45
N HIS E 355 40.91 -31.37 25.89
CA HIS E 355 40.44 -32.74 25.94
C HIS E 355 41.33 -33.69 25.16
N TYR E 356 41.95 -33.23 24.08
CA TYR E 356 42.92 -34.10 23.41
C TYR E 356 44.19 -34.24 24.24
N PHE E 357 44.60 -33.19 24.94
CA PHE E 357 45.89 -33.25 25.62
C PHE E 357 45.81 -33.94 26.96
N VAL E 358 44.63 -34.04 27.58
CA VAL E 358 44.54 -34.80 28.83
C VAL E 358 44.75 -36.28 28.55
N SER E 359 44.43 -36.74 27.34
CA SER E 359 44.69 -38.10 26.95
C SER E 359 46.09 -38.29 26.40
N SER E 360 46.63 -37.31 25.66
CA SER E 360 47.96 -37.52 25.09
C SER E 360 49.04 -37.39 26.15
N GLN E 361 49.22 -36.20 26.72
CA GLN E 361 50.16 -35.97 27.82
C GLN E 361 49.56 -35.00 28.84
N PRO E 362 49.34 -35.45 30.08
CA PRO E 362 48.74 -34.60 31.12
C PRO E 362 49.60 -33.46 31.67
N ALA E 363 50.92 -33.51 31.53
CA ALA E 363 51.77 -32.44 32.07
C ALA E 363 51.53 -31.08 31.38
N ARG E 364 51.17 -31.08 30.11
CA ARG E 364 50.89 -29.83 29.41
C ARG E 364 49.47 -29.33 29.60
N ALA E 365 48.49 -30.23 29.75
CA ALA E 365 47.10 -29.86 29.87
C ALA E 365 46.66 -29.49 31.28
N ALA E 366 47.50 -29.64 32.30
CA ALA E 366 47.06 -29.28 33.64
C ALA E 366 46.96 -27.77 33.83
N LYS E 367 48.02 -27.03 33.48
CA LYS E 367 48.03 -25.59 33.71
C LYS E 367 47.57 -24.79 32.50
N MET E 368 46.99 -25.43 31.48
CA MET E 368 46.51 -24.68 30.32
C MET E 368 45.21 -23.95 30.63
N ASP E 369 44.29 -24.61 31.35
CA ASP E 369 43.00 -24.02 31.68
C ASP E 369 43.19 -22.87 32.66
N SER E 370 44.09 -23.04 33.63
CA SER E 370 44.42 -21.97 34.57
C SER E 370 45.05 -20.78 33.86
N TYR E 371 45.75 -21.02 32.75
CA TYR E 371 46.29 -19.93 31.95
C TYR E 371 45.18 -19.24 31.17
N ALA E 372 44.22 -20.03 30.64
CA ALA E 372 43.13 -19.48 29.85
C ALA E 372 42.23 -18.60 30.70
N ARG E 373 42.01 -18.99 31.96
CA ARG E 373 41.16 -18.26 32.92
C ARG E 373 41.61 -16.82 33.13
N ILE E 374 42.90 -16.54 32.94
CA ILE E 374 43.41 -15.18 33.05
C ILE E 374 43.74 -14.57 31.69
N PHE E 375 44.00 -15.39 30.66
CA PHE E 375 44.40 -14.83 29.37
C PHE E 375 43.19 -14.36 28.57
N PHE E 376 42.04 -15.04 28.68
CA PHE E 376 40.88 -14.64 27.90
C PHE E 376 40.29 -13.29 28.35
N PRO E 377 40.00 -13.04 29.66
CA PRO E 377 39.47 -11.71 30.01
C PRO E 377 40.42 -10.56 29.77
N THR E 378 41.73 -10.75 29.99
CA THR E 378 42.69 -9.67 29.73
C THR E 378 42.78 -9.35 28.24
N ALA E 379 42.77 -10.38 27.39
CA ALA E 379 42.81 -10.14 25.95
C ALA E 379 41.55 -9.43 25.47
N PHE E 380 40.38 -9.82 25.99
CA PHE E 380 39.15 -9.16 25.62
C PHE E 380 39.08 -7.72 26.14
N CYS E 381 39.57 -7.48 27.36
CA CYS E 381 39.58 -6.13 27.93
C CYS E 381 40.55 -5.22 27.18
N LEU E 382 41.71 -5.76 26.79
CA LEU E 382 42.66 -5.00 25.99
C LEU E 382 42.10 -4.68 24.61
N PHE E 383 41.41 -5.65 24.01
CA PHE E 383 40.73 -5.41 22.73
C PHE E 383 39.68 -4.31 22.87
N ASN E 384 38.88 -4.37 23.93
CA ASN E 384 37.86 -3.35 24.17
C ASN E 384 38.46 -1.97 24.36
N LEU E 385 39.55 -1.85 25.15
CA LEU E 385 40.19 -0.56 25.36
C LEU E 385 40.72 0.01 24.05
N VAL E 386 41.49 -0.80 23.29
CA VAL E 386 42.10 -0.32 22.04
C VAL E 386 41.03 -0.01 21.00
N TYR E 387 39.97 -0.83 20.93
CA TYR E 387 38.87 -0.62 20.00
C TYR E 387 38.12 0.68 20.30
N TRP E 388 37.74 0.89 21.57
CA TRP E 388 36.96 2.06 21.93
C TRP E 388 37.76 3.35 21.78
N VAL E 389 39.04 3.34 22.17
CA VAL E 389 39.85 4.54 21.97
C VAL E 389 40.09 4.81 20.48
N SER E 390 40.37 3.76 19.69
CA SER E 390 40.66 3.93 18.27
C SER E 390 39.43 4.39 17.49
N TYR E 391 38.23 4.02 17.94
CA TYR E 391 37.03 4.42 17.21
C TYR E 391 36.35 5.64 17.80
N LEU E 392 36.73 6.08 18.99
CA LEU E 392 36.26 7.36 19.50
C LEU E 392 37.26 8.49 19.29
N TYR E 393 38.49 8.18 18.89
CA TYR E 393 39.41 9.22 18.46
C TYR E 393 39.09 9.70 17.05
N LEU E 394 38.62 8.80 16.17
CA LEU E 394 38.25 9.17 14.81
C LEU E 394 36.94 9.96 14.80
N ASN F 1 -2.25 -27.75 -38.34
CA ASN F 1 -3.49 -27.86 -39.08
C ASN F 1 -4.54 -28.66 -38.30
N ILE F 2 -5.53 -27.94 -37.76
CA ILE F 2 -6.57 -28.58 -36.97
C ILE F 2 -7.51 -29.33 -37.89
N VAL F 3 -7.73 -30.61 -37.61
CA VAL F 3 -8.59 -31.45 -38.43
C VAL F 3 -9.91 -31.65 -37.71
N MET F 4 -10.99 -31.67 -38.47
CA MET F 4 -12.34 -31.84 -37.93
C MET F 4 -12.89 -33.15 -38.48
N THR F 5 -13.26 -34.05 -37.58
CA THR F 5 -13.81 -35.35 -37.94
C THR F 5 -15.31 -35.33 -37.68
N GLN F 6 -16.09 -35.46 -38.73
CA GLN F 6 -17.55 -35.41 -38.63
C GLN F 6 -18.11 -36.81 -38.74
N SER F 7 -19.22 -37.06 -38.03
CA SER F 7 -19.81 -38.37 -37.98
C SER F 7 -21.32 -38.24 -37.90
N PRO F 8 -22.08 -39.09 -38.62
CA PRO F 8 -21.60 -40.10 -39.57
C PRO F 8 -21.44 -39.58 -40.99
N LYS F 9 -20.87 -40.41 -41.87
CA LYS F 9 -20.72 -40.02 -43.27
C LYS F 9 -22.08 -39.86 -43.95
N SER F 10 -23.04 -40.70 -43.56
CA SER F 10 -24.40 -40.63 -44.07
C SER F 10 -25.32 -41.11 -42.96
N MET F 11 -26.58 -40.68 -43.02
CA MET F 11 -27.53 -41.08 -41.99
C MET F 11 -28.92 -40.98 -42.61
N SER F 12 -29.70 -42.05 -42.47
CA SER F 12 -31.05 -42.13 -43.02
C SER F 12 -32.06 -42.09 -41.90
N MET F 13 -33.07 -41.22 -42.07
CA MET F 13 -34.11 -41.00 -41.08
C MET F 13 -35.35 -40.45 -41.77
N SER F 14 -36.48 -40.56 -41.08
CA SER F 14 -37.77 -40.18 -41.64
C SER F 14 -38.08 -38.72 -41.31
N VAL F 15 -39.31 -38.30 -41.59
CA VAL F 15 -39.75 -36.92 -41.41
C VAL F 15 -40.42 -36.80 -40.04
N GLY F 16 -40.08 -35.76 -39.29
CA GLY F 16 -40.78 -35.38 -38.09
C GLY F 16 -40.02 -35.61 -36.80
N GLU F 17 -39.03 -36.50 -36.80
CA GLU F 17 -38.33 -36.82 -35.57
C GLU F 17 -37.15 -35.88 -35.35
N ARG F 18 -36.46 -36.08 -34.23
CA ARG F 18 -35.31 -35.27 -33.85
C ARG F 18 -34.03 -35.98 -34.30
N VAL F 19 -33.09 -35.20 -34.82
CA VAL F 19 -31.85 -35.75 -35.37
C VAL F 19 -30.68 -34.96 -34.80
N THR F 20 -29.52 -35.60 -34.70
CA THR F 20 -28.34 -35.03 -34.07
C THR F 20 -27.11 -35.40 -34.89
N LEU F 21 -26.28 -34.41 -35.15
CA LEU F 21 -25.03 -34.57 -35.89
C LEU F 21 -23.88 -34.15 -35.00
N SER F 22 -22.74 -34.83 -35.11
CA SER F 22 -21.60 -34.59 -34.25
C SER F 22 -20.38 -34.19 -35.06
N CYS F 23 -19.51 -33.39 -34.43
CA CYS F 23 -18.24 -32.96 -35.01
C CYS F 23 -17.21 -32.91 -33.88
N LYS F 24 -16.02 -33.41 -34.18
CA LYS F 24 -14.94 -33.48 -33.20
C LYS F 24 -13.67 -32.89 -33.76
N ALA F 25 -12.90 -32.22 -32.91
CA ALA F 25 -11.65 -31.59 -33.32
C ALA F 25 -10.46 -32.30 -32.71
N SER F 26 -9.32 -32.20 -33.40
CA SER F 26 -8.08 -32.76 -32.87
C SER F 26 -7.48 -31.83 -31.83
N GLU F 27 -7.27 -30.57 -32.17
CA GLU F 27 -6.74 -29.56 -31.27
C GLU F 27 -7.89 -28.80 -30.61
N TYR F 28 -7.56 -27.70 -29.96
CA TYR F 28 -8.55 -26.85 -29.31
C TYR F 28 -9.10 -25.86 -30.31
N VAL F 29 -10.42 -25.75 -30.38
CA VAL F 29 -11.12 -24.70 -31.11
C VAL F 29 -12.21 -24.17 -30.17
N GLY F 30 -11.97 -23.00 -29.58
CA GLY F 30 -12.90 -22.59 -28.56
C GLY F 30 -14.09 -21.84 -29.09
N THR F 31 -15.20 -22.55 -29.33
CA THR F 31 -16.46 -22.00 -29.85
C THR F 31 -16.25 -21.20 -31.14
N TYR F 32 -15.39 -21.71 -32.01
CA TYR F 32 -15.19 -21.10 -33.32
C TYR F 32 -15.51 -22.11 -34.40
N VAL F 33 -16.63 -22.81 -34.26
CA VAL F 33 -17.03 -23.88 -35.16
C VAL F 33 -18.36 -23.52 -35.78
N SER F 34 -18.39 -23.45 -37.11
CA SER F 34 -19.57 -23.06 -37.84
C SER F 34 -20.18 -24.28 -38.51
N TRP F 35 -21.50 -24.23 -38.71
CA TRP F 35 -22.25 -25.32 -39.33
C TRP F 35 -22.88 -24.80 -40.61
N TYR F 36 -22.56 -25.43 -41.73
CA TYR F 36 -23.08 -25.05 -43.03
C TYR F 36 -24.00 -26.14 -43.58
N GLN F 37 -24.95 -25.70 -44.39
CA GLN F 37 -25.89 -26.58 -45.07
C GLN F 37 -25.71 -26.37 -46.56
N GLN F 38 -25.48 -27.45 -47.30
CA GLN F 38 -25.26 -27.39 -48.73
C GLN F 38 -26.19 -28.33 -49.47
N LYS F 39 -27.10 -27.78 -50.25
CA LYS F 39 -27.96 -28.56 -51.10
C LYS F 39 -27.20 -28.91 -52.37
N PRO F 40 -27.61 -29.97 -53.09
CA PRO F 40 -26.91 -30.31 -54.35
C PRO F 40 -27.03 -29.22 -55.41
N GLU F 41 -25.88 -28.88 -56.01
CA GLU F 41 -25.72 -27.82 -57.02
C GLU F 41 -26.15 -26.47 -56.43
N GLN F 42 -25.59 -26.16 -55.27
CA GLN F 42 -25.82 -24.89 -54.59
C GLN F 42 -24.58 -24.56 -53.77
N SER F 43 -24.60 -23.42 -53.21
CA SER F 43 -23.53 -22.97 -52.34
C SER F 43 -23.89 -23.22 -50.88
N PRO F 44 -22.90 -23.47 -50.02
CA PRO F 44 -23.19 -23.69 -48.60
C PRO F 44 -23.73 -22.43 -47.95
N LYS F 45 -24.69 -22.61 -47.06
CA LYS F 45 -25.30 -21.51 -46.33
C LYS F 45 -25.02 -21.70 -44.85
N LEU F 46 -24.65 -20.61 -44.19
CA LEU F 46 -24.34 -20.67 -42.78
C LEU F 46 -25.61 -20.86 -41.96
N LEU F 47 -25.62 -21.89 -41.14
CA LEU F 47 -26.73 -22.16 -40.22
C LEU F 47 -26.39 -21.66 -38.82
N ILE F 48 -25.28 -22.13 -38.27
CA ILE F 48 -24.88 -21.85 -36.91
C ILE F 48 -23.47 -21.27 -36.96
N TYR F 49 -23.26 -20.14 -36.30
CA TYR F 49 -21.94 -19.56 -36.15
C TYR F 49 -21.57 -19.57 -34.67
N GLY F 50 -20.38 -19.08 -34.34
CA GLY F 50 -19.87 -19.21 -32.99
C GLY F 50 -19.67 -20.67 -32.65
N ALA F 51 -20.45 -21.17 -31.70
CA ALA F 51 -20.66 -22.61 -31.60
C ALA F 51 -22.16 -22.86 -31.50
N SER F 52 -22.87 -21.94 -30.84
CA SER F 52 -24.33 -21.98 -30.72
C SER F 52 -24.88 -20.56 -30.97
N ASN F 53 -25.10 -20.22 -32.23
CA ASN F 53 -25.60 -18.90 -32.59
C ASN F 53 -26.31 -19.05 -33.94
N ARG F 54 -27.63 -18.95 -33.94
CA ARG F 54 -28.40 -19.08 -35.16
C ARG F 54 -28.19 -17.88 -36.08
N TYR F 55 -27.92 -18.16 -37.35
CA TYR F 55 -27.75 -17.12 -38.35
C TYR F 55 -29.07 -16.41 -38.63
N THR F 56 -28.98 -15.12 -38.98
CA THR F 56 -30.16 -14.29 -39.21
C THR F 56 -30.83 -14.72 -40.50
N GLY F 57 -31.86 -15.54 -40.37
CA GLY F 57 -32.61 -16.02 -41.52
C GLY F 57 -32.75 -17.53 -41.48
N VAL F 58 -32.39 -18.11 -40.34
CA VAL F 58 -32.42 -19.55 -40.13
C VAL F 58 -33.59 -19.79 -39.19
N PRO F 59 -34.32 -20.90 -39.30
CA PRO F 59 -35.39 -21.19 -38.34
C PRO F 59 -34.86 -21.48 -36.94
N ASP F 60 -35.79 -21.61 -36.01
CA ASP F 60 -35.48 -21.84 -34.60
C ASP F 60 -35.30 -23.32 -34.28
N ARG F 61 -35.56 -24.20 -35.25
CA ARG F 61 -35.43 -25.64 -35.02
C ARG F 61 -33.99 -26.13 -35.07
N PHE F 62 -33.06 -25.33 -35.58
CA PHE F 62 -31.64 -25.67 -35.54
C PHE F 62 -31.03 -25.14 -34.25
N THR F 63 -30.25 -25.97 -33.58
CA THR F 63 -29.57 -25.56 -32.37
C THR F 63 -28.21 -26.25 -32.31
N GLY F 64 -27.20 -25.48 -31.89
CA GLY F 64 -25.85 -25.96 -31.75
C GLY F 64 -25.48 -26.12 -30.30
N SER F 65 -24.56 -27.05 -30.02
CA SER F 65 -24.06 -27.26 -28.68
C SER F 65 -22.54 -27.39 -28.76
N GLY F 66 -21.83 -26.59 -27.98
CA GLY F 66 -20.40 -26.50 -28.14
C GLY F 66 -19.58 -26.80 -26.91
N SER F 67 -18.30 -27.03 -27.13
CA SER F 67 -17.33 -27.32 -26.08
C SER F 67 -15.97 -26.82 -26.56
N ALA F 68 -14.89 -27.33 -25.98
CA ALA F 68 -13.58 -26.98 -26.51
C ALA F 68 -13.19 -27.87 -27.68
N THR F 69 -13.66 -29.13 -27.72
CA THR F 69 -13.31 -30.06 -28.78
C THR F 69 -14.50 -30.76 -29.43
N ASP F 70 -15.54 -31.07 -28.66
CA ASP F 70 -16.67 -31.85 -29.15
C ASP F 70 -17.86 -30.92 -29.39
N PHE F 71 -18.37 -30.93 -30.62
CA PHE F 71 -19.47 -30.06 -31.01
C PHE F 71 -20.58 -30.90 -31.62
N THR F 72 -21.82 -30.39 -31.52
CA THR F 72 -22.99 -31.12 -32.00
C THR F 72 -23.97 -30.13 -32.61
N LEU F 73 -24.75 -30.63 -33.58
CA LEU F 73 -25.82 -29.88 -34.23
C LEU F 73 -27.08 -30.71 -34.13
N THR F 74 -28.11 -30.18 -33.48
CA THR F 74 -29.38 -30.87 -33.28
C THR F 74 -30.48 -30.16 -34.04
N ILE F 75 -31.26 -30.92 -34.81
CA ILE F 75 -32.39 -30.40 -35.57
C ILE F 75 -33.63 -31.08 -35.01
N GLY F 76 -34.52 -30.30 -34.37
CA GLY F 76 -35.74 -30.81 -33.81
C GLY F 76 -36.91 -30.56 -34.73
N SER F 77 -37.74 -31.60 -34.92
CA SER F 77 -38.94 -31.59 -35.77
C SER F 77 -38.59 -31.23 -37.22
N VAL F 78 -37.84 -32.13 -37.84
CA VAL F 78 -37.39 -31.95 -39.22
C VAL F 78 -38.57 -31.94 -40.20
N GLN F 79 -38.35 -31.31 -41.34
CA GLN F 79 -39.27 -31.25 -42.46
C GLN F 79 -38.62 -31.83 -43.70
N ALA F 80 -39.29 -31.66 -44.84
CA ALA F 80 -38.82 -32.13 -46.14
C ALA F 80 -37.82 -31.17 -46.76
N GLU F 81 -37.59 -30.01 -46.14
CA GLU F 81 -36.65 -29.02 -46.64
C GLU F 81 -35.35 -29.00 -45.85
N ASP F 82 -35.21 -29.86 -44.84
CA ASP F 82 -33.96 -29.98 -44.11
C ASP F 82 -33.08 -31.10 -44.66
N LEU F 83 -33.25 -31.47 -45.93
CA LEU F 83 -32.43 -32.49 -46.56
C LEU F 83 -31.33 -31.82 -47.39
N ALA F 84 -30.08 -32.05 -47.01
CA ALA F 84 -28.91 -31.46 -47.64
C ALA F 84 -27.66 -32.13 -47.07
N ASP F 85 -26.51 -31.64 -47.50
CA ASP F 85 -25.22 -31.99 -46.89
C ASP F 85 -24.91 -31.00 -45.79
N TYR F 86 -24.26 -31.47 -44.73
CA TYR F 86 -23.93 -30.63 -43.59
C TYR F 86 -22.44 -30.73 -43.27
N HIS F 87 -21.77 -29.59 -43.20
CA HIS F 87 -20.33 -29.51 -42.95
C HIS F 87 -20.07 -28.70 -41.68
N CYS F 88 -19.14 -29.16 -40.86
CA CYS F 88 -18.65 -28.41 -39.72
C CYS F 88 -17.25 -27.89 -40.05
N GLY F 89 -17.02 -26.61 -39.75
CA GLY F 89 -15.73 -26.00 -40.02
C GLY F 89 -15.23 -25.15 -38.87
N GLN F 90 -13.95 -25.28 -38.54
CA GLN F 90 -13.36 -24.51 -37.46
C GLN F 90 -12.73 -23.24 -38.00
N SER F 91 -12.63 -22.24 -37.13
CA SER F 91 -11.99 -20.98 -37.52
C SER F 91 -11.06 -20.42 -36.46
N TYR F 92 -10.74 -21.18 -35.42
CA TYR F 92 -9.77 -20.75 -34.42
C TYR F 92 -8.40 -20.50 -35.04
N SER F 93 -8.04 -21.32 -36.00
CA SER F 93 -6.83 -21.20 -36.81
C SER F 93 -7.30 -20.98 -38.24
N TYR F 94 -6.37 -21.13 -39.18
CA TYR F 94 -6.72 -21.16 -40.60
C TYR F 94 -7.79 -22.20 -40.86
N PRO F 95 -8.85 -21.88 -41.59
CA PRO F 95 -10.07 -22.70 -41.56
C PRO F 95 -9.89 -24.05 -42.24
N THR F 96 -10.37 -25.09 -41.58
CA THR F 96 -10.45 -26.44 -42.11
C THR F 96 -11.84 -26.97 -41.86
N PHE F 97 -12.37 -27.74 -42.80
CA PHE F 97 -13.74 -28.23 -42.71
C PHE F 97 -13.71 -29.72 -42.38
N GLY F 98 -14.90 -30.25 -42.11
CA GLY F 98 -15.07 -31.67 -41.90
C GLY F 98 -15.39 -32.38 -43.20
N ALA F 99 -15.50 -33.70 -43.10
CA ALA F 99 -15.74 -34.50 -44.30
C ALA F 99 -17.15 -34.30 -44.85
N GLY F 100 -18.10 -33.99 -43.98
CA GLY F 100 -19.48 -33.80 -44.37
C GLY F 100 -20.38 -34.87 -43.78
N THR F 101 -21.67 -34.66 -43.98
CA THR F 101 -22.68 -35.61 -43.50
C THR F 101 -23.89 -35.47 -44.41
N LYS F 102 -24.14 -36.48 -45.22
CA LYS F 102 -25.32 -36.48 -46.06
C LYS F 102 -26.53 -36.82 -45.19
N LEU F 103 -27.67 -36.23 -45.53
CA LEU F 103 -28.91 -36.42 -44.78
C LEU F 103 -29.99 -36.90 -45.73
N GLU F 104 -30.58 -38.06 -45.44
CA GLU F 104 -31.45 -38.77 -46.35
C GLU F 104 -32.83 -38.93 -45.73
N LEU F 105 -33.83 -39.14 -46.57
CA LEU F 105 -35.20 -39.27 -46.12
C LEU F 105 -35.63 -40.73 -46.12
N VAL G 2 -23.67 -8.68 -49.34
CA VAL G 2 -25.04 -9.16 -49.49
C VAL G 2 -25.11 -10.12 -50.69
N GLN G 3 -24.27 -9.90 -51.70
CA GLN G 3 -24.25 -10.77 -52.87
C GLN G 3 -22.82 -10.86 -53.39
N LEU G 4 -22.41 -12.07 -53.77
CA LEU G 4 -21.11 -12.34 -54.38
C LEU G 4 -21.35 -13.04 -55.71
N GLN G 5 -20.85 -12.44 -56.79
CA GLN G 5 -21.03 -12.96 -58.14
C GLN G 5 -19.69 -13.45 -58.67
N GLN G 6 -19.65 -14.72 -59.05
CA GLN G 6 -18.45 -15.34 -59.58
C GLN G 6 -18.52 -15.40 -61.11
N SER G 7 -17.43 -15.85 -61.71
CA SER G 7 -17.32 -15.93 -63.16
C SER G 7 -18.06 -17.17 -63.68
N GLY G 8 -17.90 -17.44 -64.97
CA GLY G 8 -18.58 -18.56 -65.62
C GLY G 8 -17.67 -19.76 -65.76
N ALA G 9 -18.28 -20.93 -65.84
CA ALA G 9 -17.56 -22.18 -66.03
C ALA G 9 -16.86 -22.20 -67.39
N GLU G 10 -15.75 -22.93 -67.46
CA GLU G 10 -14.93 -23.01 -68.67
C GLU G 10 -14.06 -24.25 -68.61
N LEU G 11 -13.48 -24.60 -69.75
CA LEU G 11 -12.50 -25.68 -69.84
C LEU G 11 -11.11 -25.09 -69.91
N VAL G 12 -10.11 -25.91 -69.55
CA VAL G 12 -8.70 -25.51 -69.54
C VAL G 12 -7.89 -26.76 -69.86
N LYS G 13 -6.87 -26.62 -70.67
CA LYS G 13 -5.96 -27.70 -71.01
C LYS G 13 -4.94 -27.91 -69.87
N PRO G 14 -4.56 -29.16 -69.59
CA PRO G 14 -3.59 -29.45 -68.51
C PRO G 14 -2.23 -28.84 -68.79
N GLY G 15 -1.81 -27.95 -67.89
CA GLY G 15 -0.55 -27.24 -67.99
C GLY G 15 -0.67 -25.76 -68.26
N ALA G 16 -1.89 -25.25 -68.42
CA ALA G 16 -2.13 -23.84 -68.70
C ALA G 16 -2.32 -23.10 -67.39
N SER G 17 -2.84 -21.87 -67.46
CA SER G 17 -3.14 -21.08 -66.28
C SER G 17 -4.54 -20.50 -66.40
N VAL G 18 -5.22 -20.37 -65.26
CA VAL G 18 -6.58 -19.85 -65.21
C VAL G 18 -6.62 -18.72 -64.18
N LYS G 19 -7.55 -17.79 -64.37
CA LYS G 19 -7.79 -16.70 -63.41
C LYS G 19 -9.28 -16.56 -63.17
N LEU G 20 -9.74 -16.98 -61.99
CA LEU G 20 -11.14 -16.83 -61.62
C LEU G 20 -11.34 -15.54 -60.84
N SER G 21 -12.49 -14.93 -61.03
CA SER G 21 -12.79 -13.64 -60.42
C SER G 21 -14.03 -13.74 -59.55
N CYS G 22 -14.14 -12.82 -58.59
CA CYS G 22 -15.28 -12.79 -57.68
C CYS G 22 -15.58 -11.33 -57.36
N THR G 23 -16.70 -10.82 -57.88
CA THR G 23 -17.06 -9.41 -57.72
C THR G 23 -18.08 -9.26 -56.59
N ALA G 24 -17.75 -8.39 -55.65
CA ALA G 24 -18.60 -8.15 -54.48
C ALA G 24 -19.50 -6.95 -54.70
N SER G 25 -20.74 -7.07 -54.23
CA SER G 25 -21.73 -6.00 -54.36
C SER G 25 -22.54 -5.92 -53.08
N GLY G 26 -22.61 -4.73 -52.51
CA GLY G 26 -23.30 -4.50 -51.26
C GLY G 26 -22.39 -4.14 -50.11
N PHE G 27 -21.08 -4.25 -50.30
CA PHE G 27 -20.10 -3.93 -49.28
C PHE G 27 -18.77 -3.66 -49.97
N ASN G 28 -17.79 -3.23 -49.19
CA ASN G 28 -16.44 -3.00 -49.67
C ASN G 28 -15.55 -4.09 -49.11
N ILE G 29 -14.75 -4.72 -49.99
CA ILE G 29 -13.94 -5.86 -49.58
C ILE G 29 -12.81 -5.50 -48.63
N LYS G 30 -12.46 -4.22 -48.51
CA LYS G 30 -11.43 -3.79 -47.56
C LYS G 30 -11.84 -3.92 -46.11
N ASP G 31 -13.09 -4.27 -45.82
CA ASP G 31 -13.55 -4.39 -44.44
C ASP G 31 -13.38 -5.81 -43.91
N THR G 32 -13.66 -6.80 -44.74
CA THR G 32 -13.66 -8.21 -44.35
C THR G 32 -12.52 -8.93 -45.03
N TYR G 33 -12.36 -10.19 -44.66
CA TYR G 33 -11.44 -11.09 -45.36
C TYR G 33 -12.20 -11.79 -46.47
N MET G 34 -11.46 -12.28 -47.46
CA MET G 34 -12.04 -12.99 -48.59
C MET G 34 -11.37 -14.35 -48.69
N TYR G 35 -12.16 -15.41 -48.66
CA TYR G 35 -11.67 -16.78 -48.69
C TYR G 35 -11.99 -17.42 -50.02
N TRP G 36 -11.10 -18.33 -50.44
CA TRP G 36 -11.34 -19.17 -51.60
C TRP G 36 -11.38 -20.62 -51.13
N VAL G 37 -12.47 -21.30 -51.44
CA VAL G 37 -12.72 -22.67 -51.01
C VAL G 37 -12.93 -23.53 -52.25
N LYS G 38 -12.43 -24.76 -52.21
CA LYS G 38 -12.52 -25.69 -53.34
C LYS G 38 -13.29 -26.93 -52.88
N GLN G 39 -14.23 -27.38 -53.71
CA GLN G 39 -15.01 -28.57 -53.42
C GLN G 39 -14.96 -29.52 -54.60
N ARG G 40 -14.53 -30.74 -54.35
CA ARG G 40 -14.46 -31.83 -55.28
C ARG G 40 -15.80 -32.55 -55.34
N PRO G 41 -16.09 -33.29 -56.42
CA PRO G 41 -17.36 -34.05 -56.49
C PRO G 41 -17.46 -35.12 -55.41
N GLU G 42 -18.53 -35.00 -54.60
CA GLU G 42 -18.91 -35.89 -53.48
C GLU G 42 -17.81 -35.97 -52.42
N GLN G 43 -17.18 -34.84 -52.13
CA GLN G 43 -16.21 -34.75 -51.04
C GLN G 43 -16.49 -33.49 -50.23
N GLY G 44 -15.67 -33.29 -49.20
CA GLY G 44 -15.78 -32.12 -48.36
C GLY G 44 -15.10 -30.90 -48.93
N LEU G 45 -15.41 -29.75 -48.34
CA LEU G 45 -14.81 -28.49 -48.74
C LEU G 45 -13.36 -28.43 -48.27
N GLU G 46 -12.53 -27.75 -49.07
CA GLU G 46 -11.11 -27.58 -48.77
C GLU G 46 -10.75 -26.12 -48.94
N TRP G 47 -10.08 -25.55 -47.94
CA TRP G 47 -9.70 -24.15 -47.95
C TRP G 47 -8.42 -23.94 -48.74
N ILE G 48 -8.46 -23.03 -49.72
CA ILE G 48 -7.30 -22.75 -50.54
C ILE G 48 -6.48 -21.64 -49.89
N GLY G 49 -7.08 -20.47 -49.73
CA GLY G 49 -6.31 -19.34 -49.27
C GLY G 49 -7.18 -18.21 -48.76
N ARG G 50 -6.49 -17.16 -48.32
CA ARG G 50 -7.05 -16.05 -47.57
C ARG G 50 -6.39 -14.78 -48.07
N ILE G 51 -7.15 -13.71 -48.25
CA ILE G 51 -6.57 -12.42 -48.58
C ILE G 51 -7.19 -11.34 -47.69
N ASP G 52 -6.36 -10.40 -47.24
CA ASP G 52 -6.80 -9.22 -46.51
C ASP G 52 -6.71 -8.04 -47.48
N PRO G 53 -7.82 -7.63 -48.11
CA PRO G 53 -7.73 -6.61 -49.17
C PRO G 53 -7.29 -5.24 -48.69
N ALA G 54 -7.49 -4.92 -47.40
CA ALA G 54 -7.06 -3.61 -46.91
C ALA G 54 -5.54 -3.52 -46.82
N ASN G 55 -4.89 -4.52 -46.24
CA ASN G 55 -3.44 -4.51 -46.12
C ASN G 55 -2.78 -5.09 -47.37
N GLY G 56 -3.20 -6.29 -47.76
CA GLY G 56 -2.61 -6.96 -48.91
C GLY G 56 -1.95 -8.26 -48.58
N ASP G 57 -1.87 -8.64 -47.30
CA ASP G 57 -1.21 -9.88 -46.91
C ASP G 57 -2.13 -11.06 -47.15
N THR G 58 -1.54 -12.18 -47.58
CA THR G 58 -2.29 -13.38 -47.93
C THR G 58 -1.69 -14.57 -47.21
N LYS G 59 -2.52 -15.59 -47.00
CA LYS G 59 -2.09 -16.89 -46.49
C LYS G 59 -2.68 -17.98 -47.39
N TYR G 60 -1.98 -19.10 -47.48
CA TYR G 60 -2.41 -20.20 -48.32
C TYR G 60 -2.32 -21.52 -47.56
N ASP G 61 -3.14 -22.47 -47.98
CA ASP G 61 -3.03 -23.84 -47.51
C ASP G 61 -1.66 -24.37 -47.93
N PRO G 62 -0.92 -25.05 -47.04
CA PRO G 62 0.37 -25.65 -47.44
C PRO G 62 0.31 -26.61 -48.62
N LYS G 63 -0.80 -27.33 -48.83
CA LYS G 63 -0.91 -28.14 -50.04
C LYS G 63 -1.11 -27.26 -51.28
N PHE G 64 -1.69 -26.07 -51.13
CA PHE G 64 -1.87 -25.16 -52.25
C PHE G 64 -0.80 -24.07 -52.30
N GLN G 65 0.23 -24.18 -51.45
CA GLN G 65 1.30 -23.18 -51.41
C GLN G 65 2.12 -23.26 -52.70
N GLY G 66 2.23 -22.13 -53.40
CA GLY G 66 2.96 -22.06 -54.63
C GLY G 66 2.16 -22.38 -55.88
N LYS G 67 1.00 -23.01 -55.73
CA LYS G 67 0.15 -23.36 -56.86
C LYS G 67 -0.87 -22.27 -57.14
N ALA G 68 -1.45 -21.68 -56.10
CA ALA G 68 -2.47 -20.65 -56.23
C ALA G 68 -1.92 -19.32 -55.75
N THR G 69 -2.43 -18.24 -56.35
CA THR G 69 -2.06 -16.88 -55.96
C THR G 69 -3.32 -16.03 -55.94
N ILE G 70 -3.63 -15.47 -54.79
CA ILE G 70 -4.85 -14.67 -54.61
C ILE G 70 -4.46 -13.20 -54.64
N THR G 71 -5.21 -12.41 -55.40
CA THR G 71 -5.02 -10.97 -55.52
C THR G 71 -6.37 -10.29 -55.45
N THR G 72 -6.36 -8.97 -55.39
CA THR G 72 -7.58 -8.21 -55.22
C THR G 72 -7.51 -6.97 -56.10
N ASP G 73 -8.67 -6.34 -56.27
CA ASP G 73 -8.79 -5.08 -57.00
C ASP G 73 -9.86 -4.24 -56.32
N THR G 74 -9.42 -3.17 -55.65
CA THR G 74 -10.32 -2.36 -54.85
C THR G 74 -11.18 -1.43 -55.71
N PHE G 75 -10.70 -1.08 -56.90
CA PHE G 75 -11.47 -0.22 -57.80
C PHE G 75 -12.77 -0.88 -58.22
N SER G 76 -12.69 -2.08 -58.77
CA SER G 76 -13.86 -2.84 -59.19
C SER G 76 -14.48 -3.67 -58.07
N ASN G 77 -13.89 -3.64 -56.86
CA ASN G 77 -14.38 -4.37 -55.68
C ASN G 77 -14.43 -5.87 -55.96
N THR G 78 -13.30 -6.41 -56.44
CA THR G 78 -13.20 -7.80 -56.86
C THR G 78 -12.01 -8.46 -56.19
N ALA G 79 -12.05 -9.79 -56.17
CA ALA G 79 -10.97 -10.62 -55.67
C ALA G 79 -10.71 -11.73 -56.68
N TYR G 80 -9.44 -11.98 -56.98
CA TYR G 80 -9.05 -12.92 -58.01
C TYR G 80 -8.28 -14.08 -57.40
N LEU G 81 -8.46 -15.26 -58.01
CA LEU G 81 -7.70 -16.46 -57.66
C LEU G 81 -7.08 -16.98 -58.94
N GLN G 82 -5.76 -17.02 -58.98
CA GLN G 82 -5.03 -17.50 -60.14
C GLN G 82 -4.43 -18.86 -59.84
N LEU G 83 -4.81 -19.86 -60.62
CA LEU G 83 -4.28 -21.20 -60.52
C LEU G 83 -3.35 -21.43 -61.71
N SER G 84 -2.18 -22.01 -61.45
CA SER G 84 -1.22 -22.25 -62.50
C SER G 84 -0.75 -23.68 -62.48
N SER G 85 -0.28 -24.13 -63.65
CA SER G 85 0.21 -25.48 -63.91
C SER G 85 -0.79 -26.54 -63.46
N LEU G 86 -1.98 -26.49 -64.06
CA LEU G 86 -3.03 -27.39 -63.60
C LEU G 86 -2.78 -28.83 -64.04
N THR G 87 -3.37 -29.74 -63.28
CA THR G 87 -3.31 -31.18 -63.51
C THR G 87 -4.73 -31.71 -63.53
N SER G 88 -4.91 -33.04 -63.49
CA SER G 88 -6.25 -33.60 -63.56
C SER G 88 -7.02 -33.54 -62.24
N GLU G 89 -6.35 -33.33 -61.11
CA GLU G 89 -7.02 -33.25 -59.81
C GLU G 89 -7.56 -31.85 -59.51
N ASP G 90 -7.66 -30.98 -60.51
CA ASP G 90 -8.20 -29.65 -60.32
C ASP G 90 -9.65 -29.52 -60.79
N THR G 91 -10.24 -30.59 -61.31
CA THR G 91 -11.66 -30.56 -61.67
C THR G 91 -12.48 -30.52 -60.38
N ALA G 92 -13.01 -29.34 -60.07
CA ALA G 92 -13.70 -29.12 -58.81
C ALA G 92 -14.63 -27.92 -58.98
N VAL G 93 -15.21 -27.47 -57.87
CA VAL G 93 -16.00 -26.25 -57.82
C VAL G 93 -15.34 -25.31 -56.83
N TYR G 94 -15.07 -24.08 -57.26
CA TYR G 94 -14.34 -23.11 -56.46
C TYR G 94 -15.28 -22.03 -55.97
N TYR G 95 -15.29 -21.79 -54.67
CA TYR G 95 -16.19 -20.83 -54.03
C TYR G 95 -15.41 -19.66 -53.48
N CYS G 96 -16.05 -18.49 -53.50
CA CYS G 96 -15.50 -17.25 -52.97
C CYS G 96 -16.37 -16.82 -51.80
N ALA G 97 -15.77 -16.77 -50.62
CA ALA G 97 -16.52 -16.54 -49.39
C ALA G 97 -16.04 -15.28 -48.69
N ARG G 98 -16.94 -14.70 -47.89
CA ARG G 98 -16.69 -13.46 -47.15
C ARG G 98 -16.71 -13.77 -45.66
N LYS G 99 -15.72 -13.26 -44.93
CA LYS G 99 -15.67 -13.47 -43.49
C LYS G 99 -16.68 -12.56 -42.80
N GLY G 100 -17.22 -13.04 -41.69
CA GLY G 100 -18.10 -12.23 -40.87
C GLY G 100 -18.79 -13.03 -39.80
N LEU G 101 -19.21 -12.35 -38.71
CA LEU G 101 -19.97 -12.93 -37.61
C LEU G 101 -19.23 -14.10 -36.95
N ARG G 102 -18.13 -13.73 -36.28
CA ARG G 102 -17.33 -14.61 -35.42
C ARG G 102 -16.62 -15.66 -36.28
N TRP G 103 -16.04 -15.21 -37.40
CA TRP G 103 -15.22 -16.01 -38.31
C TRP G 103 -16.00 -17.22 -38.85
N ALA G 104 -17.03 -16.92 -39.64
CA ALA G 104 -17.98 -17.94 -40.01
C ALA G 104 -18.11 -18.20 -41.50
N MET G 105 -17.65 -17.31 -42.37
CA MET G 105 -17.84 -17.37 -43.83
C MET G 105 -19.33 -17.45 -44.18
N ASP G 106 -20.03 -16.37 -43.84
CA ASP G 106 -21.49 -16.36 -43.90
C ASP G 106 -22.01 -16.26 -45.32
N TYR G 107 -21.34 -15.50 -46.18
CA TYR G 107 -21.79 -15.27 -47.54
C TYR G 107 -20.85 -15.97 -48.51
N TRP G 108 -21.41 -16.78 -49.39
CA TRP G 108 -20.64 -17.53 -50.37
C TRP G 108 -21.02 -17.06 -51.77
N GLY G 109 -20.22 -17.45 -52.75
CA GLY G 109 -20.50 -17.13 -54.14
C GLY G 109 -21.45 -18.12 -54.76
N GLN G 110 -21.43 -18.16 -56.09
CA GLN G 110 -22.22 -19.15 -56.82
C GLN G 110 -21.40 -20.33 -57.29
N GLY G 111 -20.07 -20.20 -57.28
CA GLY G 111 -19.16 -21.28 -57.63
C GLY G 111 -18.92 -21.43 -59.12
N THR G 112 -17.66 -21.50 -59.53
CA THR G 112 -17.31 -21.75 -60.92
C THR G 112 -16.73 -23.14 -61.06
N SER G 113 -17.18 -23.87 -62.07
CA SER G 113 -16.67 -25.21 -62.35
C SER G 113 -15.54 -25.12 -63.37
N VAL G 114 -14.34 -25.54 -62.98
CA VAL G 114 -13.21 -25.56 -63.90
C VAL G 114 -12.93 -27.03 -64.19
N THR G 115 -12.99 -27.41 -65.45
CA THR G 115 -12.79 -28.78 -65.86
C THR G 115 -11.59 -28.85 -66.80
N VAL G 116 -10.77 -29.89 -66.63
CA VAL G 116 -9.56 -30.09 -67.41
C VAL G 116 -9.71 -31.38 -68.23
N SER G 117 -9.65 -31.22 -69.56
CA SER G 117 -9.79 -32.36 -70.45
C SER G 117 -8.46 -32.75 -71.08
N ASN H 1 -19.31 20.37 36.39
CA ASN H 1 -19.42 21.79 36.68
C ASN H 1 -18.10 22.32 37.22
N ILE H 2 -17.37 23.03 36.35
CA ILE H 2 -16.05 23.56 36.72
C ILE H 2 -16.23 24.71 37.70
N VAL H 3 -15.63 24.59 38.87
CA VAL H 3 -15.72 25.61 39.91
C VAL H 3 -14.43 26.41 39.90
N MET H 4 -14.56 27.73 39.93
CA MET H 4 -13.42 28.64 39.95
C MET H 4 -13.32 29.21 41.36
N THR H 5 -12.17 29.05 41.98
CA THR H 5 -11.91 29.58 43.32
C THR H 5 -10.97 30.75 43.20
N GLN H 6 -11.42 31.91 43.66
CA GLN H 6 -10.68 33.15 43.51
C GLN H 6 -10.15 33.58 44.87
N SER H 7 -8.94 34.12 44.89
CA SER H 7 -8.31 34.48 46.15
C SER H 7 -7.57 35.79 45.97
N PRO H 8 -7.57 36.67 46.99
CA PRO H 8 -8.31 36.56 48.26
C PRO H 8 -9.75 37.02 48.16
N LYS H 9 -10.55 36.77 49.20
CA LYS H 9 -11.96 37.13 49.18
C LYS H 9 -12.14 38.64 49.29
N SER H 10 -11.16 39.32 49.87
CA SER H 10 -11.20 40.76 50.08
C SER H 10 -9.76 41.19 50.26
N MET H 11 -9.42 42.34 49.69
CA MET H 11 -8.07 42.85 49.76
C MET H 11 -8.12 44.37 49.87
N SER H 12 -7.06 44.95 50.40
CA SER H 12 -6.89 46.38 50.53
C SER H 12 -5.54 46.74 49.94
N MET H 13 -5.44 47.96 49.40
CA MET H 13 -4.24 48.35 48.67
C MET H 13 -4.25 49.86 48.49
N SER H 14 -3.04 50.45 48.41
CA SER H 14 -2.91 51.89 48.24
C SER H 14 -2.70 52.22 46.76
N VAL H 15 -2.37 53.47 46.47
CA VAL H 15 -2.21 53.90 45.09
C VAL H 15 -0.75 53.71 44.69
N GLY H 16 -0.50 53.27 43.47
CA GLY H 16 0.85 53.17 42.93
C GLY H 16 1.64 51.97 43.43
N GLU H 17 0.98 50.84 43.65
CA GLU H 17 1.64 49.64 44.11
C GLU H 17 1.17 48.47 43.26
N ARG H 18 2.04 47.48 43.08
CA ARG H 18 1.70 46.29 42.30
C ARG H 18 0.75 45.40 43.10
N VAL H 19 -0.19 44.79 42.39
CA VAL H 19 -1.18 43.91 42.99
C VAL H 19 -1.36 42.68 42.09
N THR H 20 -1.64 41.53 42.71
CA THR H 20 -1.77 40.26 42.01
C THR H 20 -3.02 39.55 42.50
N LEU H 21 -3.86 39.15 41.55
CA LEU H 21 -5.08 38.39 41.83
C LEU H 21 -4.95 37.01 41.20
N SER H 22 -5.52 36.00 41.85
CA SER H 22 -5.37 34.63 41.40
C SER H 22 -6.73 33.97 41.23
N CYS H 23 -6.81 33.07 40.26
CA CYS H 23 -8.00 32.27 40.01
C CYS H 23 -7.57 30.84 39.75
N LYS H 24 -8.18 29.89 40.43
CA LYS H 24 -7.83 28.48 40.32
C LYS H 24 -9.05 27.68 39.93
N ALA H 25 -8.89 26.80 38.94
CA ALA H 25 -9.97 25.97 38.44
C ALA H 25 -9.85 24.54 38.95
N SER H 26 -10.99 23.90 39.15
CA SER H 26 -10.99 22.51 39.58
C SER H 26 -10.61 21.57 38.45
N GLU H 27 -11.18 21.79 37.27
CA GLU H 27 -10.89 20.98 36.10
C GLU H 27 -10.07 21.80 35.11
N TYR H 28 -9.83 21.22 33.94
CA TYR H 28 -9.05 21.88 32.92
C TYR H 28 -9.87 22.95 32.21
N VAL H 29 -9.35 24.17 32.17
CA VAL H 29 -9.85 25.23 31.32
C VAL H 29 -8.63 25.80 30.59
N GLY H 30 -8.57 25.61 29.27
CA GLY H 30 -7.35 25.81 28.52
C GLY H 30 -6.75 27.20 28.57
N THR H 31 -7.40 28.13 27.89
CA THR H 31 -7.08 29.55 27.96
C THR H 31 -8.36 30.37 27.94
N TYR H 32 -9.47 29.78 28.35
CA TYR H 32 -10.79 30.39 28.21
C TYR H 32 -11.25 31.03 29.50
N VAL H 33 -10.31 31.59 30.26
CA VAL H 33 -10.61 32.31 31.49
C VAL H 33 -10.59 33.80 31.19
N SER H 34 -11.63 34.50 31.61
CA SER H 34 -11.78 35.92 31.36
C SER H 34 -11.89 36.67 32.68
N TRP H 35 -11.43 37.92 32.67
CA TRP H 35 -11.43 38.75 33.86
C TRP H 35 -12.33 39.95 33.62
N TYR H 36 -13.34 40.12 34.47
CA TYR H 36 -14.28 41.22 34.39
C TYR H 36 -14.10 42.16 35.57
N GLN H 37 -14.39 43.43 35.34
CA GLN H 37 -14.33 44.45 36.38
C GLN H 37 -15.71 45.07 36.52
N GLN H 38 -16.17 45.23 37.77
CA GLN H 38 -17.50 45.78 38.02
C GLN H 38 -17.44 46.83 39.11
N LYS H 39 -17.66 48.08 38.72
CA LYS H 39 -17.80 49.18 39.66
C LYS H 39 -19.20 49.17 40.28
N PRO H 40 -19.39 49.80 41.45
CA PRO H 40 -20.71 49.81 42.08
C PRO H 40 -21.76 50.51 41.24
N GLU H 41 -22.93 49.88 41.12
CA GLU H 41 -24.10 50.34 40.37
C GLU H 41 -23.75 50.47 38.88
N GLN H 42 -23.00 49.47 38.39
CA GLN H 42 -22.61 49.39 36.99
C GLN H 42 -22.61 47.94 36.56
N SER H 43 -22.60 47.75 35.25
CA SER H 43 -22.54 46.45 34.61
C SER H 43 -21.06 46.03 34.51
N PRO H 44 -20.78 44.73 34.56
CA PRO H 44 -19.38 44.28 34.45
C PRO H 44 -18.82 44.58 33.09
N LYS H 45 -17.53 44.90 33.07
CA LYS H 45 -16.81 45.17 31.82
C LYS H 45 -15.68 44.17 31.67
N LEU H 46 -15.58 43.59 30.48
CA LEU H 46 -14.53 42.64 30.18
C LEU H 46 -13.19 43.34 30.09
N LEU H 47 -12.24 42.90 30.91
CA LEU H 47 -10.88 43.43 30.90
C LEU H 47 -9.95 42.58 30.05
N ILE H 48 -9.89 41.28 30.34
CA ILE H 48 -8.95 40.36 29.73
C ILE H 48 -9.79 39.23 29.14
N TYR H 49 -9.86 39.15 27.81
CA TYR H 49 -10.57 38.06 27.14
C TYR H 49 -9.57 36.97 26.81
N GLY H 50 -9.90 35.73 27.12
CA GLY H 50 -8.91 34.68 27.03
C GLY H 50 -7.80 34.84 28.07
N ALA H 51 -6.91 33.87 28.11
CA ALA H 51 -5.76 34.01 28.98
C ALA H 51 -4.74 34.91 28.28
N SER H 52 -4.43 36.05 28.90
CA SER H 52 -3.43 37.04 28.46
C SER H 52 -3.75 37.65 27.09
N ASN H 53 -4.89 38.33 27.02
CA ASN H 53 -5.23 39.18 25.87
C ASN H 53 -6.08 40.34 26.37
N ARG H 54 -5.63 41.56 26.15
CA ARG H 54 -6.37 42.72 26.62
C ARG H 54 -7.49 43.07 25.66
N TYR H 55 -8.63 43.48 26.22
CA TYR H 55 -9.76 43.90 25.40
C TYR H 55 -9.53 45.31 24.88
N THR H 56 -10.28 45.66 23.83
CA THR H 56 -10.17 46.98 23.22
C THR H 56 -10.71 48.04 24.17
N GLY H 57 -9.85 48.96 24.58
CA GLY H 57 -10.23 50.00 25.51
C GLY H 57 -9.74 49.80 26.92
N VAL H 58 -8.89 48.81 27.15
CA VAL H 58 -8.32 48.52 28.47
C VAL H 58 -6.91 49.11 28.51
N PRO H 59 -6.53 49.80 29.58
CA PRO H 59 -5.15 50.31 29.68
C PRO H 59 -4.12 49.20 29.73
N ASP H 60 -2.86 49.57 29.48
CA ASP H 60 -1.77 48.62 29.37
C ASP H 60 -1.19 48.21 30.71
N ARG H 61 -1.87 48.52 31.83
CA ARG H 61 -1.39 48.12 33.14
C ARG H 61 -1.99 46.80 33.60
N PHE H 62 -3.12 46.38 33.02
CA PHE H 62 -3.67 45.07 33.29
C PHE H 62 -2.98 44.05 32.38
N THR H 63 -2.59 42.91 32.95
CA THR H 63 -1.99 41.84 32.17
C THR H 63 -2.32 40.52 32.85
N GLY H 64 -2.67 39.51 32.05
CA GLY H 64 -3.04 38.22 32.57
C GLY H 64 -2.00 37.16 32.31
N SER H 65 -2.01 36.08 33.09
CA SER H 65 -1.08 34.98 32.90
C SER H 65 -1.85 33.68 33.03
N GLY H 66 -1.74 32.81 32.03
CA GLY H 66 -2.56 31.63 31.95
C GLY H 66 -1.76 30.34 32.03
N SER H 67 -2.49 29.26 32.29
CA SER H 67 -1.96 27.89 32.35
C SER H 67 -3.16 26.96 32.15
N ALA H 68 -3.01 25.70 32.51
CA ALA H 68 -4.13 24.78 32.42
C ALA H 68 -5.13 24.99 33.55
N THR H 69 -4.67 25.32 34.76
CA THR H 69 -5.58 25.44 35.90
C THR H 69 -5.38 26.72 36.71
N ASP H 70 -4.18 27.30 36.68
CA ASP H 70 -3.84 28.45 37.51
C ASP H 70 -3.78 29.70 36.65
N PHE H 71 -4.45 30.76 37.08
CA PHE H 71 -4.55 31.98 36.30
C PHE H 71 -4.31 33.18 37.19
N THR H 72 -3.67 34.20 36.65
CA THR H 72 -3.30 35.38 37.40
C THR H 72 -3.70 36.64 36.63
N LEU H 73 -4.09 37.68 37.37
CA LEU H 73 -4.31 39.01 36.83
C LEU H 73 -3.50 40.00 37.65
N THR H 74 -2.58 40.70 36.99
CA THR H 74 -1.68 41.65 37.66
C THR H 74 -1.92 43.05 37.11
N ILE H 75 -2.00 44.02 38.00
CA ILE H 75 -2.10 45.43 37.64
C ILE H 75 -0.80 46.09 38.06
N GLY H 76 -0.33 47.02 37.24
CA GLY H 76 0.94 47.69 37.47
C GLY H 76 0.80 48.97 38.26
N SER H 77 0.98 50.10 37.58
CA SER H 77 0.78 51.42 38.20
C SER H 77 -0.71 51.59 38.45
N VAL H 78 -1.13 51.34 39.69
CA VAL H 78 -2.54 51.39 40.04
C VAL H 78 -2.93 52.82 40.39
N GLN H 79 -3.92 53.35 39.68
CA GLN H 79 -4.51 54.65 39.94
C GLN H 79 -5.73 54.46 40.84
N ALA H 80 -6.55 55.50 40.92
CA ALA H 80 -7.70 55.54 41.81
C ALA H 80 -8.95 55.02 41.11
N GLU H 81 -8.82 54.55 39.88
CA GLU H 81 -9.93 54.01 39.12
C GLU H 81 -10.00 52.48 39.18
N ASP H 82 -9.07 51.84 39.88
CA ASP H 82 -9.11 50.39 40.03
C ASP H 82 -9.81 49.95 41.31
N LEU H 83 -10.64 50.82 41.90
CA LEU H 83 -11.43 50.49 43.08
C LEU H 83 -12.75 49.86 42.63
N ALA H 84 -12.71 48.56 42.39
CA ALA H 84 -13.87 47.84 41.86
C ALA H 84 -13.76 46.38 42.26
N ASP H 85 -14.74 45.60 41.85
CA ASP H 85 -14.72 44.16 42.08
C ASP H 85 -14.20 43.49 40.82
N TYR H 86 -13.56 42.33 40.99
CA TYR H 86 -12.97 41.63 39.87
C TYR H 86 -13.38 40.16 39.88
N HIS H 87 -14.00 39.71 38.80
CA HIS H 87 -14.47 38.33 38.70
C HIS H 87 -13.66 37.59 37.65
N CYS H 88 -13.35 36.33 37.91
CA CYS H 88 -12.77 35.46 36.90
C CYS H 88 -13.82 34.45 36.49
N GLY H 89 -13.92 34.20 35.20
CA GLY H 89 -14.89 33.24 34.72
C GLY H 89 -14.33 32.37 33.62
N GLN H 90 -14.72 31.10 33.60
CA GLN H 90 -14.24 30.17 32.60
C GLN H 90 -15.26 30.02 31.50
N SER H 91 -14.79 29.70 30.30
CA SER H 91 -15.68 29.50 29.17
C SER H 91 -15.37 28.22 28.40
N TYR H 92 -14.55 27.34 28.97
CA TYR H 92 -14.28 26.05 28.35
C TYR H 92 -15.53 25.18 28.33
N SER H 93 -16.32 25.26 29.38
CA SER H 93 -17.60 24.59 29.51
C SER H 93 -18.66 25.68 29.62
N TYR H 94 -19.85 25.29 30.03
CA TYR H 94 -20.88 26.25 30.42
C TYR H 94 -20.33 27.19 31.50
N PRO H 95 -20.45 28.50 31.33
CA PRO H 95 -19.66 29.45 32.11
C PRO H 95 -20.01 29.47 33.59
N THR H 96 -18.97 29.45 34.42
CA THR H 96 -19.07 29.65 35.86
C THR H 96 -18.05 30.71 36.26
N PHE H 97 -18.45 31.59 37.17
CA PHE H 97 -17.61 32.70 37.60
C PHE H 97 -17.03 32.44 38.99
N GLY H 98 -16.07 33.28 39.37
CA GLY H 98 -15.51 33.24 40.70
C GLY H 98 -16.31 34.09 41.67
N ALA H 99 -15.86 34.11 42.93
CA ALA H 99 -16.60 34.85 43.94
C ALA H 99 -16.34 36.36 43.87
N GLY H 100 -15.15 36.77 43.44
CA GLY H 100 -14.83 38.18 43.36
C GLY H 100 -13.86 38.62 44.45
N THR H 101 -13.15 39.71 44.17
CA THR H 101 -12.23 40.30 45.15
C THR H 101 -12.48 41.79 45.15
N LYS H 102 -12.85 42.35 46.30
CA LYS H 102 -13.15 43.77 46.38
C LYS H 102 -11.91 44.51 46.84
N LEU H 103 -11.29 45.28 45.96
CA LEU H 103 -10.17 46.11 46.36
C LEU H 103 -10.64 47.38 47.06
N GLU H 104 -9.94 47.75 48.13
CA GLU H 104 -10.34 48.89 48.95
C GLU H 104 -9.06 49.70 49.17
N LEU H 105 -9.17 50.89 49.76
CA LEU H 105 -8.01 51.77 49.90
C LEU H 105 -7.70 52.01 51.37
N LYS H 106 -6.48 51.68 51.77
CA LYS H 106 -6.03 51.89 53.15
C LYS H 106 -4.51 51.96 53.20
N VAL I 2 -22.94 46.01 20.24
CA VAL I 2 -22.57 47.41 20.43
C VAL I 2 -23.24 47.94 21.69
N GLN I 3 -24.53 47.67 21.85
CA GLN I 3 -25.27 48.10 23.02
C GLN I 3 -26.42 47.13 23.26
N LEU I 4 -26.66 46.81 24.52
CA LEU I 4 -27.79 46.01 24.95
C LEU I 4 -28.61 46.81 25.94
N GLN I 5 -29.91 46.88 25.72
CA GLN I 5 -30.82 47.65 26.56
C GLN I 5 -31.83 46.70 27.19
N GLN I 6 -31.92 46.74 28.51
CA GLN I 6 -32.85 45.92 29.26
C GLN I 6 -34.03 46.75 29.75
N SER I 7 -35.00 46.06 30.35
CA SER I 7 -36.21 46.72 30.83
C SER I 7 -35.97 47.31 32.23
N GLY I 8 -37.01 47.92 32.77
CA GLY I 8 -36.93 48.54 34.08
C GLY I 8 -37.04 47.54 35.21
N ALA I 9 -36.92 48.05 36.43
CA ALA I 9 -37.01 47.21 37.63
C ALA I 9 -38.41 46.65 37.80
N GLU I 10 -38.48 45.49 38.46
CA GLU I 10 -39.74 44.79 38.69
C GLU I 10 -40.01 44.66 40.18
N LEU I 11 -41.29 44.76 40.54
CA LEU I 11 -41.75 44.63 41.92
C LEU I 11 -42.85 43.58 41.90
N VAL I 12 -42.49 42.34 42.22
CA VAL I 12 -43.40 41.21 42.11
C VAL I 12 -43.60 40.62 43.51
N LYS I 13 -44.61 39.77 43.64
CA LYS I 13 -45.18 38.95 44.70
C LYS I 13 -44.72 37.49 44.55
N PRO I 14 -44.34 36.86 45.66
CA PRO I 14 -43.89 35.46 45.61
C PRO I 14 -44.97 34.50 45.12
N GLY I 15 -44.70 33.84 44.00
CA GLY I 15 -45.64 32.91 43.41
C GLY I 15 -46.09 33.25 42.01
N ALA I 16 -45.74 34.41 41.46
CA ALA I 16 -46.17 34.77 40.12
C ALA I 16 -45.03 34.53 39.12
N SER I 17 -45.23 34.98 37.88
CA SER I 17 -44.22 34.86 36.85
C SER I 17 -43.86 36.23 36.30
N VAL I 18 -42.59 36.41 35.96
CA VAL I 18 -42.08 37.66 35.39
C VAL I 18 -41.37 37.31 34.09
N LYS I 19 -41.35 38.27 33.15
CA LYS I 19 -40.66 38.10 31.89
C LYS I 19 -39.80 39.32 31.62
N LEU I 20 -38.50 39.12 31.57
CA LEU I 20 -37.55 40.19 31.32
C LEU I 20 -37.10 40.14 29.87
N SER I 21 -36.80 41.32 29.32
CA SER I 21 -36.42 41.44 27.92
C SER I 21 -35.08 42.13 27.79
N CYS I 22 -34.38 41.80 26.71
CA CYS I 22 -33.08 42.40 26.41
C CYS I 22 -33.01 42.61 24.90
N THR I 23 -33.06 43.87 24.47
CA THR I 23 -33.08 44.20 23.05
C THR I 23 -31.70 44.67 22.60
N ALA I 24 -31.22 44.12 21.49
CA ALA I 24 -29.89 44.40 20.99
C ALA I 24 -29.94 45.42 19.86
N SER I 25 -29.04 46.39 19.91
CA SER I 25 -28.93 47.43 18.90
C SER I 25 -27.49 47.53 18.45
N GLY I 26 -27.24 47.40 17.16
CA GLY I 26 -25.90 47.50 16.61
C GLY I 26 -25.35 46.22 16.03
N PHE I 27 -26.07 45.11 16.16
CA PHE I 27 -25.63 43.83 15.62
C PHE I 27 -26.84 42.92 15.52
N ASN I 28 -26.68 41.84 14.75
CA ASN I 28 -27.70 40.82 14.63
C ASN I 28 -27.44 39.71 15.63
N ILE I 29 -28.46 39.36 16.41
CA ILE I 29 -28.29 38.36 17.46
C ILE I 29 -28.14 36.94 16.94
N LYS I 30 -28.36 36.70 15.64
CA LYS I 30 -28.14 35.39 15.05
C LYS I 30 -26.66 35.07 14.82
N ASP I 31 -25.75 35.97 15.16
CA ASP I 31 -24.33 35.78 14.93
C ASP I 31 -23.58 35.34 16.18
N THR I 32 -24.15 35.57 17.35
CA THR I 32 -23.52 35.22 18.63
C THR I 32 -24.52 34.45 19.49
N TYR I 33 -24.08 34.11 20.69
CA TYR I 33 -24.96 33.56 21.71
C TYR I 33 -25.39 34.69 22.63
N MET I 34 -26.48 34.45 23.35
CA MET I 34 -26.99 35.41 24.32
C MET I 34 -27.08 34.73 25.68
N TYR I 35 -26.45 35.36 26.68
CA TYR I 35 -26.36 34.80 28.01
C TYR I 35 -27.20 35.63 28.98
N TRP I 36 -27.75 34.95 29.98
CA TRP I 36 -28.42 35.60 31.09
C TRP I 36 -27.65 35.26 32.35
N VAL I 37 -27.27 36.27 33.11
CA VAL I 37 -26.48 36.11 34.32
C VAL I 37 -27.24 36.83 35.42
N LYS I 38 -27.18 36.29 36.64
CA LYS I 38 -27.80 36.90 37.80
C LYS I 38 -26.73 37.23 38.83
N GLN I 39 -26.99 38.26 39.62
CA GLN I 39 -26.06 38.68 40.66
C GLN I 39 -26.89 39.10 41.86
N ARG I 40 -26.77 38.33 42.93
CA ARG I 40 -27.46 38.61 44.19
C ARG I 40 -26.77 39.76 44.92
N PRO I 41 -27.47 40.44 45.83
CA PRO I 41 -26.82 41.48 46.65
C PRO I 41 -25.71 40.89 47.51
N GLU I 42 -24.48 41.36 47.28
CA GLU I 42 -23.26 40.97 47.97
C GLU I 42 -23.01 39.46 47.81
N GLN I 43 -22.82 39.06 46.56
CA GLN I 43 -22.50 37.70 46.14
C GLN I 43 -21.82 37.77 44.78
N GLY I 44 -21.56 36.60 44.20
CA GLY I 44 -20.91 36.48 42.91
C GLY I 44 -21.89 36.28 41.78
N LEU I 45 -21.39 36.43 40.55
CA LEU I 45 -22.25 36.28 39.38
C LEU I 45 -22.65 34.81 39.23
N GLU I 46 -23.80 34.59 38.61
CA GLU I 46 -24.28 33.23 38.43
C GLU I 46 -24.94 33.09 37.07
N TRP I 47 -24.50 32.11 36.31
CA TRP I 47 -24.99 31.90 34.94
C TRP I 47 -26.32 31.16 34.98
N ILE I 48 -27.34 31.75 34.35
CA ILE I 48 -28.67 31.16 34.28
C ILE I 48 -28.74 30.20 33.10
N GLY I 49 -28.51 30.71 31.90
CA GLY I 49 -28.58 29.89 30.72
C GLY I 49 -28.19 30.69 29.50
N ARG I 50 -28.10 30.00 28.38
CA ARG I 50 -27.74 30.62 27.11
C ARG I 50 -28.68 30.13 26.04
N ILE I 51 -28.78 30.90 24.96
CA ILE I 51 -29.60 30.52 23.82
C ILE I 51 -28.81 30.83 22.55
N ASP I 52 -28.95 29.95 21.55
CA ASP I 52 -28.40 30.16 20.22
C ASP I 52 -29.53 30.67 19.36
N PRO I 53 -29.62 31.99 19.10
CA PRO I 53 -30.79 32.52 18.39
C PRO I 53 -30.92 32.07 16.95
N ALA I 54 -29.80 31.73 16.30
CA ALA I 54 -29.86 31.27 14.92
C ALA I 54 -30.45 29.86 14.81
N ASN I 55 -30.47 29.11 15.90
CA ASN I 55 -30.97 27.75 15.92
C ASN I 55 -32.16 27.57 16.86
N GLY I 56 -32.10 28.13 18.07
CA GLY I 56 -33.11 27.90 19.07
C GLY I 56 -32.68 26.99 20.19
N ASP I 57 -31.49 26.39 20.08
CA ASP I 57 -30.95 25.50 21.12
C ASP I 57 -30.68 26.28 22.39
N THR I 58 -31.12 25.74 23.52
CA THR I 58 -30.96 26.37 24.82
C THR I 58 -30.31 25.40 25.80
N LYS I 59 -29.46 25.94 26.66
CA LYS I 59 -28.86 25.17 27.75
C LYS I 59 -29.09 25.96 29.03
N TYR I 60 -29.24 25.26 30.14
CA TYR I 60 -29.54 25.89 31.41
C TYR I 60 -28.62 25.39 32.50
N ASP I 61 -28.56 26.15 33.57
CA ASP I 61 -27.88 25.69 34.77
C ASP I 61 -28.72 24.58 35.40
N PRO I 62 -28.10 23.52 35.92
CA PRO I 62 -28.88 22.45 36.58
C PRO I 62 -29.74 22.91 37.74
N LYS I 63 -29.33 23.97 38.45
CA LYS I 63 -30.15 24.58 39.49
C LYS I 63 -31.16 25.58 38.94
N PHE I 64 -31.29 25.67 37.62
CA PHE I 64 -32.26 26.53 36.96
C PHE I 64 -33.13 25.80 35.95
N GLN I 65 -32.91 24.50 35.76
CA GLN I 65 -33.69 23.72 34.82
C GLN I 65 -35.13 23.60 35.31
N GLY I 66 -36.08 24.00 34.46
CA GLY I 66 -37.48 23.98 34.78
C GLY I 66 -38.00 25.28 35.36
N LYS I 67 -37.14 26.04 36.06
CA LYS I 67 -37.57 27.29 36.67
C LYS I 67 -37.57 28.42 35.64
N ALA I 68 -36.42 28.67 35.01
CA ALA I 68 -36.29 29.75 34.04
C ALA I 68 -36.39 29.18 32.63
N THR I 69 -36.86 30.01 31.71
CA THR I 69 -36.96 29.63 30.30
C THR I 69 -36.55 30.83 29.45
N ILE I 70 -35.62 30.59 28.52
CA ILE I 70 -35.06 31.63 27.68
C ILE I 70 -35.53 31.40 26.25
N THR I 71 -36.14 32.43 25.67
CA THR I 71 -36.57 32.40 24.28
C THR I 71 -35.98 33.60 23.57
N THR I 72 -36.11 33.62 22.25
CA THR I 72 -35.56 34.72 21.47
C THR I 72 -36.52 35.11 20.35
N ASP I 73 -36.46 36.37 19.97
CA ASP I 73 -37.23 36.88 18.84
C ASP I 73 -36.21 37.50 17.89
N THR I 74 -36.00 36.86 16.74
CA THR I 74 -34.94 37.29 15.83
C THR I 74 -35.34 38.53 15.06
N PHE I 75 -36.63 38.64 14.72
CA PHE I 75 -37.15 39.70 13.86
C PHE I 75 -36.98 41.08 14.47
N SER I 76 -36.91 41.20 15.79
CA SER I 76 -36.74 42.49 16.45
C SER I 76 -35.47 42.57 17.29
N ASN I 77 -34.63 41.54 17.23
CA ASN I 77 -33.36 41.43 17.98
C ASN I 77 -33.57 41.56 19.49
N THR I 78 -34.34 40.62 20.05
CA THR I 78 -34.69 40.68 21.46
C THR I 78 -34.50 39.29 22.04
N ALA I 79 -34.00 39.23 23.28
CA ALA I 79 -33.87 38.00 24.03
C ALA I 79 -34.72 38.09 25.28
N TYR I 80 -35.51 37.06 25.54
CA TYR I 80 -36.46 37.05 26.63
C TYR I 80 -36.06 36.03 27.68
N LEU I 81 -36.23 36.40 28.95
CA LEU I 81 -36.02 35.50 30.07
C LEU I 81 -37.31 35.46 30.88
N GLN I 82 -37.90 34.27 30.99
CA GLN I 82 -39.15 34.09 31.72
C GLN I 82 -38.91 33.17 32.90
N LEU I 83 -39.20 33.65 34.10
CA LEU I 83 -39.12 32.86 35.32
C LEU I 83 -40.52 32.44 35.74
N SER I 84 -40.69 31.15 36.00
CA SER I 84 -42.01 30.53 36.11
C SER I 84 -42.66 30.77 37.47
N SER I 85 -42.00 30.32 38.54
CA SER I 85 -42.55 30.37 39.89
C SER I 85 -41.49 30.94 40.82
N LEU I 86 -41.64 32.22 41.17
CA LEU I 86 -40.61 32.94 41.90
C LEU I 86 -40.87 32.88 43.39
N THR I 87 -39.85 32.49 44.14
CA THR I 87 -39.94 32.38 45.58
C THR I 87 -39.40 33.71 46.13
N SER I 88 -39.12 33.78 47.43
CA SER I 88 -38.66 34.99 48.10
C SER I 88 -37.13 35.08 48.11
N GLU I 89 -36.49 34.51 47.09
CA GLU I 89 -35.04 34.47 46.99
C GLU I 89 -34.51 35.09 45.71
N ASP I 90 -35.31 35.18 44.64
CA ASP I 90 -34.81 35.71 43.38
C ASP I 90 -34.98 37.23 43.33
N THR I 91 -34.43 37.91 44.33
CA THR I 91 -34.33 39.36 44.34
C THR I 91 -32.87 39.70 44.00
N ALA I 92 -32.59 39.79 42.70
CA ALA I 92 -31.23 40.00 42.24
C ALA I 92 -31.24 41.01 41.10
N VAL I 93 -30.07 41.17 40.49
CA VAL I 93 -29.91 41.96 39.27
C VAL I 93 -29.62 40.97 38.15
N TYR I 94 -30.36 41.11 37.04
CA TYR I 94 -30.29 40.16 35.93
C TYR I 94 -29.62 40.84 34.75
N TYR I 95 -28.47 40.30 34.35
CA TYR I 95 -27.69 40.85 33.26
C TYR I 95 -27.88 40.03 31.98
N CYS I 96 -27.84 40.73 30.85
CA CYS I 96 -27.92 40.14 29.53
C CYS I 96 -26.59 40.36 28.84
N ALA I 97 -25.95 39.27 28.39
CA ALA I 97 -24.62 39.34 27.81
C ALA I 97 -24.61 38.61 26.46
N ARG I 98 -23.55 38.87 25.70
CA ARG I 98 -23.32 38.23 24.42
C ARG I 98 -21.90 37.67 24.37
N LYS I 99 -21.70 36.61 23.59
CA LYS I 99 -20.39 35.99 23.52
C LYS I 99 -19.43 36.85 22.69
N GLY I 100 -18.14 36.73 22.99
CA GLY I 100 -17.16 37.57 22.34
C GLY I 100 -16.12 36.82 21.53
N LEU I 101 -14.86 37.19 21.70
CA LEU I 101 -13.82 36.62 20.86
C LEU I 101 -13.40 35.25 21.37
N ARG I 102 -12.84 35.18 22.56
CA ARG I 102 -12.45 33.90 23.14
C ARG I 102 -13.52 33.41 24.10
N TRP I 103 -14.76 33.34 23.60
CA TRP I 103 -15.95 32.88 24.31
C TRP I 103 -16.22 33.68 25.60
N ALA I 104 -15.80 34.93 25.64
CA ALA I 104 -16.03 35.82 26.77
C ALA I 104 -17.28 36.64 26.56
N MET I 105 -17.76 37.26 27.63
CA MET I 105 -18.94 38.12 27.58
C MET I 105 -18.46 39.55 27.46
N ASP I 106 -18.33 40.01 26.21
CA ASP I 106 -17.67 41.28 25.94
C ASP I 106 -18.61 42.48 26.15
N TYR I 107 -19.89 42.33 25.84
CA TYR I 107 -20.88 43.36 26.06
C TYR I 107 -21.95 42.84 27.01
N TRP I 108 -22.23 43.63 28.04
CA TRP I 108 -23.22 43.32 29.04
C TRP I 108 -24.32 44.35 28.95
N GLY I 109 -25.45 44.06 29.57
CA GLY I 109 -26.57 44.97 29.55
C GLY I 109 -26.42 46.13 30.51
N GLN I 110 -27.51 46.51 31.15
CA GLN I 110 -27.53 47.58 32.12
C GLN I 110 -28.06 47.14 33.46
N GLY I 111 -28.54 45.90 33.56
CA GLY I 111 -29.02 45.37 34.80
C GLY I 111 -30.51 45.60 34.93
N THR I 112 -31.21 44.57 35.40
CA THR I 112 -32.63 44.64 35.68
C THR I 112 -32.81 44.14 37.11
N SER I 113 -33.24 45.04 37.99
CA SER I 113 -33.31 44.71 39.41
C SER I 113 -34.70 44.19 39.71
N VAL I 114 -34.81 42.88 39.81
CA VAL I 114 -36.06 42.24 40.19
C VAL I 114 -36.15 42.32 41.71
N THR I 115 -37.37 42.48 42.23
CA THR I 115 -37.58 42.60 43.67
C THR I 115 -38.83 41.83 44.01
N VAL I 116 -38.73 40.94 44.99
CA VAL I 116 -39.85 40.15 45.46
C VAL I 116 -40.19 40.62 46.87
N SER I 117 -41.45 40.96 47.08
CA SER I 117 -41.98 41.46 48.34
C SER I 117 -43.50 41.33 48.29
N THR I 118 -44.17 41.92 49.27
CA THR I 118 -45.63 41.91 49.33
C THR I 118 -46.17 43.33 49.38
C1 NAG J . 24.38 -6.05 -22.43
C2 NAG J . 25.56 -5.60 -23.31
C3 NAG J . 25.15 -4.90 -24.63
C4 NAG J . 24.12 -5.71 -25.40
C5 NAG J . 22.98 -5.95 -24.42
C6 NAG J . 21.83 -6.71 -25.07
C7 NAG J . 26.52 -3.60 -22.06
C8 NAG J . 27.37 -3.36 -20.86
N2 NAG J . 26.58 -4.84 -22.58
O3 NAG J . 26.31 -4.71 -25.43
O4 NAG J . 23.68 -5.01 -26.59
O5 NAG J . 23.40 -6.68 -23.27
O6 NAG J . 22.26 -8.04 -25.30
O7 NAG J . 25.83 -2.71 -22.51
C1 NAG J . 24.15 -5.46 -27.90
C2 NAG J . 23.12 -5.15 -28.96
C3 NAG J . 23.63 -5.44 -30.37
C4 NAG J . 25.13 -5.20 -30.59
C5 NAG J . 25.99 -5.38 -29.33
C6 NAG J . 27.35 -4.74 -29.44
C7 NAG J . 20.75 -5.33 -28.51
C8 NAG J . 19.55 -6.18 -28.82
N2 NAG J . 21.92 -5.92 -28.73
O3 NAG J . 22.90 -4.60 -31.29
O4 NAG J . 25.59 -6.12 -31.59
O5 NAG J . 25.32 -4.74 -28.26
O6 NAG J . 27.36 -3.52 -28.68
O7 NAG J . 20.66 -4.20 -28.09
C1 BMA J . 26.05 -5.54 -32.87
C2 BMA J . 27.28 -6.28 -33.40
C3 BMA J . 27.78 -5.64 -34.69
C4 BMA J . 26.64 -5.37 -35.67
C5 BMA J . 25.45 -4.71 -34.97
C6 BMA J . 24.28 -4.55 -35.93
O2 BMA J . 26.97 -7.66 -33.62
O3 BMA J . 28.73 -6.52 -35.31
O4 BMA J . 27.11 -4.51 -36.71
O5 BMA J . 25.05 -5.54 -33.88
O6 BMA J . 23.09 -5.04 -35.28
C1 NAG K . 0.13 11.03 -16.01
C2 NAG K . 0.63 12.47 -15.94
C3 NAG K . 0.42 13.03 -14.55
C4 NAG K . -1.06 12.92 -14.17
C5 NAG K . -1.49 11.46 -14.28
C6 NAG K . -2.97 11.23 -14.01
C7 NAG K . 2.48 12.89 -17.52
C8 NAG K . 3.96 12.92 -17.70
N2 NAG K . 2.04 12.54 -16.30
O3 NAG K . 0.83 14.39 -14.52
O4 NAG K . -1.28 13.41 -12.84
O5 NAG K . -1.25 10.98 -15.61
O6 NAG K . -3.77 12.03 -14.87
O7 NAG K . 1.71 13.19 -18.43
C1 NAG K . -2.02 14.57 -12.74
C2 NAG K . -2.72 14.84 -11.42
C3 NAG K . -3.47 16.16 -11.50
C4 NAG K . -2.50 17.28 -11.87
C5 NAG K . -1.80 16.93 -13.18
C6 NAG K . -0.76 17.94 -13.59
C7 NAG K . -3.23 12.63 -10.45
C8 NAG K . -4.31 11.63 -10.18
N2 NAG K . -3.63 13.75 -11.07
O3 NAG K . -4.08 16.43 -10.25
O4 NAG K . -3.20 18.50 -12.02
O5 NAG K . -1.13 15.67 -13.06
O6 NAG K . 0.41 17.82 -12.79
O7 NAG K . -2.07 12.44 -10.13
C1 BMA K . -3.14 19.55 -11.13
C2 BMA K . -4.04 20.68 -11.67
C3 BMA K . -3.96 21.92 -10.75
C4 BMA K . -4.15 21.53 -9.28
C5 BMA K . -3.16 20.42 -8.91
C6 BMA K . -3.32 20.01 -7.47
O2 BMA K . -5.39 20.27 -11.68
O3 BMA K . -4.97 22.85 -11.09
O4 BMA K . -3.92 22.65 -8.45
O5 BMA K . -3.42 19.29 -9.76
O6 BMA K . -2.67 18.76 -7.29
C1 MAN K . -4.23 23.82 -11.69
C2 MAN K . -5.64 24.45 -11.77
C3 MAN K . -6.21 24.35 -13.19
C4 MAN K . -5.19 24.88 -14.22
C5 MAN K . -3.85 24.13 -14.04
C6 MAN K . -2.80 24.64 -15.02
O2 MAN K . -5.58 25.84 -11.47
O3 MAN K . -7.41 25.09 -13.32
O4 MAN K . -5.68 24.66 -15.54
O5 MAN K . -3.36 24.33 -12.70
O6 MAN K . -2.62 26.03 -14.80
C1 MAN K . -6.08 26.74 -10.55
C2 MAN K . -5.97 28.25 -10.76
C3 MAN K . -4.65 28.75 -10.14
C4 MAN K . -4.49 28.24 -8.68
C5 MAN K . -4.71 26.71 -8.63
C6 MAN K . -4.65 26.17 -7.22
O2 MAN K . -7.03 28.96 -10.10
O3 MAN K . -4.60 30.16 -10.13
O4 MAN K . -3.19 28.53 -8.21
O5 MAN K . -6.01 26.42 -9.19
O6 MAN K . -3.29 26.21 -6.81
C1 MAN K . -8.06 29.02 -11.00
C2 MAN K . -8.63 30.42 -10.76
C3 MAN K . -9.42 30.42 -9.43
C4 MAN K . -10.46 29.26 -9.41
C5 MAN K . -9.77 27.92 -9.79
C6 MAN K . -10.76 26.78 -9.87
O2 MAN K . -9.57 30.78 -11.75
O3 MAN K . -10.10 31.65 -9.25
O4 MAN K . -11.02 29.15 -8.12
O5 MAN K . -9.11 28.08 -11.07
O6 MAN K . -10.05 25.62 -10.27
C1 MAN K . -2.37 17.81 -6.34
C2 MAN K . -1.53 16.54 -6.06
C3 MAN K . -2.03 15.40 -6.94
C4 MAN K . -3.53 15.16 -6.62
C5 MAN K . -4.27 16.50 -6.90
C6 MAN K . -5.78 16.46 -6.78
O2 MAN K . -1.69 16.08 -4.73
O3 MAN K . -1.36 14.20 -6.63
O4 MAN K . -4.05 14.15 -7.44
O5 MAN K . -3.72 17.56 -6.06
O6 MAN K . -6.29 17.62 -7.44
C1 MAN K . -7.06 18.11 -6.42
C2 MAN K . -8.14 18.83 -7.25
C3 MAN K . -7.69 20.27 -7.47
C4 MAN K . -7.51 20.95 -6.09
C5 MAN K . -6.44 20.14 -5.30
C6 MAN K . -6.18 20.73 -3.94
O2 MAN K . -9.39 18.90 -6.56
O3 MAN K . -8.65 21.00 -8.21
O4 MAN K . -7.09 22.29 -6.24
O5 MAN K . -6.91 18.77 -5.17
O6 MAN K . -7.38 20.65 -3.18
C1 MAN K . -10.34 17.96 -6.83
C2 MAN K . -11.67 18.66 -6.46
C3 MAN K . -11.69 18.86 -4.94
C4 MAN K . -11.56 17.50 -4.24
C5 MAN K . -10.22 16.86 -4.69
C6 MAN K . -10.01 15.51 -4.05
O2 MAN K . -12.79 17.84 -6.75
O3 MAN K . -12.89 19.48 -4.54
O4 MAN K . -11.54 17.66 -2.83
O5 MAN K . -10.25 16.72 -6.15
O6 MAN K . -8.69 15.06 -4.37
C1 MAN K . -0.33 14.27 -7.56
C2 MAN K . 0.02 12.82 -7.21
C3 MAN K . 1.12 12.84 -6.15
C4 MAN K . 2.34 13.60 -6.70
C5 MAN K . 1.89 15.03 -7.07
C6 MAN K . 3.03 15.84 -7.64
O2 MAN K . 0.57 12.13 -8.32
O3 MAN K . 1.52 11.53 -5.79
O4 MAN K . 3.36 13.67 -5.72
O5 MAN K . 0.81 14.94 -8.05
O6 MAN K . 4.11 15.77 -6.72
C1 NAG L . -23.68 -8.06 11.53
C2 NAG L . -25.06 -8.71 11.70
C3 NAG L . -26.16 -7.75 11.25
C4 NAG L . -26.08 -6.43 12.01
C5 NAG L . -24.68 -5.85 11.82
C6 NAG L . -24.44 -4.60 12.63
C7 NAG L . -25.11 -10.22 9.68
C8 NAG L . -25.34 -11.63 9.25
N2 NAG L . -25.17 -9.99 11.01
O3 NAG L . -27.42 -8.37 11.46
O4 NAG L . -27.07 -5.53 11.56
O5 NAG L . -23.69 -6.82 12.23
O6 NAG L . -25.11 -4.67 13.88
O7 NAG L . -24.85 -9.34 8.86
C1 NAG L . -28.34 -5.38 12.31
C2 NAG L . -28.87 -3.94 12.32
C3 NAG L . -30.27 -3.82 12.92
C4 NAG L . -31.25 -4.89 12.42
C5 NAG L . -30.57 -6.25 12.36
C6 NAG L . -31.42 -7.28 11.63
C7 NAG L . -27.37 -2.05 12.37
C8 NAG L . -26.66 -1.05 13.23
N2 NAG L . -27.94 -3.07 13.01
O3 NAG L . -30.79 -2.52 12.60
O4 NAG L . -32.37 -4.98 13.32
O5 NAG L . -29.34 -6.16 11.66
O6 NAG L . -31.51 -6.90 10.25
O7 NAG L . -27.42 -1.94 11.15
C1 BMA L . -33.67 -4.51 12.83
C2 BMA L . -34.78 -5.51 13.17
C3 BMA L . -36.14 -5.02 12.66
C4 BMA L . -36.38 -3.56 13.06
C5 BMA L . -35.18 -2.69 12.74
C6 BMA L . -35.39 -1.26 13.22
O2 BMA L . -34.83 -5.71 14.59
O3 BMA L . -37.17 -5.84 13.20
O4 BMA L . -37.52 -3.07 12.35
O5 BMA L . -34.03 -3.23 13.37
O6 BMA L . -35.88 -0.46 12.15
C1 NAG M . -12.43 14.17 -7.64
C2 NAG M . -11.37 14.18 -8.74
C3 NAG M . -11.66 15.32 -9.70
C4 NAG M . -13.07 15.17 -10.26
C5 NAG M . -14.08 15.12 -9.12
C6 NAG M . -15.50 14.85 -9.59
C7 NAG M . -9.25 13.23 -7.96
C8 NAG M . -7.90 13.53 -7.39
N2 NAG M . -10.03 14.30 -8.19
O3 NAG M . -10.71 15.31 -10.76
O4 NAG M . -13.38 16.26 -11.13
O5 NAG M . -13.74 14.04 -8.23
O6 NAG M . -15.77 13.45 -9.59
O7 NAG M . -9.63 12.10 -8.21
C1 NAG M . -13.54 16.12 -12.48
C2 NAG M . -14.55 17.03 -13.16
C3 NAG M . -14.38 16.98 -14.67
C4 NAG M . -12.94 17.37 -15.03
C5 NAG M . -11.97 16.44 -14.29
C6 NAG M . -10.52 16.81 -14.53
C7 NAG M . -16.71 17.44 -12.06
C8 NAG M . -18.09 16.90 -11.78
N2 NAG M . -15.91 16.66 -12.79
O3 NAG M . -15.30 17.88 -15.29
O4 NAG M . -12.75 17.25 -16.43
O5 NAG M . -12.20 16.52 -12.88
O6 NAG M . -10.34 18.21 -14.51
O7 NAG M . -16.35 18.54 -11.65
C1 BMA M . -12.62 18.38 -17.21
C2 BMA M . -11.51 18.09 -18.25
C3 BMA M . -11.00 19.40 -18.88
C4 BMA M . -12.17 20.31 -19.34
C5 BMA M . -13.10 20.54 -18.14
C6 BMA M . -14.28 21.46 -18.47
O2 BMA M . -12.01 17.30 -19.31
O3 BMA M . -10.14 19.15 -19.98
O4 BMA M . -11.68 21.54 -19.81
O5 BMA M . -13.61 19.26 -17.72
O6 BMA M . -14.75 22.03 -17.27
C1 NAG N . 23.98 31.98 5.65
C2 NAG N . 25.02 31.92 6.77
C3 NAG N . 25.37 33.33 7.22
C4 NAG N . 25.86 34.14 6.02
C5 NAG N . 24.80 34.13 4.91
C6 NAG N . 25.26 34.82 3.66
C7 NAG N . 25.10 30.00 8.33
C8 NAG N . 26.34 29.54 7.60
N2 NAG N . 24.53 31.13 7.89
O3 NAG N . 26.40 33.27 8.20
O4 NAG N . 26.11 35.49 6.41
O5 NAG N . 24.48 32.78 4.55
O6 NAG N . 25.37 33.90 2.58
O7 NAG N . 24.65 29.37 9.28
C1 NAG N . 27.19 36.24 6.82
C2 NAG N . 27.11 37.67 6.31
C3 NAG N . 28.49 38.33 6.47
C4 NAG N . 28.92 38.27 7.93
C5 NAG N . 28.93 36.81 8.39
C6 NAG N . 29.27 36.64 9.85
C7 NAG N . 25.81 38.61 4.47
C8 NAG N . 25.46 38.52 3.01
N2 NAG N . 26.69 37.72 4.93
O3 NAG N . 28.41 39.69 6.04
O4 NAG N . 30.22 38.82 8.07
O5 NAG N . 27.63 36.23 8.19
O6 NAG N . 29.00 35.33 10.30
O7 NAG N . 25.32 39.47 5.19
C1 NAG O . 21.67 30.04 -27.25
C2 NAG O . 22.85 30.97 -26.96
C3 NAG O . 24.03 30.61 -27.88
C4 NAG O . 24.37 29.13 -27.77
C5 NAG O . 23.11 28.29 -28.00
C6 NAG O . 23.35 26.81 -27.78
C7 NAG O . 22.67 33.28 -26.19
C8 NAG O . 22.24 34.67 -26.53
N2 NAG O . 22.48 32.35 -27.13
O3 NAG O . 25.16 31.39 -27.50
O4 NAG O . 25.34 28.79 -28.74
O5 NAG O . 22.08 28.68 -27.07
O6 NAG O . 24.27 26.60 -26.72
O7 NAG O . 23.19 33.00 -25.10
N ABU P . 6.05 1.43 -29.87
CD ABU P . 4.61 1.54 -30.04
CB ABU P . 4.09 0.31 -30.78
CG ABU P . 2.56 0.31 -30.83
C ABU P . 2.14 -1.01 -31.41
O ABU P . 2.92 -1.66 -32.06
OXT ABU P . 0.91 -1.48 -31.22
C1 DZP Q . 17.64 -29.39 7.37
C2 DZP Q . 17.03 -28.08 7.56
C3 DZP Q . 17.20 -27.05 6.54
C4 DZP Q . 17.99 -27.33 5.35
C5 DZP Q . 19.39 -28.69 3.79
C6 DZP Q . 20.70 -27.09 2.16
C7 DZP Q . 21.68 -26.03 1.88
C8 DZP Q . 22.48 -25.46 2.94
C9 DZP Q . 22.28 -25.90 4.30
C11 DZP Q . 18.42 -29.67 6.19
C12 DZP Q . 18.59 -28.64 5.18
C13 DZP Q . 20.50 -27.53 3.53
C14 DZP Q . 21.31 -26.93 4.59
N15 DZP Q . 19.77 -30.07 3.29
C17 DZP Q . 20.56 -30.14 2.01
C18 DZP Q . 19.83 -29.22 0.93
C20 DZP Q . 19.19 -26.81 -0.03
N2 DZP Q . 19.86 -27.69 1.01
O1 DZP Q . 19.19 -29.75 0.02
CL DZP Q . 23.32 -25.14 5.65
C1 NAG R . -35.18 0.80 -22.39
C2 NAG R . -35.76 -0.18 -23.41
C3 NAG R . -37.03 -0.84 -22.84
C4 NAG R . -36.75 -1.46 -21.48
C5 NAG R . -36.13 -0.43 -20.54
C6 NAG R . -35.70 -1.02 -19.22
C7 NAG R . -35.86 -0.08 -25.86
C8 NAG R . -36.21 0.76 -27.04
N2 NAG R . -36.07 0.49 -24.66
O3 NAG R . -37.49 -1.83 -23.75
O4 NAG R . -37.96 -1.94 -20.90
O5 NAG R . -34.93 0.11 -21.15
O6 NAG R . -34.30 -0.85 -18.99
O7 NAG R . -35.40 -1.20 -25.97
N ABU S . -22.95 12.43 6.01
CD ABU S . -22.41 13.79 5.93
CB ABU S . -22.51 14.45 7.29
CG ABU S . -21.79 15.81 7.29
C ABU S . -21.78 16.31 8.70
O ABU S . -20.92 17.24 9.10
OXT ABU S . -22.57 15.87 9.51
C1 DZP T . 9.88 -18.44 26.42
C2 DZP T . 9.82 -17.83 25.10
C3 DZP T . 8.54 -17.52 24.48
C4 DZP T . 7.30 -17.83 25.17
C5 DZP T . 5.89 -18.70 27.06
C6 DZP T . 3.39 -18.63 26.35
C7 DZP T . 2.22 -19.03 25.58
C8 DZP T . 2.32 -20.05 24.55
C9 DZP T . 3.60 -20.66 24.31
C11 DZP T . 8.65 -18.76 27.11
C12 DZP T . 7.37 -18.46 26.49
C13 DZP T . 4.69 -19.24 26.10
C14 DZP T . 4.79 -20.27 25.07
N15 DZP T . 5.85 -19.24 28.47
C17 DZP T . 4.47 -19.36 29.06
C18 DZP T . 3.80 -17.96 28.81
C20 DZP T . 2.64 -16.19 27.21
N2 DZP T . 3.28 -17.55 27.45
O1 DZP T . 3.75 -17.17 29.73
CL DZP T . 3.67 -21.97 22.98
C1 DZP U . 0.72 29.38 9.93
C2 DZP U . 0.77 29.66 8.50
C3 DZP U . 2.04 29.71 7.80
C4 DZP U . 3.27 29.49 8.53
C5 DZP U . 4.71 29.02 10.48
C6 DZP U . 5.98 27.73 12.39
C7 DZP U . 6.20 26.54 13.22
C8 DZP U . 5.43 25.33 13.02
C9 DZP U . 4.42 25.30 11.99
C11 DZP U . 1.94 29.15 10.66
C12 DZP U . 3.21 29.21 9.97
C13 DZP U . 4.95 27.69 11.36
C14 DZP U . 4.17 26.47 11.17
N15 DZP U . 5.78 29.32 9.45
C17 DZP U . 7.20 29.09 9.90
C18 DZP U . 7.40 29.67 11.36
C20 DZP U . 6.99 29.61 13.99
N2 DZP U . 6.79 29.03 12.60
O1 DZP U . 8.06 30.71 11.50
CL DZP U . 3.42 23.77 11.70
C1 DZP V . 33.58 -12.75 9.64
C2 DZP V . 34.47 -13.39 10.61
C3 DZP V . 33.91 -14.04 11.78
C4 DZP V . 32.48 -14.08 11.98
C5 DZP V . 30.09 -13.68 11.50
C6 DZP V . 27.62 -12.83 11.00
C7 DZP V . 26.64 -11.78 10.76
C8 DZP V . 27.02 -10.37 10.78
C9 DZP V . 28.41 -10.02 11.04
C11 DZP V . 32.14 -12.79 9.83
C12 DZP V . 31.60 -13.46 11.01
C13 DZP V . 29.03 -12.47 11.25
C14 DZP V . 29.40 -11.05 11.26
N15 DZP V . 30.00 -14.47 12.79
C17 DZP V . 28.62 -14.88 13.25
C18 DZP V . 27.66 -15.27 12.06
C20 DZP V . 26.22 -14.81 9.89
N2 DZP V . 27.18 -14.32 10.97
O1 DZP V . 27.26 -16.45 11.97
CL DZP V . 28.85 -8.21 11.04
#